data_8GQL
#
_entry.id   8GQL
#
_cell.length_a   74.098
_cell.length_b   93.751
_cell.length_c   111.526
_cell.angle_alpha   90.000
_cell.angle_beta   108.290
_cell.angle_gamma   90.000
#
_symmetry.space_group_name_H-M   'P 1 21 1'
#
loop_
_entity.id
_entity.type
_entity.pdbx_description
1 polymer Thiolase
2 non-polymer GLYCEROL
3 water water
#
_entity_poly.entity_id   1
_entity_poly.type   'polypeptide(L)'
_entity_poly.pdbx_seq_one_letter_code
;MSDIVIVAGARTPMGGFQGSLAGVSAVDLGAVAIREAVQRAGIAAEDVQEVIMGCVLPAGLKQGPARQAALAAGLPAATG
CTTINKLCGSGMKAVMLAHDLLKAGTNQVMVAGGMESMSNAPYVLEKARSGLRMGHGEIKDHMFLDGLEDARTGRLMGSF
AQETADKYGVTREEMDAYAIESLKRAQAAIADGSLAAEIVPVTVTSRKGESVVKDDEQPLTANLEKIPSLRPAFRKDGTI
TAANASSISDGASALVLMTAEEAQRRGLKPLARIVGHATQSQDPSEFTLAPIGAMTNLFARTGWSKDDVDLFEINEAFAM
VTMLAMREHGLDHAKVNVYGGACAQGHPVGSTGSRIILTLINALRQKGGKRGVASLCIGGGEATAVALELLLEHHHHHH
;
_entity_poly.pdbx_strand_id   A,B,C,D
#
loop_
_chem_comp.id
_chem_comp.type
_chem_comp.name
_chem_comp.formula
GOL non-polymer GLYCEROL 'C3 H8 O3'
#
# COMPACT_ATOMS: atom_id res chain seq x y z
N SER A 2 -41.65 -29.55 -12.30
CA SER A 2 -40.90 -29.05 -13.52
C SER A 2 -39.56 -29.77 -13.63
N ASP A 3 -39.28 -30.42 -14.77
CA ASP A 3 -37.92 -30.85 -15.15
C ASP A 3 -37.07 -29.62 -15.53
N ILE A 4 -35.77 -29.65 -15.22
CA ILE A 4 -34.87 -28.47 -15.41
C ILE A 4 -33.83 -28.91 -16.43
N VAL A 5 -33.69 -28.16 -17.53
CA VAL A 5 -32.74 -28.56 -18.61
C VAL A 5 -31.62 -27.51 -18.69
N ILE A 6 -30.42 -27.98 -19.00
CA ILE A 6 -29.29 -27.16 -19.52
C ILE A 6 -29.45 -27.08 -21.05
N VAL A 7 -29.77 -25.89 -21.55
CA VAL A 7 -30.00 -25.63 -23.00
C VAL A 7 -28.65 -25.51 -23.70
N ALA A 8 -27.73 -24.71 -23.16
CA ALA A 8 -26.39 -24.52 -23.74
C ALA A 8 -25.48 -23.81 -22.73
N GLY A 9 -24.22 -23.73 -23.08
CA GLY A 9 -23.21 -23.06 -22.24
C GLY A 9 -21.89 -22.93 -22.97
N ALA A 10 -20.97 -22.19 -22.35
CA ALA A 10 -19.61 -21.98 -22.85
C ALA A 10 -18.72 -21.59 -21.67
N ARG A 11 -17.45 -21.90 -21.84
CA ARG A 11 -16.40 -21.60 -20.84
C ARG A 11 -15.22 -21.03 -21.63
N THR A 12 -14.62 -19.96 -21.11
CA THR A 12 -13.40 -19.40 -21.69
C THR A 12 -12.29 -20.44 -21.58
N PRO A 13 -11.21 -20.29 -22.36
CA PRO A 13 -9.97 -21.01 -22.08
C PRO A 13 -9.58 -20.63 -20.65
N MET A 14 -8.81 -21.50 -19.99
CA MET A 14 -8.19 -21.19 -18.70
C MET A 14 -6.76 -20.66 -18.91
N GLY A 15 -6.53 -19.45 -18.39
CA GLY A 15 -5.26 -18.72 -18.42
C GLY A 15 -4.51 -19.03 -17.15
N GLY A 16 -3.20 -19.18 -17.25
CA GLY A 16 -2.31 -19.33 -16.09
C GLY A 16 -2.18 -18.00 -15.36
N PHE A 17 -1.64 -18.05 -14.14
CA PHE A 17 -1.41 -16.89 -13.26
C PHE A 17 -0.57 -15.85 -14.04
N GLN A 18 -1.11 -14.65 -14.22
CA GLN A 18 -0.47 -13.53 -14.95
C GLN A 18 -0.06 -13.99 -16.36
N GLY A 19 -0.86 -14.83 -17.02
CA GLY A 19 -0.49 -15.42 -18.32
C GLY A 19 -1.40 -14.93 -19.44
N SER A 20 -1.82 -15.84 -20.32
CA SER A 20 -2.61 -15.59 -21.55
C SER A 20 -3.83 -14.68 -21.32
N LEU A 21 -4.56 -14.73 -20.19
CA LEU A 21 -5.79 -13.88 -20.01
C LEU A 21 -5.60 -12.78 -18.97
N ALA A 22 -4.37 -12.44 -18.59
CA ALA A 22 -4.07 -11.43 -17.54
C ALA A 22 -4.68 -10.04 -17.84
N GLY A 23 -4.81 -9.62 -19.10
CA GLY A 23 -5.34 -8.28 -19.46
C GLY A 23 -6.88 -8.21 -19.49
N VAL A 24 -7.58 -9.31 -19.21
CA VAL A 24 -9.07 -9.27 -19.17
C VAL A 24 -9.56 -9.33 -17.72
N SER A 25 -10.51 -8.48 -17.37
CA SER A 25 -11.16 -8.49 -16.03
C SER A 25 -12.02 -9.77 -15.91
N ALA A 26 -12.31 -10.16 -14.67
CA ALA A 26 -13.18 -11.29 -14.35
C ALA A 26 -14.49 -11.07 -15.09
N VAL A 27 -14.98 -9.84 -15.01
CA VAL A 27 -16.28 -9.40 -15.61
C VAL A 27 -16.23 -9.55 -17.13
N ASP A 28 -15.16 -9.11 -17.77
CA ASP A 28 -15.02 -9.24 -19.25
C ASP A 28 -15.01 -10.75 -19.59
N LEU A 29 -14.31 -11.60 -18.83
CA LEU A 29 -14.40 -13.07 -19.06
C LEU A 29 -15.84 -13.51 -18.84
N GLY A 30 -16.49 -13.03 -17.74
CA GLY A 30 -17.92 -13.30 -17.51
C GLY A 30 -18.76 -12.90 -18.72
N ALA A 31 -18.59 -11.67 -19.23
CA ALA A 31 -19.40 -11.16 -20.36
C ALA A 31 -19.29 -12.15 -21.55
N VAL A 32 -18.06 -12.55 -21.82
CA VAL A 32 -17.74 -13.36 -23.02
C VAL A 32 -18.46 -14.70 -22.89
N ALA A 33 -18.36 -15.37 -21.74
CA ALA A 33 -18.96 -16.71 -21.53
C ALA A 33 -20.48 -16.59 -21.70
N ILE A 34 -21.08 -15.59 -21.08
CA ILE A 34 -22.55 -15.38 -21.04
C ILE A 34 -23.07 -15.18 -22.47
N ARG A 35 -22.44 -14.23 -23.17
CA ARG A 35 -22.89 -13.81 -24.53
C ARG A 35 -22.83 -15.03 -25.47
N GLU A 36 -21.82 -15.86 -25.32
CA GLU A 36 -21.67 -17.05 -26.18
C GLU A 36 -22.72 -18.09 -25.76
N ALA A 37 -23.00 -18.23 -24.45
CA ALA A 37 -23.98 -19.21 -23.94
C ALA A 37 -25.36 -18.79 -24.43
N VAL A 38 -25.66 -17.49 -24.44
CA VAL A 38 -27.04 -17.04 -24.76
C VAL A 38 -27.25 -17.21 -26.28
N GLN A 39 -26.21 -16.98 -27.10
CA GLN A 39 -26.23 -17.26 -28.56
C GLN A 39 -26.44 -18.75 -28.82
N ARG A 40 -25.61 -19.63 -28.24
CA ARG A 40 -25.65 -21.08 -28.56
C ARG A 40 -27.00 -21.65 -28.14
N ALA A 41 -27.69 -20.94 -27.24
CA ALA A 41 -28.96 -21.39 -26.65
C ALA A 41 -30.11 -21.02 -27.59
N GLY A 42 -29.79 -20.32 -28.67
CA GLY A 42 -30.74 -19.92 -29.72
C GLY A 42 -31.82 -19.01 -29.19
N ILE A 43 -31.56 -18.30 -28.09
CA ILE A 43 -32.49 -17.25 -27.56
C ILE A 43 -31.89 -15.87 -27.83
N ALA A 44 -32.70 -14.85 -27.56
CA ALA A 44 -32.35 -13.42 -27.62
C ALA A 44 -31.94 -12.93 -26.23
N ALA A 45 -31.05 -11.96 -26.18
CA ALA A 45 -30.44 -11.45 -24.95
C ALA A 45 -31.55 -11.21 -23.90
N GLU A 46 -32.64 -10.65 -24.39
CA GLU A 46 -33.85 -10.24 -23.64
C GLU A 46 -34.57 -11.42 -23.00
N ASP A 47 -34.53 -12.60 -23.61
CA ASP A 47 -35.31 -13.77 -23.09
C ASP A 47 -34.75 -14.22 -21.73
N VAL A 48 -33.54 -13.78 -21.36
CA VAL A 48 -32.89 -14.13 -20.06
C VAL A 48 -33.47 -13.27 -18.92
N GLN A 49 -34.15 -13.88 -17.96
CA GLN A 49 -34.88 -13.10 -16.92
C GLN A 49 -34.00 -12.92 -15.67
N GLU A 50 -33.04 -13.83 -15.38
CA GLU A 50 -32.21 -13.76 -14.14
C GLU A 50 -30.83 -14.36 -14.37
N VAL A 51 -29.83 -13.65 -13.86
CA VAL A 51 -28.39 -14.02 -13.85
C VAL A 51 -27.89 -14.21 -12.41
N ILE A 52 -27.18 -15.32 -12.21
CA ILE A 52 -26.46 -15.70 -10.97
C ILE A 52 -25.06 -16.13 -11.37
N MET A 53 -24.06 -15.35 -11.00
CA MET A 53 -22.64 -15.60 -11.35
C MET A 53 -21.83 -15.78 -10.07
N GLY A 54 -21.13 -16.93 -9.96
CA GLY A 54 -20.15 -17.22 -8.89
C GLY A 54 -18.91 -16.36 -9.06
N CYS A 55 -18.42 -15.71 -7.99
CA CYS A 55 -17.16 -14.93 -8.03
C CYS A 55 -16.60 -14.85 -6.61
N VAL A 56 -15.38 -15.35 -6.39
CA VAL A 56 -14.86 -15.54 -5.01
C VAL A 56 -14.02 -14.30 -4.61
N LEU A 57 -13.47 -13.55 -5.57
CA LEU A 57 -12.57 -12.39 -5.32
C LEU A 57 -13.12 -11.18 -6.07
N PRO A 58 -14.06 -10.43 -5.43
CA PRO A 58 -14.71 -9.29 -6.07
C PRO A 58 -14.12 -7.90 -5.77
N ALA A 59 -13.05 -7.82 -4.96
CA ALA A 59 -12.33 -6.56 -4.63
C ALA A 59 -11.74 -6.00 -5.92
N GLY A 60 -12.12 -4.78 -6.30
CA GLY A 60 -11.53 -4.08 -7.46
C GLY A 60 -12.26 -4.31 -8.78
N LEU A 61 -13.31 -5.15 -8.78
CA LEU A 61 -14.15 -5.47 -9.96
C LEU A 61 -15.23 -4.42 -10.15
N LYS A 62 -15.42 -3.55 -9.15
CA LYS A 62 -16.39 -2.43 -9.17
C LYS A 62 -17.76 -2.94 -8.77
N GLN A 63 -18.70 -2.03 -8.65
CA GLN A 63 -20.08 -2.32 -8.15
C GLN A 63 -20.70 -3.47 -8.94
N GLY A 64 -21.00 -4.58 -8.25
CA GLY A 64 -21.94 -5.61 -8.74
C GLY A 64 -21.37 -6.42 -9.90
N PRO A 65 -20.39 -7.30 -9.64
CA PRO A 65 -19.65 -7.99 -10.71
C PRO A 65 -20.49 -8.76 -11.74
N ALA A 66 -21.46 -9.56 -11.26
CA ALA A 66 -22.43 -10.30 -12.09
C ALA A 66 -23.23 -9.30 -12.93
N ARG A 67 -23.63 -8.16 -12.35
CA ARG A 67 -24.47 -7.14 -13.03
C ARG A 67 -23.72 -6.56 -14.24
N GLN A 68 -22.44 -6.17 -14.04
CA GLN A 68 -21.52 -5.67 -15.09
C GLN A 68 -21.30 -6.75 -16.15
N ALA A 69 -21.27 -8.03 -15.75
CA ALA A 69 -20.97 -9.16 -16.65
C ALA A 69 -22.12 -9.27 -17.65
N ALA A 70 -23.34 -9.28 -17.14
CA ALA A 70 -24.60 -9.31 -17.90
C ALA A 70 -24.71 -8.09 -18.85
N LEU A 71 -24.67 -6.87 -18.31
CA LEU A 71 -24.81 -5.62 -19.10
C LEU A 71 -23.78 -5.59 -20.26
N ALA A 72 -22.51 -5.95 -19.98
CA ALA A 72 -21.39 -5.99 -20.96
C ALA A 72 -21.60 -7.10 -22.01
N ALA A 73 -22.18 -8.24 -21.62
CA ALA A 73 -22.50 -9.39 -22.51
C ALA A 73 -23.55 -8.92 -23.51
N GLY A 74 -24.42 -8.03 -23.03
CA GLY A 74 -25.49 -7.39 -23.81
C GLY A 74 -26.89 -7.79 -23.32
N LEU A 75 -27.03 -8.44 -22.16
CA LEU A 75 -28.38 -8.66 -21.54
C LEU A 75 -28.94 -7.30 -21.12
N PRO A 76 -30.23 -7.01 -21.35
CA PRO A 76 -30.76 -5.69 -21.02
C PRO A 76 -30.73 -5.40 -19.50
N ALA A 77 -31.03 -4.16 -19.12
CA ALA A 77 -31.15 -3.73 -17.71
C ALA A 77 -32.36 -4.41 -17.07
N ALA A 78 -33.30 -4.94 -17.87
CA ALA A 78 -34.52 -5.58 -17.33
C ALA A 78 -34.16 -6.94 -16.72
N THR A 79 -32.98 -7.50 -17.05
CA THR A 79 -32.46 -8.81 -16.55
C THR A 79 -31.80 -8.64 -15.18
N GLY A 80 -32.37 -9.19 -14.10
CA GLY A 80 -31.85 -9.10 -12.73
C GLY A 80 -30.64 -10.02 -12.48
N CYS A 81 -29.71 -9.57 -11.62
CA CYS A 81 -28.32 -10.12 -11.51
C CYS A 81 -27.93 -10.22 -10.03
N THR A 82 -27.31 -11.34 -9.66
CA THR A 82 -26.75 -11.58 -8.31
C THR A 82 -25.36 -12.19 -8.46
N THR A 83 -24.41 -11.67 -7.70
CA THR A 83 -23.07 -12.28 -7.51
C THR A 83 -23.13 -13.23 -6.30
N ILE A 84 -22.52 -14.43 -6.36
CA ILE A 84 -22.51 -15.33 -5.18
C ILE A 84 -21.10 -15.82 -4.88
N ASN A 85 -20.83 -16.11 -3.62
CA ASN A 85 -19.53 -16.68 -3.20
C ASN A 85 -19.79 -17.96 -2.38
N LYS A 86 -19.57 -19.14 -2.99
CA LYS A 86 -19.42 -20.40 -2.23
C LYS A 86 -18.04 -20.96 -2.56
N LEU A 87 -17.03 -20.10 -2.43
CA LEU A 87 -15.59 -20.35 -2.66
C LEU A 87 -15.46 -21.20 -3.94
N CYS A 88 -14.72 -22.30 -3.89
CA CYS A 88 -14.35 -23.14 -5.07
C CYS A 88 -15.59 -23.67 -5.79
N GLY A 89 -16.73 -23.70 -5.12
CA GLY A 89 -17.97 -24.30 -5.66
C GLY A 89 -18.96 -23.28 -6.18
N SER A 90 -18.57 -22.01 -6.27
CA SER A 90 -19.47 -20.87 -6.53
C SER A 90 -20.27 -21.14 -7.82
N GLY A 91 -19.56 -21.42 -8.92
CA GLY A 91 -20.09 -21.71 -10.25
C GLY A 91 -21.16 -22.78 -10.22
N MET A 92 -20.92 -23.83 -9.44
CA MET A 92 -21.85 -24.97 -9.34
C MET A 92 -23.03 -24.54 -8.48
N LYS A 93 -22.79 -23.77 -7.42
CA LYS A 93 -23.86 -23.24 -6.53
C LYS A 93 -24.79 -22.34 -7.37
N ALA A 94 -24.25 -21.51 -8.25
CA ALA A 94 -25.05 -20.59 -9.08
C ALA A 94 -26.08 -21.41 -9.87
N VAL A 95 -25.64 -22.53 -10.45
CA VAL A 95 -26.51 -23.44 -11.24
C VAL A 95 -27.52 -24.13 -10.29
N MET A 96 -27.13 -24.56 -9.08
CA MET A 96 -28.06 -25.25 -8.14
C MET A 96 -29.19 -24.27 -7.76
N LEU A 97 -28.84 -23.03 -7.44
CA LEU A 97 -29.82 -21.94 -7.13
C LEU A 97 -30.73 -21.69 -8.34
N ALA A 98 -30.17 -21.63 -9.53
CA ALA A 98 -30.88 -21.43 -10.80
C ALA A 98 -31.84 -22.62 -10.98
N HIS A 99 -31.39 -23.84 -10.73
CA HIS A 99 -32.25 -25.03 -10.75
C HIS A 99 -33.42 -24.82 -9.76
N ASP A 100 -33.16 -24.51 -8.49
CA ASP A 100 -34.21 -24.30 -7.45
C ASP A 100 -35.21 -23.20 -7.84
N LEU A 101 -34.74 -22.05 -8.31
CA LEU A 101 -35.67 -20.92 -8.60
C LEU A 101 -36.56 -21.36 -9.76
N LEU A 102 -36.02 -22.12 -10.70
CA LEU A 102 -36.74 -22.64 -11.88
C LEU A 102 -37.82 -23.63 -11.37
N LYS A 103 -37.46 -24.51 -10.43
CA LYS A 103 -38.37 -25.51 -9.87
C LYS A 103 -39.48 -24.77 -9.17
N ALA A 104 -39.19 -23.62 -8.54
CA ALA A 104 -40.11 -22.90 -7.64
C ALA A 104 -41.01 -21.97 -8.44
N GLY A 105 -40.79 -21.84 -9.75
CA GLY A 105 -41.63 -21.01 -10.64
C GLY A 105 -41.25 -19.54 -10.63
N THR A 106 -40.10 -19.17 -10.06
CA THR A 106 -39.65 -17.76 -9.99
C THR A 106 -39.36 -17.23 -11.39
N ASN A 107 -38.63 -18.03 -12.18
CA ASN A 107 -38.19 -17.70 -13.56
C ASN A 107 -38.43 -18.91 -14.47
N GLN A 108 -38.35 -18.74 -15.80
CA GLN A 108 -38.43 -19.81 -16.82
C GLN A 108 -37.12 -19.89 -17.63
N VAL A 109 -36.33 -18.82 -17.64
CA VAL A 109 -35.06 -18.75 -18.42
C VAL A 109 -34.03 -18.03 -17.55
N MET A 110 -32.92 -18.69 -17.28
CA MET A 110 -31.87 -18.13 -16.42
C MET A 110 -30.53 -18.37 -17.09
N VAL A 111 -29.54 -17.61 -16.65
CA VAL A 111 -28.08 -17.82 -16.87
C VAL A 111 -27.42 -17.97 -15.51
N ALA A 112 -26.69 -19.07 -15.36
CA ALA A 112 -25.85 -19.41 -14.20
C ALA A 112 -24.44 -19.76 -14.68
N GLY A 113 -23.45 -19.45 -13.88
CA GLY A 113 -22.03 -19.77 -14.14
C GLY A 113 -21.15 -19.12 -13.10
N GLY A 114 -19.88 -18.94 -13.43
CA GLY A 114 -18.99 -18.10 -12.64
C GLY A 114 -17.86 -17.54 -13.44
N MET A 115 -17.00 -16.81 -12.75
CA MET A 115 -15.98 -15.95 -13.37
C MET A 115 -14.92 -15.67 -12.31
N GLU A 116 -13.66 -15.90 -12.65
CA GLU A 116 -12.55 -15.45 -11.77
C GLU A 116 -11.34 -14.97 -12.58
N SER A 117 -10.77 -13.87 -12.12
CA SER A 117 -9.47 -13.36 -12.59
C SER A 117 -8.52 -13.34 -11.40
N MET A 118 -7.74 -14.42 -11.24
CA MET A 118 -6.84 -14.60 -10.06
C MET A 118 -5.58 -13.73 -10.30
N SER A 119 -5.12 -13.64 -11.56
CA SER A 119 -4.13 -12.65 -12.04
C SER A 119 -4.44 -11.25 -11.50
N ASN A 120 -5.68 -10.79 -11.54
CA ASN A 120 -5.99 -9.34 -11.32
C ASN A 120 -6.56 -9.04 -9.92
N ALA A 121 -6.50 -9.99 -8.98
CA ALA A 121 -6.92 -9.81 -7.57
C ALA A 121 -5.98 -8.78 -6.98
N PRO A 122 -6.51 -7.70 -6.38
CA PRO A 122 -5.66 -6.64 -5.81
C PRO A 122 -5.02 -7.00 -4.44
N TYR A 123 -4.28 -6.08 -3.82
CA TYR A 123 -3.87 -6.18 -2.38
C TYR A 123 -4.78 -5.28 -1.53
N VAL A 124 -4.89 -5.58 -0.24
CA VAL A 124 -5.76 -4.80 0.68
C VAL A 124 -4.95 -4.34 1.88
N LEU A 125 -5.23 -3.12 2.34
CA LEU A 125 -4.64 -2.52 3.55
C LEU A 125 -5.76 -2.40 4.60
N GLU A 126 -5.65 -3.18 5.67
CA GLU A 126 -6.71 -3.42 6.69
C GLU A 126 -6.84 -2.17 7.57
N LYS A 127 -5.74 -1.50 7.92
CA LYS A 127 -5.74 -0.45 8.99
C LYS A 127 -5.60 0.95 8.40
N ALA A 128 -5.57 1.07 7.07
CA ALA A 128 -5.31 2.34 6.35
C ALA A 128 -6.45 3.33 6.63
N ARG A 129 -7.66 2.82 6.88
CA ARG A 129 -8.86 3.67 6.99
C ARG A 129 -8.69 4.52 8.24
N SER A 130 -8.47 3.88 9.40
CA SER A 130 -8.34 4.49 10.75
C SER A 130 -6.88 4.93 11.00
N GLY A 131 -5.93 4.15 10.49
CA GLY A 131 -4.53 4.59 10.29
C GLY A 131 -3.57 3.71 11.07
N LEU A 132 -2.32 3.61 10.60
CA LEU A 132 -1.34 2.65 11.20
C LEU A 132 -0.76 3.25 12.50
N ARG A 133 -0.83 4.59 12.63
CA ARG A 133 -0.46 5.40 13.82
C ARG A 133 1.07 5.34 13.97
N MET A 134 1.59 4.20 14.42
CA MET A 134 3.03 3.96 14.61
C MET A 134 3.30 2.49 14.31
N GLY A 135 4.49 2.21 13.79
CA GLY A 135 4.97 0.83 13.57
C GLY A 135 4.44 0.22 12.28
N HIS A 136 5.12 -0.85 11.85
CA HIS A 136 4.93 -1.60 10.58
C HIS A 136 3.58 -2.31 10.53
N GLY A 137 2.84 -2.17 9.43
CA GLY A 137 1.57 -2.87 9.20
C GLY A 137 1.70 -3.93 8.13
N GLU A 138 0.58 -4.40 7.60
CA GLU A 138 0.52 -5.52 6.63
C GLU A 138 -0.25 -5.04 5.41
N ILE A 139 0.10 -5.54 4.25
CA ILE A 139 -0.70 -5.39 3.01
C ILE A 139 -0.98 -6.83 2.57
N LYS A 140 -2.26 -7.23 2.54
CA LYS A 140 -2.73 -8.63 2.39
C LYS A 140 -3.04 -8.92 0.93
N ASP A 141 -2.61 -10.10 0.43
CA ASP A 141 -3.04 -10.65 -0.88
C ASP A 141 -4.51 -11.07 -0.80
N HIS A 142 -5.39 -10.38 -1.50
CA HIS A 142 -6.86 -10.65 -1.51
C HIS A 142 -7.07 -12.12 -1.89
N MET A 143 -6.35 -12.61 -2.89
CA MET A 143 -6.49 -14.01 -3.34
C MET A 143 -6.26 -14.94 -2.15
N PHE A 144 -5.21 -14.70 -1.40
CA PHE A 144 -4.82 -15.52 -0.23
C PHE A 144 -5.85 -15.28 0.86
N LEU A 145 -5.97 -14.03 1.31
CA LEU A 145 -6.73 -13.71 2.55
C LEU A 145 -8.19 -14.12 2.40
N ASP A 146 -8.85 -13.77 1.30
CA ASP A 146 -10.30 -13.99 1.11
C ASP A 146 -10.58 -15.23 0.26
N GLY A 147 -9.59 -15.86 -0.39
CA GLY A 147 -9.83 -17.01 -1.30
C GLY A 147 -9.26 -18.32 -0.79
N LEU A 148 -8.00 -18.35 -0.41
CA LEU A 148 -7.14 -19.58 -0.44
C LEU A 148 -6.74 -20.06 0.98
N GLU A 149 -6.93 -19.26 2.02
CA GLU A 149 -6.52 -19.67 3.37
C GLU A 149 -7.73 -19.73 4.30
N ASP A 150 -7.70 -20.69 5.22
CA ASP A 150 -8.69 -20.87 6.29
C ASP A 150 -8.70 -19.62 7.16
N ALA A 151 -9.88 -19.03 7.35
CA ALA A 151 -10.10 -17.84 8.22
C ALA A 151 -9.59 -18.10 9.64
N ARG A 152 -10.03 -19.21 10.23
CA ARG A 152 -9.73 -19.63 11.63
C ARG A 152 -8.21 -19.72 11.81
N THR A 153 -7.53 -20.56 11.01
CA THR A 153 -6.10 -20.94 11.17
C THR A 153 -5.14 -20.05 10.38
N GLY A 154 -5.60 -19.41 9.29
CA GLY A 154 -4.72 -18.71 8.34
C GLY A 154 -3.97 -19.67 7.42
N ARG A 155 -4.22 -20.97 7.47
CA ARG A 155 -3.43 -21.94 6.67
C ARG A 155 -3.94 -22.01 5.23
N LEU A 156 -3.03 -22.00 4.27
CA LEU A 156 -3.33 -22.35 2.86
C LEU A 156 -4.05 -23.71 2.80
N MET A 157 -5.05 -23.78 1.92
CA MET A 157 -5.84 -24.98 1.62
C MET A 157 -4.94 -26.14 1.22
N GLY A 158 -3.85 -25.87 0.51
CA GLY A 158 -2.75 -26.83 0.27
C GLY A 158 -2.13 -27.46 1.55
N SER A 159 -2.17 -26.75 2.69
CA SER A 159 -1.61 -27.20 3.98
C SER A 159 -2.46 -28.37 4.52
N PHE A 160 -3.77 -28.12 4.68
CA PHE A 160 -4.84 -29.14 4.92
C PHE A 160 -4.66 -30.30 3.94
N ALA A 161 -4.59 -30.00 2.64
CA ALA A 161 -4.46 -31.04 1.59
C ALA A 161 -3.28 -31.93 1.97
N GLN A 162 -2.14 -31.32 2.26
CA GLN A 162 -0.88 -32.05 2.57
C GLN A 162 -1.09 -32.96 3.80
N GLU A 163 -1.77 -32.45 4.83
CA GLU A 163 -2.05 -33.14 6.10
C GLU A 163 -3.02 -34.32 5.86
N THR A 164 -4.06 -34.17 5.05
CA THR A 164 -4.98 -35.29 4.67
C THR A 164 -4.22 -36.37 3.87
N ALA A 165 -3.45 -35.97 2.85
CA ALA A 165 -2.58 -36.88 2.05
C ALA A 165 -1.72 -37.71 3.01
N ASP A 166 -0.94 -37.04 3.86
CA ASP A 166 -0.14 -37.69 4.94
C ASP A 166 -1.01 -38.64 5.77
N LYS A 167 -2.15 -38.16 6.26
CA LYS A 167 -3.07 -38.94 7.12
C LYS A 167 -3.45 -40.24 6.41
N TYR A 168 -3.74 -40.21 5.11
CA TYR A 168 -4.21 -41.40 4.31
C TYR A 168 -3.04 -42.17 3.66
N GLY A 169 -1.81 -41.69 3.79
CA GLY A 169 -0.61 -42.46 3.36
C GLY A 169 -0.37 -42.34 1.87
N VAL A 170 -0.94 -41.31 1.22
CA VAL A 170 -0.86 -41.10 -0.25
C VAL A 170 0.58 -40.68 -0.58
N THR A 171 1.21 -41.31 -1.58
CA THR A 171 2.64 -41.11 -1.93
C THR A 171 2.78 -40.11 -3.06
N ARG A 172 3.88 -39.38 -3.01
CA ARG A 172 4.36 -38.50 -4.09
C ARG A 172 4.16 -39.24 -5.43
N GLU A 173 4.55 -40.50 -5.50
CA GLU A 173 4.58 -41.25 -6.79
C GLU A 173 3.14 -41.36 -7.30
N GLU A 174 2.24 -41.80 -6.42
CA GLU A 174 0.82 -42.00 -6.73
C GLU A 174 0.26 -40.68 -7.25
N MET A 175 0.51 -39.56 -6.53
CA MET A 175 -0.03 -38.21 -6.85
C MET A 175 0.50 -37.73 -8.21
N ASP A 176 1.79 -37.88 -8.47
CA ASP A 176 2.44 -37.48 -9.74
C ASP A 176 1.89 -38.30 -10.93
N ALA A 177 1.67 -39.61 -10.72
CA ALA A 177 1.17 -40.59 -11.72
C ALA A 177 -0.24 -40.19 -12.18
N TYR A 178 -1.04 -39.64 -11.27
CA TYR A 178 -2.40 -39.18 -11.63
C TYR A 178 -2.26 -37.85 -12.39
N ALA A 179 -1.38 -36.94 -11.94
CA ALA A 179 -1.12 -35.63 -12.60
C ALA A 179 -0.49 -35.82 -14.00
N ILE A 180 0.41 -36.81 -14.18
CA ILE A 180 1.02 -37.14 -15.50
C ILE A 180 -0.08 -37.61 -16.46
N GLU A 181 -1.03 -38.41 -15.95
CA GLU A 181 -2.18 -38.93 -16.73
C GLU A 181 -3.13 -37.79 -17.05
N SER A 182 -3.30 -36.81 -16.16
CA SER A 182 -4.32 -35.73 -16.33
C SER A 182 -3.89 -34.80 -17.47
N LEU A 183 -2.59 -34.55 -17.48
CA LEU A 183 -1.87 -33.73 -18.48
C LEU A 183 -1.87 -34.42 -19.86
N LYS A 184 -1.58 -35.73 -19.92
CA LYS A 184 -1.68 -36.50 -21.20
C LYS A 184 -3.11 -36.38 -21.74
N ARG A 185 -4.09 -36.60 -20.86
CA ARG A 185 -5.51 -36.52 -21.24
C ARG A 185 -5.78 -35.11 -21.76
N ALA A 186 -5.25 -34.09 -21.08
CA ALA A 186 -5.56 -32.68 -21.37
C ALA A 186 -4.86 -32.28 -22.68
N GLN A 187 -3.63 -32.77 -22.89
CA GLN A 187 -2.91 -32.50 -24.16
C GLN A 187 -3.71 -33.13 -25.30
N ALA A 188 -4.03 -34.42 -25.21
CA ALA A 188 -4.74 -35.17 -26.27
C ALA A 188 -6.09 -34.52 -26.58
N ALA A 189 -6.84 -34.11 -25.55
CA ALA A 189 -8.12 -33.39 -25.71
C ALA A 189 -7.89 -32.13 -26.57
N ILE A 190 -6.86 -31.34 -26.28
CA ILE A 190 -6.61 -30.06 -26.98
C ILE A 190 -6.34 -30.38 -28.46
N ALA A 191 -5.39 -31.28 -28.74
CA ALA A 191 -4.81 -31.50 -30.08
C ALA A 191 -5.85 -32.10 -31.05
N ASP A 192 -6.77 -32.95 -30.60
CA ASP A 192 -7.74 -33.54 -31.55
C ASP A 192 -9.08 -32.80 -31.46
N GLY A 193 -9.05 -31.60 -30.87
CA GLY A 193 -10.13 -30.60 -30.97
C GLY A 193 -11.38 -30.92 -30.16
N SER A 194 -11.32 -31.83 -29.17
CA SER A 194 -12.46 -32.28 -28.30
C SER A 194 -12.98 -31.14 -27.42
N LEU A 195 -12.12 -30.19 -27.04
CA LEU A 195 -12.45 -29.05 -26.15
C LEU A 195 -13.03 -27.90 -26.96
N ALA A 196 -12.84 -27.91 -28.28
CA ALA A 196 -13.31 -26.83 -29.15
C ALA A 196 -14.80 -26.56 -28.88
N ALA A 197 -15.66 -27.58 -28.74
CA ALA A 197 -17.14 -27.37 -28.64
C ALA A 197 -17.52 -26.61 -27.35
N GLU A 198 -16.93 -26.91 -26.19
CA GLU A 198 -17.27 -26.26 -24.90
C GLU A 198 -16.64 -24.85 -24.84
N ILE A 199 -15.54 -24.57 -25.55
CA ILE A 199 -14.78 -23.30 -25.37
C ILE A 199 -15.32 -22.15 -26.23
N VAL A 200 -15.49 -20.97 -25.62
CA VAL A 200 -15.59 -19.68 -26.33
C VAL A 200 -14.20 -19.05 -26.32
N PRO A 201 -13.55 -18.83 -27.48
CA PRO A 201 -12.31 -18.05 -27.50
C PRO A 201 -12.43 -16.65 -26.88
N VAL A 202 -11.33 -16.12 -26.39
CA VAL A 202 -11.27 -14.76 -25.81
C VAL A 202 -10.26 -13.96 -26.63
N THR A 203 -10.61 -12.72 -26.97
CA THR A 203 -9.76 -11.70 -27.64
C THR A 203 -8.93 -10.92 -26.63
N VAL A 204 -7.61 -10.87 -26.84
CA VAL A 204 -6.65 -10.19 -25.91
C VAL A 204 -5.82 -9.16 -26.69
N THR A 205 -5.14 -8.31 -25.95
CA THR A 205 -4.21 -7.31 -26.49
C THR A 205 -2.82 -7.59 -25.92
N SER A 206 -1.79 -7.23 -26.67
CA SER A 206 -0.37 -7.18 -26.22
C SER A 206 0.30 -6.02 -26.96
N ARG A 207 1.55 -5.71 -26.65
CA ARG A 207 2.37 -4.76 -27.47
C ARG A 207 2.47 -5.26 -28.92
N LYS A 208 2.12 -6.53 -29.22
CA LYS A 208 2.00 -7.14 -30.58
C LYS A 208 0.72 -6.71 -31.32
N GLY A 209 -0.30 -6.21 -30.60
CA GLY A 209 -1.67 -5.95 -31.08
C GLY A 209 -2.71 -6.88 -30.44
N GLU A 210 -3.77 -7.19 -31.18
CA GLU A 210 -4.91 -8.02 -30.76
C GLU A 210 -4.55 -9.46 -31.17
N SER A 211 -4.76 -10.44 -30.29
CA SER A 211 -4.67 -11.88 -30.62
C SER A 211 -5.91 -12.64 -30.08
N VAL A 212 -6.07 -13.91 -30.47
CA VAL A 212 -7.18 -14.78 -29.95
C VAL A 212 -6.57 -15.89 -29.10
N VAL A 213 -7.03 -16.03 -27.86
CA VAL A 213 -6.73 -17.19 -26.98
C VAL A 213 -7.84 -18.21 -27.18
N LYS A 214 -7.54 -19.37 -27.78
CA LYS A 214 -8.54 -20.44 -28.09
C LYS A 214 -8.27 -21.67 -27.22
N ASP A 215 -7.04 -21.85 -26.74
CA ASP A 215 -6.58 -23.07 -26.03
C ASP A 215 -6.25 -22.74 -24.57
N ASP A 216 -6.46 -23.71 -23.69
CA ASP A 216 -5.96 -23.79 -22.30
C ASP A 216 -4.43 -23.69 -22.36
N GLU A 217 -3.80 -22.65 -21.81
CA GLU A 217 -2.32 -22.50 -21.96
C GLU A 217 -1.53 -23.52 -21.09
N GLN A 218 -1.99 -23.89 -19.89
CA GLN A 218 -1.11 -24.62 -18.94
C GLN A 218 -0.83 -26.04 -19.43
N PRO A 219 -1.78 -26.80 -20.01
CA PRO A 219 -1.43 -28.12 -20.51
C PRO A 219 -0.31 -28.04 -21.57
N LEU A 220 -0.29 -26.96 -22.35
CA LEU A 220 0.67 -26.75 -23.48
C LEU A 220 2.05 -26.33 -22.97
N THR A 221 2.16 -25.59 -21.85
CA THR A 221 3.45 -25.08 -21.32
C THR A 221 3.93 -25.88 -20.09
N ALA A 222 3.26 -26.97 -19.73
CA ALA A 222 3.68 -27.86 -18.62
C ALA A 222 4.88 -28.70 -19.06
N ASN A 223 5.85 -28.93 -18.17
CA ASN A 223 7.00 -29.85 -18.41
C ASN A 223 6.68 -31.19 -17.75
N LEU A 224 6.26 -32.17 -18.56
CA LEU A 224 5.87 -33.51 -18.10
C LEU A 224 7.04 -34.21 -17.39
N GLU A 225 8.28 -34.01 -17.84
CA GLU A 225 9.45 -34.81 -17.38
C GLU A 225 9.98 -34.22 -16.07
N LYS A 226 9.73 -32.92 -15.84
CA LYS A 226 10.22 -32.20 -14.64
C LYS A 226 9.38 -32.58 -13.42
N ILE A 227 8.21 -33.17 -13.63
CA ILE A 227 7.15 -33.26 -12.57
C ILE A 227 7.62 -34.07 -11.35
N PRO A 228 8.29 -35.25 -11.53
CA PRO A 228 8.83 -35.99 -10.39
C PRO A 228 9.92 -35.22 -9.67
N SER A 229 10.54 -34.21 -10.29
CA SER A 229 11.70 -33.46 -9.71
C SER A 229 11.26 -32.14 -9.08
N LEU A 230 9.97 -31.75 -9.15
CA LEU A 230 9.50 -30.43 -8.60
C LEU A 230 9.64 -30.42 -7.08
N ARG A 231 10.04 -29.29 -6.50
CA ARG A 231 10.10 -29.12 -5.03
C ARG A 231 8.69 -29.22 -4.46
N PRO A 232 8.53 -29.64 -3.19
CA PRO A 232 7.21 -29.67 -2.55
C PRO A 232 6.74 -28.23 -2.26
N ALA A 233 5.45 -28.02 -2.05
CA ALA A 233 4.83 -26.68 -2.18
C ALA A 233 4.32 -26.15 -0.83
N PHE A 234 4.27 -26.99 0.22
CA PHE A 234 3.38 -26.77 1.40
C PHE A 234 4.00 -27.26 2.72
N ARG A 235 5.06 -28.07 2.70
CA ARG A 235 5.91 -28.36 3.88
C ARG A 235 7.27 -28.88 3.39
N LYS A 236 8.33 -28.58 4.15
CA LYS A 236 9.75 -28.77 3.75
C LYS A 236 9.86 -30.09 2.97
N ASP A 237 9.37 -31.19 3.54
CA ASP A 237 9.62 -32.55 3.01
C ASP A 237 8.27 -33.17 2.62
N GLY A 238 7.47 -32.41 1.87
CA GLY A 238 6.10 -32.78 1.46
C GLY A 238 6.04 -33.55 0.15
N THR A 239 4.83 -33.94 -0.28
CA THR A 239 4.52 -34.77 -1.46
C THR A 239 3.67 -33.96 -2.44
N ILE A 240 3.03 -32.88 -2.00
CA ILE A 240 2.21 -32.01 -2.88
C ILE A 240 3.11 -30.92 -3.46
N THR A 241 2.90 -30.58 -4.74
CA THR A 241 3.76 -29.72 -5.59
C THR A 241 2.86 -28.87 -6.48
N ALA A 242 3.48 -28.02 -7.31
CA ALA A 242 2.82 -27.16 -8.32
C ALA A 242 2.11 -28.04 -9.36
N ALA A 243 2.53 -29.29 -9.53
CA ALA A 243 2.05 -30.15 -10.64
C ALA A 243 0.97 -31.11 -10.13
N ASN A 244 0.97 -31.47 -8.85
CA ASN A 244 -0.05 -32.44 -8.37
C ASN A 244 -1.11 -31.69 -7.54
N ALA A 245 -1.00 -30.37 -7.46
CA ALA A 245 -2.03 -29.42 -6.98
C ALA A 245 -2.44 -28.48 -8.15
N SER A 246 -3.73 -28.24 -8.36
CA SER A 246 -4.18 -27.31 -9.42
C SER A 246 -3.46 -25.97 -9.23
N SER A 247 -3.29 -25.20 -10.32
CA SER A 247 -2.68 -23.85 -10.32
C SER A 247 -3.75 -22.76 -10.26
N ILE A 248 -3.36 -21.61 -9.72
CA ILE A 248 -4.08 -20.32 -9.78
C ILE A 248 -4.32 -20.02 -11.26
N SER A 249 -5.49 -19.50 -11.60
CA SER A 249 -5.92 -19.47 -13.01
C SER A 249 -7.00 -18.41 -13.24
N ASP A 250 -7.16 -18.00 -14.50
CA ASP A 250 -8.21 -17.03 -14.96
C ASP A 250 -9.20 -17.74 -15.88
N GLY A 251 -10.48 -17.37 -15.82
CA GLY A 251 -11.52 -18.15 -16.53
C GLY A 251 -12.94 -17.80 -16.13
N ALA A 252 -13.87 -17.97 -17.06
CA ALA A 252 -15.31 -17.83 -16.81
C ALA A 252 -16.03 -18.94 -17.56
N SER A 253 -17.28 -19.18 -17.15
CA SER A 253 -18.26 -20.17 -17.64
C SER A 253 -19.67 -19.66 -17.31
N ALA A 254 -20.62 -20.07 -18.14
CA ALA A 254 -22.04 -19.69 -18.09
C ALA A 254 -22.85 -20.80 -18.77
N LEU A 255 -24.02 -21.08 -18.20
CA LEU A 255 -25.03 -22.01 -18.74
C LEU A 255 -26.34 -21.23 -18.86
N VAL A 256 -27.12 -21.49 -19.92
CA VAL A 256 -28.56 -21.15 -19.96
C VAL A 256 -29.34 -22.36 -19.39
N LEU A 257 -30.15 -22.08 -18.37
CA LEU A 257 -31.10 -23.07 -17.80
C LEU A 257 -32.52 -22.61 -18.18
N MET A 258 -33.41 -23.57 -18.40
CA MET A 258 -34.87 -23.35 -18.40
C MET A 258 -35.54 -24.61 -17.84
N THR A 259 -36.81 -24.47 -17.50
CA THR A 259 -37.77 -25.59 -17.32
C THR A 259 -37.86 -26.34 -18.65
N ALA A 260 -38.12 -27.64 -18.63
CA ALA A 260 -38.31 -28.47 -19.85
C ALA A 260 -39.47 -27.87 -20.65
N GLU A 261 -40.55 -27.44 -19.99
CA GLU A 261 -41.73 -26.86 -20.68
C GLU A 261 -41.28 -25.65 -21.52
N GLU A 262 -40.48 -24.75 -20.94
CA GLU A 262 -40.11 -23.45 -21.58
C GLU A 262 -39.23 -23.72 -22.80
N ALA A 263 -38.34 -24.71 -22.72
CA ALA A 263 -37.45 -25.14 -23.83
C ALA A 263 -38.32 -25.76 -24.94
N GLN A 264 -39.27 -26.65 -24.59
CA GLN A 264 -40.26 -27.23 -25.55
C GLN A 264 -40.98 -26.07 -26.24
N ARG A 265 -41.59 -25.20 -25.47
CA ARG A 265 -42.33 -24.00 -25.96
C ARG A 265 -41.50 -23.22 -27.00
N ARG A 266 -40.15 -23.24 -26.94
CA ARG A 266 -39.26 -22.43 -27.83
C ARG A 266 -38.75 -23.23 -29.03
N GLY A 267 -39.16 -24.49 -29.16
CA GLY A 267 -38.61 -25.42 -30.17
C GLY A 267 -37.12 -25.70 -30.01
N LEU A 268 -36.51 -25.44 -28.85
CA LEU A 268 -35.05 -25.67 -28.67
C LEU A 268 -34.84 -27.14 -28.33
N LYS A 269 -33.66 -27.70 -28.63
CA LYS A 269 -33.29 -29.06 -28.16
C LYS A 269 -32.20 -28.91 -27.11
N PRO A 270 -32.53 -29.01 -25.80
CA PRO A 270 -31.52 -28.84 -24.75
C PRO A 270 -30.49 -29.98 -24.71
N LEU A 271 -29.28 -29.71 -24.17
CA LEU A 271 -28.10 -30.63 -24.10
C LEU A 271 -28.38 -31.76 -23.09
N ALA A 272 -29.00 -31.42 -21.95
CA ALA A 272 -29.08 -32.27 -20.75
C ALA A 272 -30.21 -31.81 -19.81
N ARG A 273 -30.76 -32.74 -19.03
CA ARG A 273 -31.66 -32.46 -17.89
C ARG A 273 -30.83 -32.58 -16.58
N ILE A 274 -31.12 -31.79 -15.57
CA ILE A 274 -30.49 -31.92 -14.22
C ILE A 274 -31.34 -32.88 -13.41
N VAL A 275 -30.77 -34.01 -12.97
CA VAL A 275 -31.53 -35.09 -12.29
C VAL A 275 -31.56 -34.80 -10.78
N GLY A 276 -30.53 -34.14 -10.28
CA GLY A 276 -30.52 -33.53 -8.94
C GLY A 276 -29.17 -32.94 -8.54
N HIS A 277 -29.14 -32.39 -7.34
CA HIS A 277 -27.89 -31.84 -6.73
C HIS A 277 -27.88 -32.23 -5.24
N ALA A 278 -26.70 -32.19 -4.63
CA ALA A 278 -26.50 -32.41 -3.17
C ALA A 278 -25.31 -31.59 -2.71
N THR A 279 -25.26 -31.34 -1.40
CA THR A 279 -24.14 -30.63 -0.73
C THR A 279 -23.67 -31.51 0.43
N GLN A 280 -22.37 -31.46 0.72
CA GLN A 280 -21.74 -32.05 1.91
C GLN A 280 -20.94 -30.93 2.54
N SER A 281 -21.08 -30.73 3.84
CA SER A 281 -20.30 -29.73 4.59
C SER A 281 -19.68 -30.46 5.80
N GLN A 282 -18.44 -30.18 6.14
CA GLN A 282 -17.80 -30.78 7.33
C GLN A 282 -16.65 -29.86 7.76
N ASP A 283 -15.78 -30.31 8.66
CA ASP A 283 -14.74 -29.42 9.23
C ASP A 283 -13.95 -28.83 8.07
N PRO A 284 -13.61 -27.53 8.04
CA PRO A 284 -12.75 -26.95 7.01
C PRO A 284 -11.46 -27.72 6.73
N SER A 285 -10.90 -28.44 7.71
CA SER A 285 -9.62 -29.22 7.57
C SER A 285 -9.85 -30.40 6.62
N GLU A 286 -11.09 -30.88 6.46
CA GLU A 286 -11.44 -32.08 5.66
C GLU A 286 -12.20 -31.73 4.37
N PHE A 287 -11.90 -30.56 3.79
CA PHE A 287 -12.52 -30.11 2.53
C PHE A 287 -12.20 -31.12 1.41
N THR A 288 -10.98 -31.68 1.32
CA THR A 288 -10.54 -32.58 0.21
C THR A 288 -11.36 -33.89 0.17
N LEU A 289 -12.10 -34.20 1.27
CA LEU A 289 -12.90 -35.46 1.46
C LEU A 289 -14.38 -35.18 1.22
N ALA A 290 -14.81 -33.90 1.26
CA ALA A 290 -16.21 -33.45 1.08
C ALA A 290 -16.87 -34.06 -0.17
N PRO A 291 -16.20 -34.10 -1.34
CA PRO A 291 -16.77 -34.71 -2.55
C PRO A 291 -17.36 -36.11 -2.31
N ILE A 292 -16.68 -36.95 -1.53
CA ILE A 292 -17.16 -38.31 -1.17
C ILE A 292 -18.56 -38.14 -0.56
N GLY A 293 -18.71 -37.33 0.47
CA GLY A 293 -20.06 -37.22 1.06
C GLY A 293 -21.06 -36.68 0.04
N ALA A 294 -20.68 -35.66 -0.73
CA ALA A 294 -21.59 -34.99 -1.68
C ALA A 294 -22.15 -36.04 -2.65
N MET A 295 -21.30 -36.90 -3.17
CA MET A 295 -21.78 -37.91 -4.14
C MET A 295 -22.69 -38.90 -3.42
N THR A 296 -22.31 -39.34 -2.21
CA THR A 296 -23.14 -40.30 -1.44
C THR A 296 -24.53 -39.66 -1.29
N ASN A 297 -24.57 -38.35 -0.96
CA ASN A 297 -25.85 -37.63 -0.72
C ASN A 297 -26.64 -37.51 -2.02
N LEU A 298 -25.93 -37.41 -3.16
CA LEU A 298 -26.57 -37.21 -4.48
C LEU A 298 -27.24 -38.52 -4.89
N PHE A 299 -26.47 -39.61 -4.84
CA PHE A 299 -26.89 -41.03 -4.96
C PHE A 299 -28.14 -41.30 -4.12
N ALA A 300 -28.16 -40.81 -2.89
CA ALA A 300 -29.32 -40.94 -1.97
C ALA A 300 -30.52 -40.15 -2.51
N ARG A 301 -30.32 -38.89 -2.94
CA ARG A 301 -31.44 -37.99 -3.34
C ARG A 301 -32.00 -38.46 -4.69
N THR A 302 -31.15 -38.95 -5.61
CA THR A 302 -31.53 -39.34 -6.99
C THR A 302 -32.00 -40.80 -7.10
N GLY A 303 -31.52 -41.72 -6.25
CA GLY A 303 -31.77 -43.17 -6.42
C GLY A 303 -30.73 -43.82 -7.31
N TRP A 304 -29.73 -43.09 -7.81
CA TRP A 304 -28.60 -43.59 -8.65
C TRP A 304 -27.53 -44.30 -7.80
N SER A 305 -26.77 -45.19 -8.42
CA SER A 305 -25.48 -45.70 -7.89
C SER A 305 -24.39 -45.46 -8.94
N LYS A 306 -23.13 -45.70 -8.58
CA LYS A 306 -21.99 -45.54 -9.52
C LYS A 306 -22.28 -46.32 -10.82
N ASP A 307 -23.01 -47.43 -10.75
CA ASP A 307 -23.34 -48.28 -11.93
C ASP A 307 -24.25 -47.57 -12.93
N ASP A 308 -24.96 -46.54 -12.51
CA ASP A 308 -25.85 -45.76 -13.41
C ASP A 308 -25.00 -44.69 -14.11
N VAL A 309 -23.75 -44.49 -13.69
CA VAL A 309 -22.95 -43.30 -14.11
C VAL A 309 -21.89 -43.72 -15.15
N ASP A 310 -22.00 -43.16 -16.36
CA ASP A 310 -21.07 -43.38 -17.51
C ASP A 310 -19.78 -42.55 -17.38
N LEU A 311 -19.87 -41.28 -16.95
CA LEU A 311 -18.68 -40.39 -16.77
C LEU A 311 -18.83 -39.47 -15.55
N PHE A 312 -17.68 -39.17 -14.93
CA PHE A 312 -17.55 -38.27 -13.77
C PHE A 312 -16.54 -37.18 -14.11
N GLU A 313 -16.79 -35.99 -13.59
CA GLU A 313 -15.83 -34.87 -13.39
C GLU A 313 -15.72 -34.62 -11.88
N ILE A 314 -14.58 -34.95 -11.29
CA ILE A 314 -14.31 -34.68 -9.86
C ILE A 314 -13.11 -33.74 -9.83
N ASN A 315 -13.34 -32.46 -9.51
CA ASN A 315 -12.37 -31.39 -9.87
C ASN A 315 -11.04 -31.70 -9.17
N GLU A 316 -9.92 -31.48 -9.85
CA GLU A 316 -8.59 -31.89 -9.35
C GLU A 316 -7.97 -30.71 -8.60
N ALA A 317 -8.68 -30.09 -7.65
CA ALA A 317 -8.09 -29.06 -6.76
C ALA A 317 -6.72 -29.58 -6.35
N PHE A 318 -6.65 -30.85 -5.98
CA PHE A 318 -5.39 -31.61 -5.86
C PHE A 318 -5.62 -32.96 -6.53
N ALA A 319 -4.56 -33.64 -6.95
CA ALA A 319 -4.63 -35.04 -7.46
C ALA A 319 -5.34 -35.88 -6.41
N MET A 320 -4.98 -35.70 -5.15
CA MET A 320 -5.49 -36.54 -4.03
C MET A 320 -7.00 -36.37 -3.82
N VAL A 321 -7.61 -35.26 -4.23
CA VAL A 321 -9.08 -35.08 -4.04
C VAL A 321 -9.78 -36.13 -4.90
N THR A 322 -9.40 -36.14 -6.18
CA THR A 322 -9.98 -37.03 -7.20
C THR A 322 -9.63 -38.46 -6.81
N MET A 323 -8.44 -38.68 -6.28
CA MET A 323 -7.87 -40.04 -6.05
C MET A 323 -8.63 -40.66 -4.87
N LEU A 324 -8.92 -39.88 -3.84
CA LEU A 324 -9.61 -40.41 -2.64
C LEU A 324 -11.09 -40.64 -2.96
N ALA A 325 -11.73 -39.75 -3.72
CA ALA A 325 -13.13 -39.95 -4.13
C ALA A 325 -13.21 -41.24 -4.96
N MET A 326 -12.25 -41.46 -5.85
CA MET A 326 -12.31 -42.61 -6.80
C MET A 326 -12.21 -43.93 -6.00
N ARG A 327 -11.25 -44.00 -5.08
CA ARG A 327 -11.01 -45.16 -4.19
C ARG A 327 -12.23 -45.44 -3.30
N GLU A 328 -12.71 -44.44 -2.56
CA GLU A 328 -13.86 -44.60 -1.62
C GLU A 328 -15.17 -44.89 -2.37
N HIS A 329 -15.42 -44.36 -3.58
CA HIS A 329 -16.71 -44.65 -4.29
C HIS A 329 -16.55 -45.86 -5.21
N GLY A 330 -15.34 -46.43 -5.30
CA GLY A 330 -15.05 -47.60 -6.16
C GLY A 330 -15.22 -47.23 -7.62
N LEU A 331 -14.52 -46.20 -8.09
CA LEU A 331 -14.73 -45.65 -9.46
C LEU A 331 -13.61 -46.08 -10.42
N ASP A 332 -13.94 -46.24 -11.70
CA ASP A 332 -12.97 -46.49 -12.81
C ASP A 332 -12.40 -45.15 -13.33
N HIS A 333 -11.09 -44.99 -13.25
CA HIS A 333 -10.31 -43.79 -13.68
C HIS A 333 -10.46 -43.52 -15.19
N ALA A 334 -10.76 -44.56 -15.98
CA ALA A 334 -11.07 -44.47 -17.42
C ALA A 334 -12.38 -43.70 -17.62
N LYS A 335 -13.19 -43.53 -16.56
CA LYS A 335 -14.53 -42.90 -16.59
C LYS A 335 -14.56 -41.62 -15.76
N VAL A 336 -13.39 -41.12 -15.36
CA VAL A 336 -13.25 -39.94 -14.46
C VAL A 336 -12.31 -38.91 -15.10
N ASN A 337 -12.77 -37.67 -15.27
CA ASN A 337 -11.96 -36.55 -15.83
C ASN A 337 -11.29 -36.99 -17.12
N VAL A 338 -12.09 -37.30 -18.14
CA VAL A 338 -11.56 -38.03 -19.33
C VAL A 338 -10.81 -37.06 -20.26
N TYR A 339 -10.94 -35.74 -20.07
CA TYR A 339 -10.27 -34.71 -20.89
C TYR A 339 -9.25 -33.95 -20.03
N GLY A 340 -8.76 -34.63 -18.98
CA GLY A 340 -7.91 -34.06 -17.93
C GLY A 340 -8.70 -33.24 -16.93
N GLY A 341 -8.01 -32.46 -16.11
CA GLY A 341 -8.64 -31.51 -15.16
C GLY A 341 -7.66 -30.47 -14.63
N ALA A 342 -8.05 -29.80 -13.53
CA ALA A 342 -7.41 -28.63 -12.86
C ALA A 342 -5.90 -28.82 -12.61
N CYS A 343 -5.39 -30.03 -12.38
CA CYS A 343 -3.91 -30.31 -12.27
C CYS A 343 -3.16 -29.88 -13.54
N ALA A 344 -3.77 -30.04 -14.70
CA ALA A 344 -3.14 -29.67 -15.99
C ALA A 344 -3.56 -28.26 -16.39
N GLN A 345 -4.84 -27.93 -16.22
CA GLN A 345 -5.48 -26.76 -16.87
C GLN A 345 -5.43 -25.53 -15.96
N GLY A 346 -5.66 -25.75 -14.66
CA GLY A 346 -5.75 -24.68 -13.65
C GLY A 346 -7.14 -24.60 -13.07
N HIS A 347 -7.39 -23.61 -12.19
CA HIS A 347 -8.48 -23.62 -11.19
C HIS A 347 -8.92 -22.18 -10.88
N PRO A 348 -9.71 -21.55 -11.76
CA PRO A 348 -10.32 -20.25 -11.51
C PRO A 348 -11.47 -20.58 -10.57
N VAL A 349 -11.25 -20.31 -9.27
CA VAL A 349 -12.04 -20.91 -8.16
C VAL A 349 -13.54 -20.62 -8.38
N GLY A 350 -13.84 -19.43 -8.85
CA GLY A 350 -15.22 -18.96 -9.06
C GLY A 350 -15.93 -19.60 -10.21
N SER A 351 -15.20 -20.09 -11.24
CA SER A 351 -15.78 -20.64 -12.50
C SER A 351 -15.78 -22.18 -12.50
N THR A 352 -14.87 -22.82 -11.78
CA THR A 352 -14.61 -24.27 -12.00
C THR A 352 -15.86 -25.13 -11.77
N GLY A 353 -16.82 -24.69 -10.93
CA GLY A 353 -18.00 -25.44 -10.51
C GLY A 353 -18.98 -25.57 -11.66
N SER A 354 -19.24 -24.48 -12.37
CA SER A 354 -20.05 -24.50 -13.62
C SER A 354 -19.23 -25.06 -14.78
N ARG A 355 -17.94 -24.74 -14.92
CA ARG A 355 -17.11 -25.26 -16.03
C ARG A 355 -17.23 -26.80 -16.14
N ILE A 356 -16.86 -27.53 -15.09
CA ILE A 356 -16.85 -29.02 -15.09
C ILE A 356 -18.22 -29.56 -15.56
N ILE A 357 -19.32 -28.85 -15.28
CA ILE A 357 -20.68 -29.32 -15.70
C ILE A 357 -20.70 -29.27 -17.23
N LEU A 358 -20.24 -28.16 -17.81
CA LEU A 358 -20.09 -28.03 -19.28
C LEU A 358 -19.13 -29.13 -19.79
N THR A 359 -17.99 -29.36 -19.18
CA THR A 359 -17.03 -30.39 -19.68
C THR A 359 -17.67 -31.78 -19.69
N LEU A 360 -18.45 -32.08 -18.65
CA LEU A 360 -19.08 -33.40 -18.43
C LEU A 360 -20.13 -33.65 -19.53
N ILE A 361 -21.01 -32.69 -19.76
CA ILE A 361 -21.95 -32.77 -20.92
C ILE A 361 -21.16 -33.09 -22.21
N ASN A 362 -20.11 -32.32 -22.51
CA ASN A 362 -19.35 -32.41 -23.80
C ASN A 362 -18.67 -33.78 -23.93
N ALA A 363 -18.00 -34.25 -22.88
CA ALA A 363 -17.38 -35.60 -22.80
C ALA A 363 -18.44 -36.66 -23.11
N LEU A 364 -19.63 -36.50 -22.54
CA LEU A 364 -20.73 -37.50 -22.66
C LEU A 364 -21.15 -37.59 -24.12
N ARG A 365 -21.21 -36.46 -24.84
CA ARG A 365 -21.69 -36.44 -26.25
C ARG A 365 -20.62 -37.06 -27.14
N GLN A 366 -19.35 -36.83 -26.84
CA GLN A 366 -18.24 -37.17 -27.75
C GLN A 366 -17.66 -38.54 -27.41
N LYS A 367 -17.40 -38.84 -26.13
CA LYS A 367 -16.81 -40.13 -25.70
C LYS A 367 -17.95 -41.16 -25.54
N GLY A 368 -19.19 -40.68 -25.41
CA GLY A 368 -20.37 -41.54 -25.30
C GLY A 368 -20.92 -41.57 -23.89
N GLY A 369 -22.08 -42.19 -23.73
CA GLY A 369 -22.79 -42.20 -22.46
C GLY A 369 -23.92 -41.21 -22.45
N LYS A 370 -24.70 -41.29 -21.36
CA LYS A 370 -25.94 -40.56 -21.09
C LYS A 370 -25.88 -39.89 -19.72
N ARG A 371 -25.36 -40.57 -18.69
CA ARG A 371 -25.48 -40.11 -17.28
C ARG A 371 -24.12 -39.72 -16.71
N GLY A 372 -24.04 -38.50 -16.19
CA GLY A 372 -22.82 -38.02 -15.52
C GLY A 372 -23.08 -37.46 -14.15
N VAL A 373 -22.05 -37.49 -13.31
CA VAL A 373 -22.01 -36.72 -12.04
C VAL A 373 -20.85 -35.72 -12.10
N ALA A 374 -21.12 -34.50 -11.66
CA ALA A 374 -20.08 -33.46 -11.49
C ALA A 374 -20.00 -33.10 -10.01
N SER A 375 -18.82 -33.19 -9.41
CA SER A 375 -18.60 -32.83 -7.98
C SER A 375 -17.23 -32.18 -7.80
N LEU A 376 -17.11 -31.25 -6.83
CA LEU A 376 -15.83 -30.58 -6.43
C LEU A 376 -15.84 -30.19 -4.95
N CYS A 377 -14.66 -30.15 -4.32
CA CYS A 377 -14.47 -29.67 -2.92
C CYS A 377 -14.48 -28.15 -2.90
N ILE A 378 -14.65 -27.59 -1.70
CA ILE A 378 -14.92 -26.15 -1.41
C ILE A 378 -14.19 -25.76 -0.10
N GLY A 379 -13.35 -24.74 -0.18
CA GLY A 379 -12.72 -24.11 0.99
C GLY A 379 -13.77 -23.83 2.02
N GLY A 380 -13.51 -24.15 3.28
CA GLY A 380 -14.49 -24.08 4.37
C GLY A 380 -15.08 -25.43 4.70
N GLY A 381 -14.69 -26.48 3.96
CA GLY A 381 -15.03 -27.87 4.32
C GLY A 381 -16.23 -28.40 3.56
N GLU A 382 -16.50 -27.85 2.36
CA GLU A 382 -17.76 -28.21 1.65
C GLU A 382 -17.46 -28.84 0.29
N ALA A 383 -18.53 -29.27 -0.37
CA ALA A 383 -18.56 -29.93 -1.70
C ALA A 383 -20.01 -29.97 -2.21
N THR A 384 -20.21 -29.66 -3.47
CA THR A 384 -21.47 -29.79 -4.18
C THR A 384 -21.31 -30.91 -5.22
N ALA A 385 -22.40 -31.50 -5.66
CA ALA A 385 -22.43 -32.50 -6.74
C ALA A 385 -23.69 -32.25 -7.58
N VAL A 386 -23.64 -32.55 -8.87
CA VAL A 386 -24.84 -32.53 -9.75
C VAL A 386 -24.83 -33.83 -10.55
N ALA A 387 -26.00 -34.44 -10.67
CA ALA A 387 -26.31 -35.53 -11.62
C ALA A 387 -27.06 -34.91 -12.80
N LEU A 388 -26.65 -35.27 -14.03
CA LEU A 388 -27.36 -34.83 -15.24
C LEU A 388 -27.42 -35.95 -16.28
N GLU A 389 -28.43 -35.81 -17.13
CA GLU A 389 -28.77 -36.74 -18.23
C GLU A 389 -28.88 -35.95 -19.54
N LEU A 390 -28.09 -36.34 -20.57
CA LEU A 390 -28.22 -35.97 -22.00
C LEU A 390 -29.62 -36.36 -22.50
N LEU A 391 -30.17 -35.60 -23.46
CA LEU A 391 -31.56 -35.68 -23.98
C LEU A 391 -31.56 -36.05 -25.46
N SER B 2 -44.92 -26.46 0.57
CA SER B 2 -45.28 -25.35 -0.37
C SER B 2 -45.38 -24.01 0.40
N ASP B 3 -46.26 -23.87 1.39
CA ASP B 3 -46.38 -22.60 2.20
C ASP B 3 -45.08 -22.35 2.99
N ILE B 4 -44.56 -21.13 2.95
CA ILE B 4 -43.18 -20.80 3.46
C ILE B 4 -43.32 -19.74 4.54
N VAL B 5 -42.76 -19.96 5.75
CA VAL B 5 -43.00 -19.10 6.94
C VAL B 5 -41.66 -18.61 7.47
N ILE B 6 -41.67 -17.44 8.05
CA ILE B 6 -40.54 -16.91 8.85
C ILE B 6 -40.83 -17.28 10.30
N VAL B 7 -39.96 -18.08 10.92
CA VAL B 7 -40.17 -18.60 12.28
C VAL B 7 -39.70 -17.56 13.30
N ALA B 8 -38.63 -16.84 13.02
CA ALA B 8 -38.13 -15.82 13.96
C ALA B 8 -37.01 -15.02 13.30
N GLY B 9 -36.54 -13.97 13.99
CA GLY B 9 -35.33 -13.25 13.53
C GLY B 9 -34.81 -12.28 14.56
N ALA B 10 -33.61 -11.77 14.29
CA ALA B 10 -32.93 -10.72 15.07
C ALA B 10 -32.13 -9.87 14.09
N ARG B 11 -31.99 -8.60 14.43
CA ARG B 11 -31.03 -7.68 13.79
C ARG B 11 -30.16 -7.07 14.90
N THR B 12 -28.90 -6.73 14.58
CA THR B 12 -28.03 -5.97 15.49
C THR B 12 -28.54 -4.54 15.47
N PRO B 13 -28.17 -3.68 16.43
CA PRO B 13 -28.34 -2.25 16.24
C PRO B 13 -27.50 -1.87 15.01
N MET B 14 -27.82 -0.70 14.46
CA MET B 14 -27.09 -0.11 13.34
C MET B 14 -26.20 0.95 13.97
N GLY B 15 -24.89 0.75 13.82
CA GLY B 15 -23.88 1.69 14.30
C GLY B 15 -23.52 2.66 13.19
N GLY B 16 -23.08 3.87 13.55
CA GLY B 16 -22.63 4.86 12.57
C GLY B 16 -21.24 4.55 12.04
N PHE B 17 -20.79 5.34 11.08
CA PHE B 17 -19.45 5.19 10.48
C PHE B 17 -18.40 5.44 11.58
N GLN B 18 -17.58 4.43 11.87
CA GLN B 18 -16.57 4.45 12.99
C GLN B 18 -17.29 4.90 14.29
N GLY B 19 -18.56 4.50 14.48
CA GLY B 19 -19.39 4.65 15.69
C GLY B 19 -19.41 3.39 16.54
N SER B 20 -20.57 2.98 17.05
CA SER B 20 -20.72 2.04 18.19
C SER B 20 -20.26 0.60 17.86
N LEU B 21 -20.26 0.17 16.61
CA LEU B 21 -19.89 -1.25 16.32
C LEU B 21 -18.64 -1.31 15.46
N ALA B 22 -17.81 -0.26 15.45
CA ALA B 22 -16.59 -0.21 14.61
C ALA B 22 -15.58 -1.29 15.09
N GLY B 23 -15.56 -1.58 16.39
CA GLY B 23 -14.70 -2.63 16.96
C GLY B 23 -15.15 -4.05 16.60
N VAL B 24 -16.31 -4.21 15.92
CA VAL B 24 -16.92 -5.53 15.59
C VAL B 24 -16.89 -5.74 14.07
N SER B 25 -16.47 -6.93 13.63
CA SER B 25 -16.36 -7.30 12.20
C SER B 25 -17.75 -7.66 11.72
N ALA B 26 -18.04 -7.46 10.44
CA ALA B 26 -19.29 -7.90 9.78
C ALA B 26 -19.55 -9.38 10.03
N VAL B 27 -18.52 -10.23 10.05
CA VAL B 27 -18.70 -11.68 10.34
C VAL B 27 -19.22 -11.80 11.77
N ASP B 28 -18.75 -10.99 12.70
CA ASP B 28 -19.15 -11.12 14.13
C ASP B 28 -20.54 -10.53 14.33
N LEU B 29 -20.92 -9.51 13.54
CA LEU B 29 -22.30 -8.96 13.62
C LEU B 29 -23.29 -9.98 13.06
N GLY B 30 -22.90 -10.68 12.00
CA GLY B 30 -23.71 -11.75 11.39
C GLY B 30 -23.87 -12.90 12.36
N ALA B 31 -22.78 -13.29 13.01
CA ALA B 31 -22.75 -14.36 14.05
C ALA B 31 -23.76 -14.05 15.19
N VAL B 32 -23.78 -12.81 15.70
CA VAL B 32 -24.71 -12.41 16.80
C VAL B 32 -26.15 -12.56 16.31
N ALA B 33 -26.47 -12.02 15.14
CA ALA B 33 -27.84 -12.07 14.58
C ALA B 33 -28.21 -13.53 14.20
N ILE B 34 -27.30 -14.35 13.66
CA ILE B 34 -27.65 -15.75 13.29
C ILE B 34 -27.95 -16.54 14.57
N ARG B 35 -27.17 -16.30 15.62
CA ARG B 35 -27.27 -17.06 16.88
C ARG B 35 -28.68 -16.80 17.49
N GLU B 36 -29.09 -15.54 17.62
CA GLU B 36 -30.33 -15.13 18.32
C GLU B 36 -31.60 -15.52 17.54
N ALA B 37 -31.63 -15.28 16.24
CA ALA B 37 -32.65 -15.81 15.30
C ALA B 37 -32.90 -17.28 15.63
N VAL B 38 -31.85 -18.08 15.75
CA VAL B 38 -31.96 -19.56 15.99
C VAL B 38 -32.38 -19.82 17.43
N GLN B 39 -31.94 -19.04 18.42
CA GLN B 39 -32.44 -19.22 19.82
C GLN B 39 -33.93 -18.85 19.86
N ARG B 40 -34.34 -17.77 19.20
CA ARG B 40 -35.75 -17.31 19.17
C ARG B 40 -36.66 -18.30 18.43
N ALA B 41 -36.14 -19.05 17.44
CA ALA B 41 -36.91 -20.04 16.65
C ALA B 41 -37.26 -21.24 17.53
N GLY B 42 -36.48 -21.49 18.59
CA GLY B 42 -36.70 -22.67 19.44
C GLY B 42 -36.29 -23.94 18.72
N ILE B 43 -35.19 -23.88 17.95
CA ILE B 43 -34.58 -25.05 17.27
C ILE B 43 -33.14 -25.12 17.77
N ALA B 44 -32.49 -26.25 17.49
CA ALA B 44 -31.06 -26.51 17.77
C ALA B 44 -30.22 -26.05 16.57
N ALA B 45 -29.01 -25.57 16.83
CA ALA B 45 -28.02 -25.15 15.81
C ALA B 45 -28.06 -26.14 14.65
N GLU B 46 -28.05 -27.43 14.98
CA GLU B 46 -27.97 -28.58 14.02
C GLU B 46 -29.24 -28.68 13.14
N ASP B 47 -30.38 -28.10 13.52
CA ASP B 47 -31.62 -28.26 12.69
C ASP B 47 -31.56 -27.31 11.47
N VAL B 48 -30.54 -26.45 11.39
CA VAL B 48 -30.28 -25.53 10.23
C VAL B 48 -29.49 -26.28 9.16
N GLN B 49 -30.06 -26.42 7.97
CA GLN B 49 -29.51 -27.27 6.87
C GLN B 49 -28.65 -26.39 5.94
N GLU B 50 -29.02 -25.13 5.71
CA GLU B 50 -28.30 -24.17 4.83
C GLU B 50 -28.41 -22.74 5.38
N VAL B 51 -27.31 -22.00 5.25
CA VAL B 51 -27.26 -20.53 5.51
C VAL B 51 -27.04 -19.77 4.19
N ILE B 52 -27.74 -18.65 3.98
CA ILE B 52 -27.43 -17.67 2.92
C ILE B 52 -27.36 -16.28 3.54
N MET B 53 -26.21 -15.62 3.47
CA MET B 53 -26.00 -14.27 4.04
C MET B 53 -25.52 -13.31 2.96
N GLY B 54 -26.17 -12.16 2.89
CA GLY B 54 -25.77 -11.04 2.02
C GLY B 54 -24.60 -10.30 2.64
N CYS B 55 -23.67 -9.86 1.82
CA CYS B 55 -22.49 -9.09 2.23
C CYS B 55 -21.92 -8.44 0.97
N VAL B 56 -22.03 -7.11 0.88
CA VAL B 56 -21.62 -6.37 -0.33
C VAL B 56 -20.10 -6.10 -0.32
N LEU B 57 -19.48 -5.93 0.85
CA LEU B 57 -18.07 -5.50 0.97
C LEU B 57 -17.30 -6.58 1.72
N PRO B 58 -16.94 -7.68 1.00
CA PRO B 58 -16.31 -8.84 1.63
C PRO B 58 -14.78 -8.76 1.73
N ALA B 59 -14.13 -7.77 1.14
CA ALA B 59 -12.65 -7.72 1.12
C ALA B 59 -12.14 -7.60 2.56
N GLY B 60 -11.10 -8.36 2.90
CA GLY B 60 -10.51 -8.36 4.26
C GLY B 60 -11.29 -9.17 5.28
N LEU B 61 -12.44 -9.76 4.93
CA LEU B 61 -13.36 -10.46 5.88
C LEU B 61 -12.93 -11.92 6.01
N LYS B 62 -12.10 -12.37 5.07
CA LYS B 62 -11.48 -13.71 5.03
C LYS B 62 -12.43 -14.70 4.36
N GLN B 63 -11.95 -15.92 4.13
CA GLN B 63 -12.60 -16.98 3.32
C GLN B 63 -14.00 -17.28 3.87
N GLY B 64 -15.00 -17.07 3.02
CA GLY B 64 -16.41 -17.48 3.20
C GLY B 64 -17.12 -16.68 4.28
N PRO B 65 -17.37 -15.37 4.11
CA PRO B 65 -18.05 -14.61 5.17
C PRO B 65 -19.26 -15.29 5.82
N ALA B 66 -20.17 -15.89 5.05
CA ALA B 66 -21.37 -16.59 5.60
C ALA B 66 -20.97 -17.87 6.37
N ARG B 67 -19.94 -18.57 5.90
CA ARG B 67 -19.35 -19.77 6.56
C ARG B 67 -18.83 -19.35 7.94
N GLN B 68 -18.06 -18.27 7.99
CA GLN B 68 -17.48 -17.82 9.28
C GLN B 68 -18.59 -17.39 10.26
N ALA B 69 -19.58 -16.67 9.77
CA ALA B 69 -20.64 -16.10 10.65
C ALA B 69 -21.46 -17.25 11.23
N ALA B 70 -21.70 -18.28 10.40
CA ALA B 70 -22.48 -19.49 10.75
C ALA B 70 -21.77 -20.23 11.88
N LEU B 71 -20.47 -20.42 11.74
CA LEU B 71 -19.66 -21.21 12.69
C LEU B 71 -19.54 -20.43 13.99
N ALA B 72 -19.16 -19.15 13.90
CA ALA B 72 -19.14 -18.21 15.04
C ALA B 72 -20.51 -18.19 15.74
N ALA B 73 -21.62 -18.42 15.03
CA ALA B 73 -22.99 -18.36 15.61
C ALA B 73 -23.38 -19.67 16.30
N GLY B 74 -22.50 -20.67 16.30
CA GLY B 74 -22.74 -21.97 16.96
C GLY B 74 -23.26 -23.03 15.99
N LEU B 75 -23.41 -22.74 14.69
CA LEU B 75 -23.93 -23.75 13.72
C LEU B 75 -22.83 -24.75 13.38
N PRO B 76 -23.16 -26.04 13.14
CA PRO B 76 -22.16 -27.07 12.93
C PRO B 76 -21.65 -27.00 11.50
N ALA B 77 -20.45 -27.55 11.31
CA ALA B 77 -19.76 -27.60 10.00
C ALA B 77 -20.68 -28.26 8.96
N ALA B 78 -21.66 -29.08 9.39
CA ALA B 78 -22.58 -29.82 8.49
C ALA B 78 -23.60 -28.88 7.81
N THR B 79 -23.73 -27.66 8.34
CA THR B 79 -24.58 -26.60 7.72
C THR B 79 -23.79 -25.95 6.60
N GLY B 80 -24.28 -26.04 5.35
CA GLY B 80 -23.67 -25.40 4.18
C GLY B 80 -23.99 -23.93 4.13
N CYS B 81 -23.02 -23.10 3.74
CA CYS B 81 -23.10 -21.62 3.71
C CYS B 81 -22.69 -21.08 2.34
N THR B 82 -23.34 -19.99 1.96
CA THR B 82 -23.02 -19.17 0.77
C THR B 82 -23.07 -17.69 1.18
N THR B 83 -22.27 -16.87 0.53
CA THR B 83 -22.30 -15.40 0.63
C THR B 83 -22.81 -14.85 -0.69
N ILE B 84 -23.71 -13.86 -0.65
CA ILE B 84 -24.32 -13.23 -1.86
C ILE B 84 -24.19 -11.70 -1.79
N ASN B 85 -24.16 -11.12 -2.99
CA ASN B 85 -24.12 -9.66 -3.22
C ASN B 85 -25.12 -9.33 -4.34
N LYS B 86 -26.27 -8.81 -3.95
CA LYS B 86 -27.20 -8.09 -4.84
C LYS B 86 -27.20 -6.65 -4.32
N LEU B 87 -26.01 -6.11 -4.03
CA LEU B 87 -25.81 -4.74 -3.53
C LEU B 87 -26.81 -4.51 -2.38
N CYS B 88 -27.44 -3.34 -2.33
CA CYS B 88 -28.40 -2.91 -1.28
C CYS B 88 -29.47 -3.98 -1.06
N GLY B 89 -29.77 -4.79 -2.08
CA GLY B 89 -30.84 -5.81 -1.96
C GLY B 89 -30.35 -7.13 -1.41
N SER B 90 -29.04 -7.26 -1.18
CA SER B 90 -28.37 -8.55 -0.87
C SER B 90 -29.18 -9.33 0.18
N GLY B 91 -29.69 -8.65 1.22
CA GLY B 91 -30.29 -9.29 2.41
C GLY B 91 -31.72 -9.69 2.16
N MET B 92 -32.43 -8.93 1.33
CA MET B 92 -33.79 -9.37 0.88
C MET B 92 -33.61 -10.57 -0.03
N LYS B 93 -32.65 -10.52 -0.95
CA LYS B 93 -32.41 -11.56 -1.99
C LYS B 93 -32.11 -12.87 -1.29
N ALA B 94 -31.33 -12.80 -0.22
CA ALA B 94 -30.96 -13.94 0.65
C ALA B 94 -32.22 -14.65 1.12
N VAL B 95 -33.17 -13.88 1.67
CA VAL B 95 -34.49 -14.42 2.13
C VAL B 95 -35.22 -15.01 0.91
N MET B 96 -35.04 -14.36 -0.24
CA MET B 96 -35.75 -14.68 -1.49
C MET B 96 -35.26 -16.04 -2.01
N LEU B 97 -33.94 -16.26 -2.10
CA LEU B 97 -33.31 -17.55 -2.52
C LEU B 97 -33.72 -18.67 -1.56
N ALA B 98 -33.67 -18.41 -0.24
CA ALA B 98 -34.10 -19.32 0.85
C ALA B 98 -35.56 -19.76 0.64
N HIS B 99 -36.44 -18.82 0.31
CA HIS B 99 -37.88 -19.07 0.04
C HIS B 99 -37.98 -20.07 -1.13
N ASP B 100 -37.17 -19.87 -2.17
CA ASP B 100 -37.28 -20.65 -3.43
C ASP B 100 -36.73 -22.05 -3.18
N LEU B 101 -35.59 -22.15 -2.52
CA LEU B 101 -34.94 -23.42 -2.13
C LEU B 101 -35.90 -24.28 -1.28
N LEU B 102 -36.72 -23.65 -0.42
CA LEU B 102 -37.68 -24.37 0.48
C LEU B 102 -38.85 -24.79 -0.41
N LYS B 103 -39.33 -23.89 -1.26
CA LYS B 103 -40.36 -24.20 -2.29
C LYS B 103 -39.95 -25.48 -3.02
N ALA B 104 -38.69 -25.54 -3.48
CA ALA B 104 -38.19 -26.57 -4.44
C ALA B 104 -37.93 -27.93 -3.77
N GLY B 105 -37.89 -28.00 -2.42
CA GLY B 105 -37.65 -29.24 -1.67
C GLY B 105 -36.19 -29.45 -1.31
N THR B 106 -35.31 -28.49 -1.61
CA THR B 106 -33.86 -28.59 -1.30
C THR B 106 -33.65 -28.77 0.21
N ASN B 107 -34.32 -27.96 1.04
CA ASN B 107 -34.17 -27.98 2.52
C ASN B 107 -35.55 -27.90 3.21
N GLN B 108 -35.62 -28.10 4.53
CA GLN B 108 -36.82 -27.79 5.34
C GLN B 108 -36.51 -26.62 6.28
N VAL B 109 -35.24 -26.34 6.61
CA VAL B 109 -34.89 -25.29 7.62
C VAL B 109 -33.65 -24.53 7.19
N MET B 110 -33.76 -23.21 7.05
CA MET B 110 -32.65 -22.37 6.50
C MET B 110 -32.54 -21.09 7.31
N VAL B 111 -31.36 -20.48 7.27
CA VAL B 111 -31.15 -19.10 7.79
C VAL B 111 -30.77 -18.22 6.60
N ALA B 112 -31.32 -17.01 6.59
CA ALA B 112 -31.17 -16.02 5.51
C ALA B 112 -31.11 -14.65 6.18
N GLY B 113 -30.18 -13.84 5.71
CA GLY B 113 -30.11 -12.43 6.13
C GLY B 113 -28.93 -11.75 5.47
N GLY B 114 -28.26 -10.88 6.23
CA GLY B 114 -27.09 -10.16 5.74
C GLY B 114 -26.34 -9.48 6.87
N MET B 115 -25.14 -9.00 6.53
CA MET B 115 -24.19 -8.33 7.44
C MET B 115 -23.35 -7.32 6.67
N GLU B 116 -22.96 -6.23 7.32
CA GLU B 116 -21.99 -5.27 6.74
C GLU B 116 -21.31 -4.42 7.83
N SER B 117 -19.99 -4.28 7.67
CA SER B 117 -19.15 -3.38 8.47
C SER B 117 -18.54 -2.39 7.52
N MET B 118 -19.29 -1.37 7.14
CA MET B 118 -18.74 -0.34 6.23
C MET B 118 -17.62 0.36 6.98
N SER B 119 -17.63 0.37 8.31
CA SER B 119 -16.50 0.96 9.09
C SER B 119 -15.22 0.19 8.80
N ASN B 120 -15.33 -1.12 8.58
CA ASN B 120 -14.12 -1.98 8.51
C ASN B 120 -13.75 -2.28 7.06
N ALA B 121 -14.48 -1.74 6.11
CA ALA B 121 -14.13 -1.81 4.67
C ALA B 121 -12.66 -1.41 4.47
N PRO B 122 -11.78 -2.25 3.88
CA PRO B 122 -10.40 -1.82 3.67
C PRO B 122 -10.23 -0.90 2.47
N TYR B 123 -8.99 -0.47 2.27
CA TYR B 123 -8.50 0.16 1.02
C TYR B 123 -7.90 -0.93 0.12
N VAL B 124 -7.97 -0.74 -1.20
CA VAL B 124 -7.41 -1.73 -2.17
C VAL B 124 -6.42 -1.01 -3.05
N LEU B 125 -5.35 -1.71 -3.36
CA LEU B 125 -4.26 -1.29 -4.27
C LEU B 125 -4.31 -2.22 -5.48
N GLU B 126 -4.59 -1.65 -6.64
CA GLU B 126 -5.02 -2.36 -7.86
C GLU B 126 -3.85 -2.90 -8.69
N LYS B 127 -2.65 -2.33 -8.61
CA LYS B 127 -1.57 -2.73 -9.56
C LYS B 127 -0.36 -3.33 -8.83
N ALA B 128 -0.36 -3.35 -7.49
CA ALA B 128 0.77 -3.77 -6.63
C ALA B 128 1.20 -5.21 -6.92
N ARG B 129 0.33 -6.05 -7.47
CA ARG B 129 0.66 -7.45 -7.76
C ARG B 129 1.63 -7.51 -8.96
N SER B 130 1.26 -6.87 -10.07
CA SER B 130 2.06 -6.85 -11.33
C SER B 130 3.12 -5.75 -11.27
N GLY B 131 2.89 -4.61 -10.62
CA GLY B 131 3.88 -3.52 -10.49
C GLY B 131 3.30 -2.15 -10.80
N LEU B 132 3.56 -1.14 -9.98
CA LEU B 132 3.23 0.27 -10.30
C LEU B 132 4.22 0.79 -11.35
N ARG B 133 5.45 0.25 -11.35
CA ARG B 133 6.51 0.54 -12.35
C ARG B 133 7.11 1.94 -12.07
N MET B 134 6.45 3.02 -12.49
CA MET B 134 6.84 4.40 -12.14
C MET B 134 5.63 5.34 -12.26
N GLY B 135 5.63 6.40 -11.46
CA GLY B 135 4.54 7.39 -11.42
C GLY B 135 3.64 7.19 -10.20
N HIS B 136 2.91 8.24 -9.84
CA HIS B 136 1.93 8.25 -8.73
C HIS B 136 0.72 7.40 -9.16
N GLY B 137 0.18 6.60 -8.24
CA GLY B 137 -1.01 5.75 -8.44
C GLY B 137 -2.08 6.10 -7.42
N GLU B 138 -3.08 5.24 -7.27
CA GLU B 138 -4.27 5.52 -6.42
C GLU B 138 -4.44 4.37 -5.45
N ILE B 139 -5.00 4.64 -4.28
CA ILE B 139 -5.45 3.57 -3.35
C ILE B 139 -6.95 3.76 -3.15
N LYS B 140 -7.71 2.72 -3.42
CA LYS B 140 -9.18 2.83 -3.69
C LYS B 140 -9.94 2.40 -2.43
N ASP B 141 -10.93 3.18 -2.07
CA ASP B 141 -11.80 2.86 -0.92
C ASP B 141 -12.73 1.73 -1.39
N HIS B 142 -12.67 0.55 -0.78
CA HIS B 142 -13.44 -0.67 -1.20
C HIS B 142 -14.93 -0.31 -1.19
N MET B 143 -15.37 0.36 -0.12
CA MET B 143 -16.77 0.81 0.09
C MET B 143 -17.20 1.63 -1.12
N PHE B 144 -16.35 2.50 -1.67
CA PHE B 144 -16.74 3.32 -2.85
C PHE B 144 -16.61 2.50 -4.14
N LEU B 145 -15.43 1.93 -4.38
CA LEU B 145 -15.14 1.25 -5.68
C LEU B 145 -16.14 0.12 -5.96
N ASP B 146 -16.49 -0.68 -4.95
CA ASP B 146 -17.19 -1.98 -5.13
C ASP B 146 -18.63 -1.93 -4.53
N GLY B 147 -18.98 -0.83 -3.88
CA GLY B 147 -20.26 -0.68 -3.19
C GLY B 147 -21.10 0.44 -3.75
N LEU B 148 -20.61 1.69 -3.69
CA LEU B 148 -21.41 2.95 -3.75
C LEU B 148 -21.25 3.68 -5.10
N GLU B 149 -20.22 3.38 -5.89
CA GLU B 149 -20.05 4.05 -7.20
C GLU B 149 -20.62 3.14 -8.28
N ASP B 150 -21.26 3.74 -9.29
CA ASP B 150 -21.63 3.12 -10.59
C ASP B 150 -20.32 2.65 -11.26
N ALA B 151 -20.27 1.39 -11.72
CA ALA B 151 -19.06 0.81 -12.33
C ALA B 151 -18.80 1.46 -13.70
N ARG B 152 -19.84 1.67 -14.52
CA ARG B 152 -19.68 2.08 -15.93
C ARG B 152 -19.26 3.55 -15.99
N THR B 153 -19.79 4.41 -15.09
CA THR B 153 -19.57 5.89 -15.06
C THR B 153 -18.57 6.28 -13.95
N GLY B 154 -18.54 5.56 -12.82
CA GLY B 154 -17.76 6.00 -11.64
C GLY B 154 -18.51 7.04 -10.80
N ARG B 155 -19.76 7.34 -11.16
CA ARG B 155 -20.67 8.31 -10.46
C ARG B 155 -21.28 7.71 -9.19
N LEU B 156 -21.35 8.50 -8.10
CA LEU B 156 -22.03 8.10 -6.84
C LEU B 156 -23.52 7.92 -7.16
N MET B 157 -24.14 6.92 -6.53
CA MET B 157 -25.58 6.63 -6.63
C MET B 157 -26.38 7.91 -6.34
N GLY B 158 -25.99 8.68 -5.33
CA GLY B 158 -26.64 9.97 -5.01
C GLY B 158 -26.71 10.93 -6.20
N SER B 159 -25.70 10.93 -7.05
CA SER B 159 -25.65 11.72 -8.32
C SER B 159 -26.74 11.27 -9.30
N PHE B 160 -27.03 9.97 -9.41
CA PHE B 160 -28.22 9.49 -10.15
C PHE B 160 -29.49 10.02 -9.49
N ALA B 161 -29.64 9.71 -8.20
CA ALA B 161 -30.76 10.12 -7.32
C ALA B 161 -31.04 11.62 -7.45
N GLN B 162 -30.00 12.47 -7.46
CA GLN B 162 -30.20 13.92 -7.67
C GLN B 162 -30.97 14.18 -8.98
N GLU B 163 -30.54 13.59 -10.09
CA GLU B 163 -31.09 13.91 -11.44
C GLU B 163 -32.57 13.51 -11.48
N THR B 164 -32.89 12.34 -10.91
CA THR B 164 -34.27 11.77 -10.86
C THR B 164 -35.15 12.68 -10.02
N ALA B 165 -34.72 13.10 -8.83
CA ALA B 165 -35.51 13.99 -7.93
C ALA B 165 -35.91 15.30 -8.67
N ASP B 166 -34.97 15.91 -9.37
CA ASP B 166 -35.27 17.11 -10.21
C ASP B 166 -36.35 16.75 -11.23
N LYS B 167 -36.18 15.65 -11.96
CA LYS B 167 -37.10 15.23 -13.05
C LYS B 167 -38.52 15.08 -12.50
N TYR B 168 -38.68 14.63 -11.25
CA TYR B 168 -40.01 14.35 -10.62
C TYR B 168 -40.48 15.53 -9.76
N GLY B 169 -39.77 16.67 -9.76
CA GLY B 169 -40.18 17.92 -9.09
C GLY B 169 -40.12 17.84 -7.57
N VAL B 170 -39.23 17.01 -7.01
CA VAL B 170 -39.06 16.88 -5.54
C VAL B 170 -38.19 18.05 -5.06
N THR B 171 -38.54 18.71 -3.96
CA THR B 171 -37.85 19.94 -3.47
C THR B 171 -36.97 19.62 -2.25
N ARG B 172 -35.97 20.48 -1.98
CA ARG B 172 -35.16 20.48 -0.74
C ARG B 172 -36.11 20.29 0.46
N GLU B 173 -37.14 21.15 0.54
CA GLU B 173 -38.06 21.32 1.69
C GLU B 173 -38.89 20.03 1.88
N GLU B 174 -39.36 19.43 0.79
CA GLU B 174 -40.14 18.17 0.84
C GLU B 174 -39.25 17.10 1.51
N MET B 175 -38.03 16.91 0.99
CA MET B 175 -37.12 15.82 1.42
C MET B 175 -36.74 16.11 2.87
N ASP B 176 -36.31 17.33 3.18
CA ASP B 176 -35.92 17.64 4.59
C ASP B 176 -37.10 17.31 5.52
N ALA B 177 -38.33 17.64 5.12
CA ALA B 177 -39.56 17.43 5.93
C ALA B 177 -39.81 15.94 6.11
N TYR B 178 -39.65 15.15 5.03
CA TYR B 178 -39.75 13.68 5.10
C TYR B 178 -38.74 13.20 6.14
N ALA B 179 -37.49 13.69 6.06
CA ALA B 179 -36.33 13.15 6.82
C ALA B 179 -36.42 13.57 8.30
N ILE B 180 -37.07 14.71 8.60
CA ILE B 180 -37.32 15.14 10.02
C ILE B 180 -38.35 14.19 10.64
N GLU B 181 -39.33 13.73 9.85
CA GLU B 181 -40.44 12.83 10.32
C GLU B 181 -39.83 11.44 10.66
N SER B 182 -38.97 10.89 9.77
CA SER B 182 -38.21 9.63 9.95
C SER B 182 -37.36 9.71 11.22
N LEU B 183 -36.59 10.79 11.39
CA LEU B 183 -35.86 11.08 12.65
C LEU B 183 -36.79 10.96 13.86
N LYS B 184 -37.90 11.70 13.88
CA LYS B 184 -38.81 11.77 15.05
C LYS B 184 -39.37 10.37 15.34
N ARG B 185 -39.72 9.60 14.31
CA ARG B 185 -40.29 8.23 14.46
C ARG B 185 -39.24 7.31 15.08
N ALA B 186 -38.01 7.39 14.57
CA ALA B 186 -36.87 6.51 14.95
C ALA B 186 -36.49 6.80 16.42
N GLN B 187 -36.36 8.07 16.81
CA GLN B 187 -36.14 8.45 18.24
C GLN B 187 -37.29 7.99 19.16
N ALA B 188 -38.54 8.25 18.79
CA ALA B 188 -39.73 7.77 19.54
C ALA B 188 -39.54 6.28 19.83
N ALA B 189 -39.41 5.46 18.78
CA ALA B 189 -39.40 3.99 18.81
C ALA B 189 -38.24 3.47 19.69
N ILE B 190 -37.09 4.13 19.68
CA ILE B 190 -35.97 3.74 20.59
C ILE B 190 -36.41 4.06 22.02
N ALA B 191 -36.73 5.33 22.29
CA ALA B 191 -37.04 5.85 23.63
C ALA B 191 -38.20 5.05 24.26
N ASP B 192 -39.25 4.73 23.51
CA ASP B 192 -40.46 4.04 24.07
C ASP B 192 -40.30 2.51 23.96
N GLY B 193 -39.17 2.02 23.47
CA GLY B 193 -38.76 0.60 23.51
C GLY B 193 -39.35 -0.23 22.39
N SER B 194 -40.01 0.39 21.40
CA SER B 194 -40.70 -0.34 20.29
C SER B 194 -39.72 -1.22 19.49
N LEU B 195 -38.42 -0.94 19.49
CA LEU B 195 -37.46 -1.73 18.63
C LEU B 195 -36.86 -2.92 19.38
N ALA B 196 -37.06 -3.02 20.69
CA ALA B 196 -36.39 -4.00 21.58
C ALA B 196 -36.49 -5.41 20.98
N ALA B 197 -37.69 -5.79 20.57
CA ALA B 197 -38.09 -7.18 20.21
C ALA B 197 -37.47 -7.60 18.87
N GLU B 198 -37.05 -6.65 18.01
CA GLU B 198 -36.33 -7.05 16.76
C GLU B 198 -34.81 -7.10 17.01
N ILE B 199 -34.29 -6.34 17.98
CA ILE B 199 -32.83 -6.10 18.21
C ILE B 199 -32.28 -7.27 19.05
N VAL B 200 -31.07 -7.71 18.75
CA VAL B 200 -30.17 -8.44 19.68
C VAL B 200 -29.04 -7.48 20.05
N PRO B 201 -28.79 -7.14 21.35
CA PRO B 201 -27.64 -6.31 21.70
C PRO B 201 -26.32 -7.02 21.35
N VAL B 202 -25.28 -6.20 21.18
CA VAL B 202 -23.93 -6.63 20.72
C VAL B 202 -22.93 -6.07 21.74
N THR B 203 -22.24 -6.93 22.49
CA THR B 203 -21.21 -6.56 23.49
C THR B 203 -19.87 -6.40 22.76
N VAL B 204 -19.07 -5.38 23.06
CA VAL B 204 -18.09 -4.80 22.10
C VAL B 204 -16.63 -5.03 22.52
N THR B 205 -16.22 -4.59 23.71
CA THR B 205 -14.78 -4.36 24.07
C THR B 205 -14.25 -3.10 23.39
N GLY B 209 -13.58 -0.61 28.34
CA GLY B 209 -13.70 -2.07 28.61
C GLY B 209 -14.85 -2.70 27.82
N GLU B 210 -15.38 -3.84 28.31
CA GLU B 210 -16.54 -4.57 27.71
C GLU B 210 -17.82 -3.75 27.97
N SER B 211 -18.64 -3.52 26.93
CA SER B 211 -19.92 -2.78 27.05
C SER B 211 -20.96 -3.30 26.04
N VAL B 212 -22.24 -3.04 26.34
CA VAL B 212 -23.40 -3.57 25.55
C VAL B 212 -24.01 -2.44 24.72
N VAL B 213 -23.97 -2.57 23.39
CA VAL B 213 -24.72 -1.76 22.39
C VAL B 213 -26.10 -2.40 22.15
N LYS B 214 -27.16 -1.68 22.47
CA LYS B 214 -28.56 -2.17 22.37
C LYS B 214 -29.42 -1.22 21.52
N ASP B 215 -28.95 0.00 21.26
CA ASP B 215 -29.73 1.04 20.54
C ASP B 215 -28.99 1.45 19.27
N ASP B 216 -29.75 1.56 18.16
CA ASP B 216 -29.30 2.24 16.92
C ASP B 216 -28.72 3.60 17.33
N GLU B 217 -27.49 3.88 16.89
CA GLU B 217 -26.67 5.03 17.35
C GLU B 217 -27.16 6.34 16.71
N GLN B 218 -27.42 6.29 15.41
CA GLN B 218 -27.38 7.51 14.54
C GLN B 218 -28.60 8.42 14.78
N PRO B 219 -29.83 7.93 15.06
CA PRO B 219 -30.96 8.82 15.27
C PRO B 219 -30.75 9.66 16.54
N LEU B 220 -29.88 9.23 17.47
CA LEU B 220 -29.67 9.81 18.82
C LEU B 220 -28.55 10.88 18.81
N THR B 221 -27.76 10.92 17.73
CA THR B 221 -26.63 11.87 17.53
C THR B 221 -26.94 12.84 16.38
N ALA B 222 -28.13 12.76 15.78
CA ALA B 222 -28.57 13.59 14.65
C ALA B 222 -28.92 15.01 15.13
N ASN B 223 -28.43 16.00 14.38
CA ASN B 223 -28.76 17.44 14.57
C ASN B 223 -29.85 17.87 13.59
N LEU B 224 -31.08 17.89 14.11
CA LEU B 224 -32.30 18.29 13.38
C LEU B 224 -32.22 19.75 12.94
N GLU B 225 -31.56 20.62 13.74
CA GLU B 225 -31.58 22.10 13.53
C GLU B 225 -30.77 22.46 12.29
N LYS B 226 -29.75 21.66 12.00
CA LYS B 226 -28.78 21.86 10.90
C LYS B 226 -29.41 21.39 9.58
N ILE B 227 -30.29 20.38 9.61
CA ILE B 227 -30.82 19.69 8.39
C ILE B 227 -31.06 20.75 7.31
N PRO B 228 -31.94 21.76 7.53
CA PRO B 228 -32.35 22.70 6.47
C PRO B 228 -31.23 23.58 5.90
N SER B 229 -30.07 23.63 6.55
CA SER B 229 -28.96 24.54 6.14
C SER B 229 -27.78 23.75 5.56
N LEU B 230 -27.81 22.42 5.55
CA LEU B 230 -26.71 21.55 5.04
C LEU B 230 -26.42 21.84 3.56
N ARG B 231 -25.16 21.63 3.13
CA ARG B 231 -24.69 21.75 1.71
C ARG B 231 -25.27 20.60 0.90
N PRO B 232 -25.56 20.77 -0.41
CA PRO B 232 -25.91 19.65 -1.27
C PRO B 232 -24.75 18.64 -1.38
N ALA B 233 -25.06 17.36 -1.33
CA ALA B 233 -24.10 16.27 -1.07
C ALA B 233 -23.51 15.76 -2.39
N PHE B 234 -24.29 15.74 -3.47
CA PHE B 234 -23.92 15.05 -4.74
C PHE B 234 -24.00 15.94 -5.97
N ARG B 235 -24.22 17.26 -5.85
CA ARG B 235 -24.17 18.19 -7.02
C ARG B 235 -24.29 19.63 -6.51
N LYS B 236 -23.50 20.56 -7.03
CA LYS B 236 -23.10 21.79 -6.27
C LYS B 236 -24.32 22.72 -6.05
N ASP B 237 -25.43 22.52 -6.79
CA ASP B 237 -26.72 23.17 -6.50
C ASP B 237 -27.81 22.09 -6.47
N GLY B 238 -27.55 20.97 -5.81
CA GLY B 238 -28.57 19.91 -5.64
C GLY B 238 -29.53 20.22 -4.51
N THR B 239 -30.45 19.30 -4.23
CA THR B 239 -31.40 19.34 -3.10
C THR B 239 -31.05 18.21 -2.10
N ILE B 240 -30.22 17.23 -2.49
CA ILE B 240 -29.91 16.03 -1.66
C ILE B 240 -28.67 16.35 -0.82
N THR B 241 -28.66 15.83 0.41
CA THR B 241 -27.78 16.16 1.56
C THR B 241 -27.41 14.82 2.22
N ALA B 242 -26.36 14.79 3.04
CA ALA B 242 -26.10 13.74 4.06
C ALA B 242 -27.38 13.47 4.90
N ALA B 243 -28.28 14.46 5.06
CA ALA B 243 -29.44 14.39 6.00
C ALA B 243 -30.66 13.69 5.36
N ASN B 244 -31.04 14.03 4.12
CA ASN B 244 -32.15 13.36 3.39
C ASN B 244 -31.60 12.27 2.47
N ALA B 245 -30.31 11.94 2.57
CA ALA B 245 -29.74 10.68 2.03
C ALA B 245 -29.36 9.79 3.21
N SER B 246 -29.28 8.48 3.00
CA SER B 246 -28.93 7.53 4.09
C SER B 246 -27.41 7.56 4.32
N SER B 247 -26.94 7.22 5.52
CA SER B 247 -25.51 7.26 5.92
C SER B 247 -24.91 5.85 5.90
N ILE B 248 -23.62 5.76 5.64
CA ILE B 248 -22.75 4.57 5.85
C ILE B 248 -23.03 4.09 7.26
N SER B 249 -23.09 2.77 7.46
CA SER B 249 -23.60 2.15 8.71
C SER B 249 -23.13 0.70 8.84
N ASP B 250 -23.05 0.21 10.08
CA ASP B 250 -22.66 -1.17 10.40
C ASP B 250 -23.85 -1.90 11.00
N GLY B 251 -24.13 -3.12 10.52
CA GLY B 251 -24.98 -4.07 11.26
C GLY B 251 -25.40 -5.23 10.40
N ALA B 252 -26.18 -6.12 11.00
CA ALA B 252 -26.49 -7.47 10.50
C ALA B 252 -27.91 -7.84 10.93
N SER B 253 -28.49 -8.82 10.24
CA SER B 253 -29.89 -9.29 10.33
C SER B 253 -29.92 -10.76 9.92
N ALA B 254 -30.91 -11.51 10.43
CA ALA B 254 -31.02 -12.96 10.25
C ALA B 254 -32.43 -13.42 10.58
N LEU B 255 -32.98 -14.27 9.71
CA LEU B 255 -34.31 -14.88 9.84
C LEU B 255 -34.16 -16.39 9.68
N VAL B 256 -34.92 -17.17 10.45
CA VAL B 256 -35.10 -18.63 10.27
C VAL B 256 -36.35 -18.86 9.40
N LEU B 257 -36.19 -19.63 8.32
CA LEU B 257 -37.32 -19.92 7.42
C LEU B 257 -37.55 -21.42 7.36
N MET B 258 -38.80 -21.80 7.16
CA MET B 258 -39.23 -23.21 7.09
C MET B 258 -40.41 -23.29 6.14
N THR B 259 -40.66 -24.47 5.59
CA THR B 259 -41.98 -24.85 5.02
C THR B 259 -42.96 -24.73 6.19
N ALA B 260 -44.25 -24.48 5.95
CA ALA B 260 -45.26 -24.46 7.05
C ALA B 260 -45.36 -25.85 7.69
N GLU B 261 -45.25 -26.94 6.90
CA GLU B 261 -45.34 -28.36 7.38
C GLU B 261 -44.25 -28.59 8.43
N GLU B 262 -43.03 -28.07 8.23
CA GLU B 262 -41.90 -28.30 9.18
C GLU B 262 -42.18 -27.50 10.46
N ALA B 263 -42.72 -26.29 10.32
CA ALA B 263 -43.07 -25.41 11.46
C ALA B 263 -44.01 -26.15 12.43
N GLN B 264 -45.08 -26.76 11.90
CA GLN B 264 -46.14 -27.46 12.68
C GLN B 264 -45.62 -28.84 13.09
N ARG B 265 -44.74 -29.44 12.29
CA ARG B 265 -44.08 -30.75 12.60
C ARG B 265 -43.27 -30.62 13.89
N ARG B 266 -42.57 -29.50 14.08
CA ARG B 266 -41.74 -29.21 15.29
C ARG B 266 -42.65 -28.55 16.35
N GLY B 267 -43.92 -28.34 16.01
CA GLY B 267 -44.87 -27.57 16.82
C GLY B 267 -44.35 -26.19 17.20
N LEU B 268 -43.94 -25.36 16.22
CA LEU B 268 -43.71 -23.91 16.45
C LEU B 268 -44.95 -23.11 15.97
N LYS B 269 -45.08 -21.86 16.40
CA LYS B 269 -45.97 -20.87 15.76
C LYS B 269 -45.06 -19.85 15.08
N PRO B 270 -45.01 -19.80 13.74
CA PRO B 270 -44.21 -18.79 13.06
C PRO B 270 -44.76 -17.34 13.19
N LEU B 271 -43.88 -16.36 12.98
CA LEU B 271 -44.24 -14.91 13.02
C LEU B 271 -45.20 -14.60 11.87
N ALA B 272 -44.97 -15.16 10.67
CA ALA B 272 -45.47 -14.60 9.39
C ALA B 272 -45.36 -15.61 8.25
N ARG B 273 -46.28 -15.53 7.30
CA ARG B 273 -46.08 -16.25 6.02
C ARG B 273 -45.61 -15.25 4.95
N ILE B 274 -44.79 -15.76 4.01
CA ILE B 274 -44.31 -15.04 2.80
C ILE B 274 -45.29 -15.33 1.66
N VAL B 275 -46.10 -14.35 1.28
CA VAL B 275 -47.17 -14.50 0.24
C VAL B 275 -46.55 -14.49 -1.17
N GLY B 276 -45.58 -13.60 -1.41
CA GLY B 276 -44.64 -13.72 -2.54
C GLY B 276 -43.52 -12.69 -2.50
N HIS B 277 -42.74 -12.65 -3.59
CA HIS B 277 -41.63 -11.72 -3.81
C HIS B 277 -41.57 -11.38 -5.29
N ALA B 278 -40.85 -10.32 -5.65
CA ALA B 278 -40.73 -9.81 -7.03
C ALA B 278 -39.38 -9.12 -7.13
N THR B 279 -38.85 -8.98 -8.35
CA THR B 279 -37.64 -8.18 -8.66
C THR B 279 -38.02 -7.22 -9.80
N GLN B 280 -37.56 -5.99 -9.70
CA GLN B 280 -37.65 -4.98 -10.79
C GLN B 280 -36.19 -4.62 -11.14
N SER B 281 -35.85 -4.69 -12.43
CA SER B 281 -34.51 -4.40 -12.98
C SER B 281 -34.65 -3.40 -14.12
N GLN B 282 -33.93 -2.28 -14.01
CA GLN B 282 -33.93 -1.25 -15.07
C GLN B 282 -32.59 -0.51 -15.06
N ASP B 283 -32.49 0.56 -15.84
CA ASP B 283 -31.22 1.32 -16.01
C ASP B 283 -30.72 1.76 -14.62
N PRO B 284 -29.41 1.57 -14.37
CA PRO B 284 -28.78 2.00 -13.12
C PRO B 284 -29.03 3.47 -12.75
N SER B 285 -29.22 4.34 -13.75
CA SER B 285 -29.48 5.78 -13.55
C SER B 285 -30.88 5.96 -12.93
N GLU B 286 -31.80 5.02 -13.18
CA GLU B 286 -33.18 4.99 -12.65
C GLU B 286 -33.34 4.08 -11.42
N PHE B 287 -32.28 3.82 -10.64
CA PHE B 287 -32.35 2.81 -9.55
C PHE B 287 -33.33 3.28 -8.44
N THR B 288 -33.51 4.59 -8.24
CA THR B 288 -34.43 5.12 -7.20
C THR B 288 -35.91 4.84 -7.51
N LEU B 289 -36.26 4.49 -8.76
CA LEU B 289 -37.65 4.27 -9.20
C LEU B 289 -38.00 2.78 -9.15
N ALA B 290 -36.97 1.92 -9.26
CA ALA B 290 -37.09 0.46 -9.46
C ALA B 290 -38.04 -0.14 -8.41
N PRO B 291 -38.14 0.43 -7.17
CA PRO B 291 -39.09 -0.09 -6.18
C PRO B 291 -40.55 0.03 -6.63
N ILE B 292 -40.86 1.07 -7.40
CA ILE B 292 -42.23 1.34 -7.93
C ILE B 292 -42.63 0.12 -8.75
N GLY B 293 -41.78 -0.25 -9.70
CA GLY B 293 -41.94 -1.46 -10.51
C GLY B 293 -42.00 -2.71 -9.65
N ALA B 294 -41.11 -2.82 -8.68
CA ALA B 294 -40.96 -4.07 -7.89
C ALA B 294 -42.30 -4.39 -7.18
N MET B 295 -42.97 -3.38 -6.65
CA MET B 295 -44.23 -3.49 -5.86
C MET B 295 -45.38 -3.79 -6.82
N THR B 296 -45.41 -3.06 -7.94
CA THR B 296 -46.29 -3.35 -9.09
C THR B 296 -46.20 -4.82 -9.43
N ASN B 297 -44.99 -5.37 -9.65
CA ASN B 297 -44.82 -6.77 -10.11
C ASN B 297 -45.32 -7.71 -9.01
N LEU B 298 -45.14 -7.28 -7.76
CA LEU B 298 -45.57 -8.01 -6.54
C LEU B 298 -47.10 -8.00 -6.44
N PHE B 299 -47.75 -6.84 -6.60
CA PHE B 299 -49.22 -6.70 -6.63
C PHE B 299 -49.79 -7.61 -7.72
N ALA B 300 -49.11 -7.73 -8.85
CA ALA B 300 -49.56 -8.55 -9.99
C ALA B 300 -49.46 -10.03 -9.62
N ARG B 301 -48.41 -10.47 -8.93
CA ARG B 301 -48.20 -11.93 -8.68
C ARG B 301 -48.98 -12.36 -7.43
N THR B 302 -49.08 -11.53 -6.39
CA THR B 302 -49.84 -11.94 -5.17
C THR B 302 -51.36 -11.93 -5.48
N GLY B 303 -51.81 -11.00 -6.33
CA GLY B 303 -53.22 -10.54 -6.42
C GLY B 303 -53.59 -9.54 -5.31
N TRP B 304 -52.62 -8.89 -4.67
CA TRP B 304 -52.89 -7.83 -3.67
C TRP B 304 -52.98 -6.50 -4.41
N SER B 305 -53.57 -5.51 -3.76
CA SER B 305 -53.55 -4.07 -4.15
C SER B 305 -53.01 -3.29 -2.96
N LYS B 306 -52.59 -2.05 -3.20
CA LYS B 306 -52.07 -1.12 -2.17
C LYS B 306 -53.01 -1.19 -0.94
N ASP B 307 -54.34 -1.19 -1.15
CA ASP B 307 -55.40 -1.04 -0.12
C ASP B 307 -55.50 -2.30 0.76
N ASP B 308 -54.96 -3.45 0.33
CA ASP B 308 -54.89 -4.69 1.16
C ASP B 308 -53.73 -4.60 2.16
N VAL B 309 -52.84 -3.59 2.05
CA VAL B 309 -51.55 -3.53 2.81
C VAL B 309 -51.74 -2.65 4.03
N ASP B 310 -51.50 -3.17 5.25
CA ASP B 310 -51.72 -2.40 6.51
C ASP B 310 -50.48 -1.53 6.78
N LEU B 311 -49.26 -2.03 6.52
CA LEU B 311 -47.95 -1.34 6.75
C LEU B 311 -46.95 -1.58 5.60
N PHE B 312 -46.10 -0.59 5.32
CA PHE B 312 -45.04 -0.63 4.29
C PHE B 312 -43.67 -0.36 4.93
N GLU B 313 -42.65 -1.12 4.49
CA GLU B 313 -41.23 -0.77 4.71
C GLU B 313 -40.55 -0.67 3.34
N ILE B 314 -40.16 0.56 3.00
CA ILE B 314 -39.60 1.03 1.71
C ILE B 314 -38.32 1.76 2.12
N ASN B 315 -37.17 1.09 1.98
CA ASN B 315 -35.90 1.54 2.58
C ASN B 315 -35.58 2.96 2.12
N GLU B 316 -35.17 3.83 3.06
CA GLU B 316 -34.85 5.25 2.77
C GLU B 316 -33.40 5.36 2.27
N ALA B 317 -32.97 4.64 1.23
CA ALA B 317 -31.65 4.90 0.64
C ALA B 317 -31.53 6.42 0.49
N PHE B 318 -32.56 7.02 -0.08
CA PHE B 318 -32.74 8.48 -0.17
C PHE B 318 -34.17 8.75 0.27
N ALA B 319 -34.44 9.88 0.92
CA ALA B 319 -35.83 10.24 1.28
C ALA B 319 -36.71 10.28 0.00
N MET B 320 -36.21 10.77 -1.14
CA MET B 320 -37.00 10.78 -2.41
C MET B 320 -37.31 9.35 -2.89
N VAL B 321 -36.60 8.31 -2.47
CA VAL B 321 -36.96 6.94 -2.92
C VAL B 321 -38.37 6.61 -2.37
N THR B 322 -38.55 6.79 -1.06
CA THR B 322 -39.79 6.42 -0.34
C THR B 322 -40.91 7.39 -0.73
N MET B 323 -40.59 8.68 -0.78
CA MET B 323 -41.49 9.75 -1.28
C MET B 323 -42.02 9.36 -2.68
N LEU B 324 -41.12 9.05 -3.62
CA LEU B 324 -41.54 8.84 -5.04
C LEU B 324 -42.34 7.55 -5.10
N ALA B 325 -41.96 6.51 -4.36
CA ALA B 325 -42.71 5.25 -4.30
C ALA B 325 -44.10 5.51 -3.68
N MET B 326 -44.17 6.37 -2.66
CA MET B 326 -45.42 6.73 -1.95
C MET B 326 -46.33 7.48 -2.91
N ARG B 327 -45.79 8.42 -3.70
CA ARG B 327 -46.58 9.26 -4.64
C ARG B 327 -47.14 8.39 -5.75
N GLU B 328 -46.28 7.61 -6.41
CA GLU B 328 -46.66 6.79 -7.58
C GLU B 328 -47.71 5.75 -7.17
N HIS B 329 -47.60 5.15 -5.96
CA HIS B 329 -48.51 4.06 -5.54
C HIS B 329 -49.66 4.67 -4.73
N GLY B 330 -49.60 5.96 -4.39
CA GLY B 330 -50.67 6.62 -3.60
C GLY B 330 -50.77 6.01 -2.22
N LEU B 331 -49.67 6.03 -1.45
CA LEU B 331 -49.61 5.39 -0.11
C LEU B 331 -49.70 6.50 0.95
N ASP B 332 -50.30 6.16 2.08
CA ASP B 332 -50.46 7.05 3.25
C ASP B 332 -49.13 7.03 4.04
N HIS B 333 -48.40 8.16 4.13
CA HIS B 333 -47.14 8.25 4.90
C HIS B 333 -47.32 7.60 6.30
N ALA B 334 -48.53 7.59 6.86
CA ALA B 334 -48.82 7.06 8.20
C ALA B 334 -48.66 5.53 8.21
N LYS B 335 -48.81 4.85 7.07
CA LYS B 335 -48.68 3.36 6.93
C LYS B 335 -47.29 2.95 6.42
N VAL B 336 -46.32 3.89 6.36
CA VAL B 336 -45.01 3.67 5.70
C VAL B 336 -43.85 4.05 6.64
N ASN B 337 -43.05 3.06 7.05
CA ASN B 337 -41.82 3.27 7.86
C ASN B 337 -42.25 3.92 9.17
N VAL B 338 -43.07 3.22 9.96
CA VAL B 338 -43.79 3.85 11.11
C VAL B 338 -42.78 4.14 12.23
N TYR B 339 -41.70 3.35 12.31
CA TYR B 339 -40.61 3.61 13.29
C TYR B 339 -39.39 4.21 12.59
N GLY B 340 -39.59 4.94 11.50
CA GLY B 340 -38.52 5.72 10.85
C GLY B 340 -37.81 4.81 9.85
N GLY B 341 -36.68 5.28 9.30
CA GLY B 341 -35.91 4.48 8.33
C GLY B 341 -34.44 4.88 8.30
N ALA B 342 -33.78 4.67 7.16
CA ALA B 342 -32.31 4.69 6.98
C ALA B 342 -31.80 6.15 6.92
N CYS B 343 -32.65 7.14 6.64
CA CYS B 343 -32.22 8.56 6.72
C CYS B 343 -31.78 8.88 8.16
N ALA B 344 -32.32 8.18 9.15
CA ALA B 344 -32.01 8.43 10.56
C ALA B 344 -31.01 7.39 11.07
N GLN B 345 -31.20 6.13 10.66
CA GLN B 345 -30.53 4.95 11.25
C GLN B 345 -29.22 4.66 10.51
N GLY B 346 -29.19 4.87 9.19
CA GLY B 346 -28.12 4.30 8.33
C GLY B 346 -28.63 3.16 7.44
N HIS B 347 -27.75 2.68 6.55
CA HIS B 347 -27.99 1.61 5.54
C HIS B 347 -26.79 0.70 5.57
N PRO B 348 -26.71 -0.34 6.42
CA PRO B 348 -25.62 -1.32 6.30
C PRO B 348 -25.99 -2.20 5.09
N VAL B 349 -25.23 -2.07 4.00
CA VAL B 349 -25.66 -2.40 2.61
C VAL B 349 -26.21 -3.83 2.55
N GLY B 350 -25.41 -4.81 2.98
CA GLY B 350 -25.73 -6.25 2.90
C GLY B 350 -26.82 -6.72 3.87
N SER B 351 -27.08 -5.97 4.96
CA SER B 351 -28.05 -6.31 6.05
C SER B 351 -29.45 -5.75 5.76
N THR B 352 -29.54 -4.53 5.27
CA THR B 352 -30.82 -3.77 5.19
C THR B 352 -31.97 -4.58 4.57
N GLY B 353 -31.75 -5.33 3.50
CA GLY B 353 -32.81 -6.02 2.76
C GLY B 353 -33.60 -6.97 3.65
N SER B 354 -32.88 -7.76 4.47
CA SER B 354 -33.51 -8.67 5.47
C SER B 354 -33.96 -7.91 6.74
N ARG B 355 -33.36 -6.76 7.05
CA ARG B 355 -33.63 -5.99 8.30
C ARG B 355 -35.05 -5.42 8.23
N ILE B 356 -35.37 -4.72 7.14
CA ILE B 356 -36.71 -4.11 6.95
C ILE B 356 -37.76 -5.23 6.96
N ILE B 357 -37.41 -6.47 6.60
CA ILE B 357 -38.39 -7.57 6.73
C ILE B 357 -38.70 -7.78 8.22
N LEU B 358 -37.67 -7.80 9.08
CA LEU B 358 -37.88 -8.00 10.54
C LEU B 358 -38.62 -6.81 11.16
N THR B 359 -38.26 -5.59 10.77
CA THR B 359 -38.90 -4.34 11.26
C THR B 359 -40.36 -4.35 10.80
N LEU B 360 -40.64 -4.65 9.53
CA LEU B 360 -42.04 -4.74 9.05
C LEU B 360 -42.86 -5.67 9.94
N ILE B 361 -42.30 -6.79 10.39
CA ILE B 361 -43.02 -7.84 11.17
C ILE B 361 -43.30 -7.31 12.58
N ASN B 362 -42.28 -6.79 13.26
CA ASN B 362 -42.40 -6.14 14.60
C ASN B 362 -43.45 -5.02 14.53
N ALA B 363 -43.50 -4.27 13.43
CA ALA B 363 -44.39 -3.10 13.31
C ALA B 363 -45.83 -3.59 13.20
N LEU B 364 -46.07 -4.67 12.46
CA LEU B 364 -47.44 -5.22 12.27
C LEU B 364 -47.95 -5.78 13.60
N ARG B 365 -47.06 -6.40 14.39
CA ARG B 365 -47.40 -7.08 15.67
C ARG B 365 -47.85 -6.04 16.72
N GLN B 366 -47.13 -4.91 16.81
CA GLN B 366 -47.32 -3.86 17.84
C GLN B 366 -48.36 -2.84 17.37
N LYS B 367 -48.41 -2.47 16.08
CA LYS B 367 -49.41 -1.48 15.56
C LYS B 367 -50.71 -2.21 15.22
N GLY B 368 -50.70 -3.54 15.16
CA GLY B 368 -51.92 -4.35 15.06
C GLY B 368 -52.41 -4.36 13.62
N GLY B 369 -51.54 -4.74 12.69
CA GLY B 369 -51.90 -5.08 11.30
C GLY B 369 -51.64 -6.54 10.98
N LYS B 370 -51.83 -6.91 9.71
CA LYS B 370 -51.69 -8.30 9.22
C LYS B 370 -50.80 -8.36 7.97
N ARG B 371 -51.04 -7.48 6.99
CA ARG B 371 -50.43 -7.55 5.64
C ARG B 371 -49.42 -6.43 5.51
N GLY B 372 -48.18 -6.81 5.20
CA GLY B 372 -47.06 -5.89 4.99
C GLY B 372 -46.30 -6.14 3.70
N VAL B 373 -45.71 -5.06 3.18
CA VAL B 373 -44.82 -5.07 1.98
C VAL B 373 -43.53 -4.36 2.35
N ALA B 374 -42.42 -5.09 2.27
CA ALA B 374 -41.04 -4.60 2.33
C ALA B 374 -40.51 -4.50 0.91
N SER B 375 -39.87 -3.40 0.58
CA SER B 375 -39.24 -3.13 -0.73
C SER B 375 -38.01 -2.22 -0.54
N LEU B 376 -36.95 -2.43 -1.32
CA LEU B 376 -35.84 -1.44 -1.34
C LEU B 376 -35.25 -1.35 -2.74
N CYS B 377 -34.66 -0.20 -3.01
CA CYS B 377 -33.91 0.03 -4.27
C CYS B 377 -32.49 -0.55 -4.15
N ILE B 378 -31.85 -0.86 -5.29
CA ILE B 378 -30.55 -1.61 -5.43
C ILE B 378 -29.65 -0.91 -6.45
N GLY B 379 -28.45 -0.48 -6.05
CA GLY B 379 -27.37 -0.06 -6.95
C GLY B 379 -27.26 -1.03 -8.12
N GLY B 380 -27.22 -0.48 -9.35
CA GLY B 380 -27.18 -1.20 -10.64
C GLY B 380 -28.55 -1.18 -11.32
N GLY B 381 -29.57 -0.62 -10.64
CA GLY B 381 -30.85 -0.28 -11.28
C GLY B 381 -31.99 -1.21 -10.90
N GLU B 382 -31.92 -1.89 -9.75
CA GLU B 382 -32.86 -2.98 -9.44
C GLU B 382 -33.67 -2.65 -8.18
N ALA B 383 -34.57 -3.56 -7.82
CA ALA B 383 -35.38 -3.49 -6.57
C ALA B 383 -36.02 -4.85 -6.34
N THR B 384 -36.20 -5.19 -5.07
CA THR B 384 -36.92 -6.40 -4.61
C THR B 384 -38.05 -5.95 -3.69
N ALA B 385 -39.08 -6.79 -3.59
CA ALA B 385 -40.26 -6.57 -2.73
C ALA B 385 -40.66 -7.92 -2.16
N VAL B 386 -41.20 -7.90 -0.94
CA VAL B 386 -41.72 -9.12 -0.28
C VAL B 386 -43.10 -8.81 0.25
N ALA B 387 -44.02 -9.75 0.03
CA ALA B 387 -45.36 -9.79 0.64
C ALA B 387 -45.35 -10.75 1.85
N LEU B 388 -45.79 -10.22 3.00
CA LEU B 388 -45.90 -10.85 4.34
C LEU B 388 -47.36 -10.78 4.81
N GLU B 389 -47.82 -11.76 5.60
CA GLU B 389 -48.92 -11.52 6.59
C GLU B 389 -48.61 -12.27 7.89
N LEU B 390 -49.05 -11.70 9.02
CA LEU B 390 -48.92 -12.35 10.36
C LEU B 390 -49.87 -13.55 10.40
N LEU B 391 -49.57 -14.56 11.24
CA LEU B 391 -50.46 -15.73 11.50
C LEU B 391 -51.31 -15.50 12.77
N SER C 2 48.23 20.06 2.32
CA SER C 2 47.34 21.14 1.80
C SER C 2 46.78 20.75 0.44
N ASP C 3 47.63 20.40 -0.51
CA ASP C 3 47.16 19.87 -1.81
C ASP C 3 46.46 18.54 -1.52
N ILE C 4 45.23 18.43 -2.02
CA ILE C 4 44.32 17.26 -1.83
C ILE C 4 44.40 16.42 -3.10
N VAL C 5 44.81 15.16 -2.99
CA VAL C 5 44.99 14.23 -4.15
C VAL C 5 43.89 13.18 -4.14
N ILE C 6 43.51 12.69 -5.31
CA ILE C 6 42.65 11.48 -5.45
C ILE C 6 43.60 10.33 -5.68
N VAL C 7 43.51 9.29 -4.86
CA VAL C 7 44.49 8.17 -4.76
C VAL C 7 43.98 7.04 -5.65
N ALA C 8 42.66 6.85 -5.73
CA ALA C 8 42.05 5.70 -6.40
C ALA C 8 40.54 5.85 -6.41
N GLY C 9 39.90 5.10 -7.30
CA GLY C 9 38.43 5.00 -7.24
C GLY C 9 37.90 3.90 -8.11
N ALA C 10 36.59 3.70 -8.02
CA ALA C 10 35.88 2.68 -8.79
C ALA C 10 34.41 3.03 -8.83
N ARG C 11 33.77 2.56 -9.87
CA ARG C 11 32.33 2.67 -10.09
C ARG C 11 31.86 1.28 -10.46
N THR C 12 30.61 0.96 -10.15
CA THR C 12 29.94 -0.22 -10.73
C THR C 12 29.56 0.15 -12.16
N PRO C 13 29.28 -0.89 -13.01
CA PRO C 13 28.48 -0.70 -14.21
C PRO C 13 27.26 0.13 -13.80
N MET C 14 26.68 0.90 -14.73
CA MET C 14 25.35 1.53 -14.56
C MET C 14 24.32 0.55 -15.16
N GLY C 15 23.24 0.30 -14.42
CA GLY C 15 22.19 -0.65 -14.84
C GLY C 15 20.96 0.08 -15.37
N GLY C 16 20.32 -0.43 -16.41
CA GLY C 16 18.99 0.08 -16.82
C GLY C 16 17.97 -0.04 -15.70
N PHE C 17 16.88 0.73 -15.82
CA PHE C 17 15.74 0.72 -14.88
C PHE C 17 15.16 -0.70 -14.86
N GLN C 18 15.08 -1.32 -13.67
CA GLN C 18 14.61 -2.72 -13.50
C GLN C 18 15.48 -3.63 -14.39
N GLY C 19 16.74 -3.24 -14.61
CA GLY C 19 17.69 -3.94 -15.48
C GLY C 19 18.61 -4.83 -14.67
N SER C 20 19.92 -4.82 -14.98
CA SER C 20 20.91 -5.86 -14.57
C SER C 20 21.33 -5.73 -13.10
N LEU C 21 21.10 -4.57 -12.46
CA LEU C 21 21.46 -4.33 -11.04
C LEU C 21 20.20 -4.14 -10.17
N ALA C 22 19.04 -4.53 -10.68
CA ALA C 22 17.71 -4.46 -10.01
C ALA C 22 17.73 -5.37 -8.77
N GLY C 23 18.42 -6.51 -8.85
CA GLY C 23 18.62 -7.43 -7.71
C GLY C 23 19.52 -6.87 -6.62
N VAL C 24 20.17 -5.71 -6.81
CA VAL C 24 21.19 -5.21 -5.84
C VAL C 24 20.76 -3.87 -5.27
N SER C 25 20.64 -3.81 -3.94
CA SER C 25 20.32 -2.59 -3.15
C SER C 25 21.38 -1.49 -3.41
N ALA C 26 21.02 -0.23 -3.14
CA ALA C 26 21.94 0.91 -3.38
C ALA C 26 23.13 0.78 -2.43
N VAL C 27 22.88 0.19 -1.25
CA VAL C 27 23.86 -0.05 -0.15
C VAL C 27 24.89 -1.04 -0.67
N ASP C 28 24.45 -2.14 -1.25
CA ASP C 28 25.38 -3.19 -1.78
C ASP C 28 26.16 -2.62 -2.97
N LEU C 29 25.56 -1.79 -3.83
CA LEU C 29 26.33 -1.18 -4.96
C LEU C 29 27.40 -0.27 -4.36
N GLY C 30 27.02 0.58 -3.39
CA GLY C 30 27.97 1.41 -2.62
C GLY C 30 29.12 0.57 -2.07
N ALA C 31 28.78 -0.44 -1.27
CA ALA C 31 29.74 -1.33 -0.57
C ALA C 31 30.79 -1.81 -1.59
N VAL C 32 30.37 -2.26 -2.77
CA VAL C 32 31.24 -2.82 -3.86
C VAL C 32 32.23 -1.75 -4.36
N ALA C 33 31.75 -0.55 -4.65
CA ALA C 33 32.58 0.62 -5.09
C ALA C 33 33.58 0.97 -3.98
N ILE C 34 33.14 1.01 -2.73
CA ILE C 34 34.01 1.49 -1.64
C ILE C 34 35.13 0.47 -1.45
N ARG C 35 34.74 -0.80 -1.32
CA ARG C 35 35.64 -1.96 -1.19
C ARG C 35 36.69 -1.85 -2.26
N GLU C 36 36.27 -1.73 -3.52
CA GLU C 36 37.24 -1.74 -4.64
C GLU C 36 38.15 -0.50 -4.59
N ALA C 37 37.62 0.69 -4.25
CA ALA C 37 38.38 1.97 -4.20
C ALA C 37 39.46 1.89 -3.10
N VAL C 38 39.08 1.39 -1.92
CA VAL C 38 40.05 1.13 -0.82
C VAL C 38 41.14 0.17 -1.33
N GLN C 39 40.78 -0.95 -1.94
CA GLN C 39 41.77 -1.96 -2.39
C GLN C 39 42.72 -1.30 -3.42
N ARG C 40 42.20 -0.65 -4.46
CA ARG C 40 42.99 0.05 -5.50
C ARG C 40 43.91 1.11 -4.90
N ALA C 41 43.54 1.70 -3.74
CA ALA C 41 44.21 2.86 -3.11
C ALA C 41 45.49 2.41 -2.41
N GLY C 42 45.66 1.10 -2.20
CA GLY C 42 46.82 0.50 -1.54
C GLY C 42 46.89 0.89 -0.06
N ILE C 43 45.76 0.73 0.63
CA ILE C 43 45.62 0.99 2.09
C ILE C 43 44.78 -0.16 2.65
N ALA C 44 44.78 -0.37 3.95
CA ALA C 44 43.92 -1.39 4.59
C ALA C 44 42.59 -0.69 4.90
N ALA C 45 41.52 -1.46 5.07
CA ALA C 45 40.17 -0.96 5.42
C ALA C 45 40.26 0.03 6.60
N GLU C 46 41.13 -0.28 7.57
CA GLU C 46 41.22 0.34 8.92
C GLU C 46 41.69 1.80 8.82
N ASP C 47 42.40 2.18 7.75
CA ASP C 47 43.00 3.52 7.50
C ASP C 47 41.95 4.59 7.16
N VAL C 48 40.79 4.16 6.65
CA VAL C 48 39.71 5.11 6.24
C VAL C 48 39.13 5.71 7.53
N GLN C 49 39.27 7.02 7.64
CA GLN C 49 38.91 7.79 8.85
C GLN C 49 37.44 8.18 8.78
N GLU C 50 37.01 8.75 7.66
CA GLU C 50 35.60 9.22 7.49
C GLU C 50 35.15 8.83 6.07
N VAL C 51 33.94 8.31 5.97
CA VAL C 51 33.20 8.07 4.70
C VAL C 51 32.14 9.14 4.51
N ILE C 52 32.03 9.76 3.33
CA ILE C 52 30.80 10.50 2.90
C ILE C 52 30.32 9.94 1.56
N MET C 53 29.05 9.48 1.54
CA MET C 53 28.38 8.89 0.36
C MET C 53 27.10 9.68 0.04
N GLY C 54 26.94 10.14 -1.20
CA GLY C 54 25.71 10.76 -1.71
C GLY C 54 24.59 9.74 -1.96
N CYS C 55 23.34 10.10 -1.70
CA CYS C 55 22.19 9.22 -2.02
C CYS C 55 20.87 10.00 -1.90
N VAL C 56 20.14 10.07 -3.01
CA VAL C 56 19.03 11.06 -3.22
C VAL C 56 17.71 10.44 -2.76
N LEU C 57 17.61 9.11 -2.87
CA LEU C 57 16.40 8.28 -2.64
C LEU C 57 16.65 7.26 -1.53
N PRO C 58 16.63 7.70 -0.25
CA PRO C 58 17.00 6.84 0.88
C PRO C 58 15.86 6.05 1.55
N ALA C 59 14.60 6.31 1.19
CA ALA C 59 13.44 5.60 1.74
C ALA C 59 13.60 4.11 1.42
N GLY C 60 13.35 3.26 2.42
CA GLY C 60 13.45 1.80 2.29
C GLY C 60 14.87 1.28 2.30
N LEU C 61 15.90 2.13 2.47
CA LEU C 61 17.32 1.70 2.45
C LEU C 61 17.73 1.27 3.86
N LYS C 62 16.89 1.59 4.85
CA LYS C 62 17.14 1.36 6.30
C LYS C 62 18.19 2.35 6.87
N GLN C 63 18.48 2.22 8.16
CA GLN C 63 19.20 3.26 8.96
C GLN C 63 20.65 3.40 8.46
N GLY C 64 20.95 4.58 7.91
CA GLY C 64 22.29 5.13 7.60
C GLY C 64 22.86 4.57 6.30
N PRO C 65 22.25 4.82 5.13
CA PRO C 65 22.74 4.19 3.90
C PRO C 65 24.29 4.19 3.79
N ALA C 66 24.98 5.28 4.15
CA ALA C 66 26.47 5.36 4.02
C ALA C 66 27.13 4.40 5.03
N ARG C 67 26.55 4.33 6.21
CA ARG C 67 27.04 3.49 7.31
C ARG C 67 26.87 2.04 6.86
N GLN C 68 25.73 1.68 6.31
CA GLN C 68 25.53 0.26 5.88
C GLN C 68 26.57 -0.06 4.80
N ALA C 69 26.68 0.82 3.81
CA ALA C 69 27.59 0.67 2.66
C ALA C 69 29.03 0.45 3.14
N ALA C 70 29.54 1.28 4.07
CA ALA C 70 30.91 1.23 4.64
C ALA C 70 31.18 -0.11 5.31
N LEU C 71 30.29 -0.59 6.15
CA LEU C 71 30.50 -1.84 6.92
C LEU C 71 30.53 -3.00 5.94
N ALA C 72 29.62 -3.05 4.97
CA ALA C 72 29.54 -4.18 4.01
C ALA C 72 30.66 -4.06 2.99
N ALA C 73 31.33 -2.90 2.86
CA ALA C 73 32.59 -2.75 2.08
C ALA C 73 33.75 -3.35 2.88
N GLY C 74 33.50 -3.67 4.15
CA GLY C 74 34.48 -4.18 5.11
C GLY C 74 35.29 -3.09 5.78
N LEU C 75 34.80 -1.85 5.81
CA LEU C 75 35.33 -0.76 6.69
C LEU C 75 34.87 -1.00 8.13
N PRO C 76 35.77 -0.85 9.12
CA PRO C 76 35.44 -1.14 10.52
C PRO C 76 34.50 -0.08 11.08
N ALA C 77 33.77 -0.47 12.13
CA ALA C 77 32.88 0.37 12.94
C ALA C 77 33.57 1.68 13.28
N ALA C 78 34.92 1.71 13.40
CA ALA C 78 35.70 2.92 13.79
C ALA C 78 35.75 3.97 12.66
N THR C 79 35.27 3.65 11.47
CA THR C 79 35.15 4.62 10.33
C THR C 79 33.81 5.36 10.42
N GLY C 80 33.82 6.64 10.75
CA GLY C 80 32.57 7.41 10.85
C GLY C 80 32.05 7.69 9.47
N CYS C 81 30.72 7.65 9.30
CA CYS C 81 29.96 7.71 8.02
C CYS C 81 28.87 8.78 8.08
N THR C 82 28.67 9.50 6.96
CA THR C 82 27.57 10.45 6.70
C THR C 82 27.02 10.26 5.28
N THR C 83 25.69 10.11 5.13
CA THR C 83 24.96 10.11 3.84
C THR C 83 24.52 11.55 3.49
N ILE C 84 24.69 11.97 2.24
CA ILE C 84 24.33 13.38 1.87
C ILE C 84 23.43 13.35 0.62
N ASN C 85 22.61 14.39 0.49
CA ASN C 85 21.66 14.60 -0.62
C ASN C 85 21.76 16.07 -1.08
N LYS C 86 22.40 16.27 -2.24
CA LYS C 86 22.42 17.53 -3.02
C LYS C 86 21.90 17.17 -4.41
N LEU C 87 20.88 16.31 -4.43
CA LEU C 87 20.24 15.73 -5.64
C LEU C 87 21.31 15.18 -6.59
N CYS C 88 21.12 15.40 -7.90
CA CYS C 88 22.01 15.04 -9.03
C CYS C 88 23.49 15.25 -8.69
N GLY C 89 23.84 16.24 -7.88
CA GLY C 89 25.25 16.60 -7.55
C GLY C 89 25.82 15.87 -6.34
N SER C 90 25.00 15.11 -5.61
CA SER C 90 25.38 14.49 -4.33
C SER C 90 26.78 13.89 -4.43
N GLY C 91 27.03 13.11 -5.49
CA GLY C 91 28.32 12.42 -5.65
C GLY C 91 29.49 13.38 -5.67
N MET C 92 29.38 14.50 -6.38
CA MET C 92 30.48 15.50 -6.45
C MET C 92 30.55 16.21 -5.09
N LYS C 93 29.40 16.63 -4.55
CA LYS C 93 29.34 17.32 -3.24
C LYS C 93 30.07 16.45 -2.20
N ALA C 94 29.98 15.11 -2.30
CA ALA C 94 30.66 14.17 -1.39
C ALA C 94 32.20 14.33 -1.54
N VAL C 95 32.69 14.39 -2.76
CA VAL C 95 34.14 14.63 -3.03
C VAL C 95 34.49 16.05 -2.56
N MET C 96 33.61 17.04 -2.69
CA MET C 96 33.89 18.45 -2.28
C MET C 96 33.92 18.60 -0.76
N LEU C 97 33.02 17.96 -0.01
CA LEU C 97 33.12 17.88 1.47
C LEU C 97 34.38 17.12 1.89
N ALA C 98 34.64 15.93 1.36
CA ALA C 98 35.89 15.23 1.73
C ALA C 98 37.03 16.24 1.58
N HIS C 99 37.17 16.84 0.39
CA HIS C 99 38.20 17.88 0.06
C HIS C 99 38.32 18.93 1.19
N ASP C 100 37.23 19.56 1.60
CA ASP C 100 37.29 20.68 2.59
C ASP C 100 37.67 20.12 3.97
N LEU C 101 37.25 18.89 4.28
CA LEU C 101 37.56 18.25 5.58
C LEU C 101 39.06 17.93 5.62
N LEU C 102 39.65 17.56 4.48
CA LEU C 102 41.10 17.25 4.40
C LEU C 102 41.90 18.55 4.50
N LYS C 103 41.45 19.64 3.85
CA LYS C 103 42.11 20.99 3.98
C LYS C 103 41.89 21.57 5.38
N ALA C 104 40.77 21.31 6.03
CA ALA C 104 40.50 21.73 7.42
C ALA C 104 41.36 20.93 8.41
N GLY C 105 41.96 19.83 7.98
CA GLY C 105 42.81 18.99 8.85
C GLY C 105 41.99 18.09 9.77
N THR C 106 40.69 17.94 9.51
CA THR C 106 39.82 17.01 10.27
C THR C 106 40.30 15.56 10.16
N ASN C 107 40.73 15.10 8.98
CA ASN C 107 41.21 13.70 8.69
C ASN C 107 42.33 13.77 7.65
N GLN C 108 42.92 12.61 7.28
CA GLN C 108 44.05 12.46 6.31
C GLN C 108 43.68 11.45 5.20
N VAL C 109 42.84 10.45 5.50
CA VAL C 109 42.30 9.50 4.48
C VAL C 109 40.76 9.47 4.56
N MET C 110 40.05 9.70 3.43
CA MET C 110 38.56 9.67 3.39
C MET C 110 38.06 8.91 2.15
N VAL C 111 36.88 8.31 2.24
CA VAL C 111 36.12 7.81 1.04
C VAL C 111 34.97 8.77 0.79
N ALA C 112 34.86 9.30 -0.44
CA ALA C 112 33.72 10.14 -0.88
C ALA C 112 33.15 9.59 -2.19
N GLY C 113 31.84 9.75 -2.40
CA GLY C 113 31.15 9.09 -3.51
C GLY C 113 29.64 9.06 -3.30
N GLY C 114 28.99 8.10 -3.90
CA GLY C 114 27.54 8.21 -4.15
C GLY C 114 26.99 6.91 -4.62
N MET C 115 25.71 6.70 -4.37
CA MET C 115 25.07 5.43 -4.75
C MET C 115 23.61 5.72 -5.00
N GLU C 116 23.03 5.02 -5.95
CA GLU C 116 21.58 5.05 -6.22
C GLU C 116 21.13 3.74 -6.83
N SER C 117 20.02 3.23 -6.31
CA SER C 117 19.20 2.19 -6.97
C SER C 117 17.82 2.79 -7.23
N MET C 118 17.64 3.40 -8.40
CA MET C 118 16.34 4.01 -8.78
C MET C 118 15.29 2.90 -8.97
N SER C 119 15.74 1.70 -9.37
CA SER C 119 14.93 0.47 -9.50
C SER C 119 14.28 0.08 -8.16
N ASN C 120 14.92 0.32 -7.02
CA ASN C 120 14.40 -0.16 -5.70
C ASN C 120 13.84 0.99 -4.86
N ALA C 121 13.60 2.18 -5.41
CA ALA C 121 12.85 3.22 -4.67
C ALA C 121 11.44 2.68 -4.44
N PRO C 122 10.98 2.71 -3.18
CA PRO C 122 9.65 2.23 -2.88
C PRO C 122 8.58 3.29 -3.23
N TYR C 123 7.32 2.98 -2.97
CA TYR C 123 6.19 3.97 -2.95
C TYR C 123 5.93 4.43 -1.50
N VAL C 124 5.33 5.60 -1.33
CA VAL C 124 5.00 6.12 0.03
C VAL C 124 3.52 6.47 0.12
N LEU C 125 2.92 6.23 1.28
CA LEU C 125 1.49 6.55 1.59
C LEU C 125 1.47 7.71 2.56
N GLU C 126 1.13 8.89 2.08
CA GLU C 126 1.27 10.11 2.93
C GLU C 126 0.17 10.14 4.03
N LYS C 127 -0.92 9.39 3.90
CA LYS C 127 -2.07 9.47 4.85
C LYS C 127 -2.31 8.13 5.58
N ALA C 128 -1.48 7.11 5.34
CA ALA C 128 -1.55 5.80 6.02
C ALA C 128 -1.59 5.97 7.56
N ARG C 129 -0.63 6.70 8.13
CA ARG C 129 -0.41 6.87 9.60
C ARG C 129 -1.69 7.40 10.27
N SER C 130 -2.20 8.53 9.80
CA SER C 130 -3.25 9.28 10.52
C SER C 130 -4.65 8.82 10.06
N GLY C 131 -4.73 8.12 8.92
CA GLY C 131 -5.97 7.54 8.35
C GLY C 131 -6.46 8.22 7.08
N LEU C 132 -6.81 7.41 6.06
CA LEU C 132 -7.45 7.91 4.80
C LEU C 132 -8.93 8.25 5.04
N ARG C 133 -9.56 7.55 6.00
CA ARG C 133 -10.89 7.91 6.55
C ARG C 133 -11.98 7.45 5.58
N MET C 134 -12.17 8.15 4.46
CA MET C 134 -13.25 7.91 3.49
C MET C 134 -12.70 8.32 2.13
N GLY C 135 -13.10 7.61 1.07
CA GLY C 135 -12.77 8.09 -0.29
C GLY C 135 -11.36 7.70 -0.67
N HIS C 136 -11.10 7.73 -1.99
CA HIS C 136 -9.86 7.24 -2.64
C HIS C 136 -8.72 8.18 -2.25
N GLY C 137 -7.49 7.67 -2.33
CA GLY C 137 -6.28 8.36 -1.88
C GLY C 137 -5.12 8.13 -2.84
N GLU C 138 -3.93 8.54 -2.39
CA GLU C 138 -2.72 8.70 -3.22
C GLU C 138 -1.64 7.72 -2.74
N ILE C 139 -0.98 7.04 -3.67
CA ILE C 139 0.32 6.36 -3.40
C ILE C 139 1.34 7.06 -4.30
N LYS C 140 2.37 7.62 -3.67
CA LYS C 140 3.36 8.51 -4.32
C LYS C 140 4.59 7.66 -4.68
N ASP C 141 5.11 7.88 -5.89
CA ASP C 141 6.42 7.37 -6.34
C ASP C 141 7.50 8.23 -5.66
N HIS C 142 8.31 7.62 -4.80
CA HIS C 142 9.37 8.25 -3.97
C HIS C 142 10.39 8.95 -4.86
N MET C 143 10.65 8.36 -6.04
CA MET C 143 11.73 8.76 -6.95
C MET C 143 11.31 10.04 -7.68
N PHE C 144 10.04 10.14 -8.06
CA PHE C 144 9.40 11.35 -8.63
C PHE C 144 9.23 12.41 -7.52
N LEU C 145 8.53 12.07 -6.43
CA LEU C 145 8.18 12.98 -5.29
C LEU C 145 9.42 13.68 -4.73
N ASP C 146 10.45 12.93 -4.34
CA ASP C 146 11.56 13.45 -3.50
C ASP C 146 12.87 13.51 -4.30
N GLY C 147 12.80 13.14 -5.59
CA GLY C 147 13.94 13.00 -6.51
C GLY C 147 13.78 13.88 -7.72
N LEU C 148 12.81 13.60 -8.62
CA LEU C 148 12.81 14.10 -10.02
C LEU C 148 11.93 15.35 -10.23
N GLU C 149 10.97 15.59 -9.32
CA GLU C 149 9.94 16.67 -9.36
C GLU C 149 10.39 17.87 -8.54
N ASP C 150 10.25 19.07 -9.14
CA ASP C 150 10.21 20.38 -8.43
C ASP C 150 9.15 20.28 -7.34
N ALA C 151 9.50 20.71 -6.14
CA ALA C 151 8.68 20.68 -4.90
C ALA C 151 7.56 21.73 -4.96
N ARG C 152 7.86 22.96 -5.37
CA ARG C 152 6.88 24.08 -5.36
C ARG C 152 5.80 23.79 -6.41
N THR C 153 6.16 23.41 -7.65
CA THR C 153 5.21 23.23 -8.77
C THR C 153 4.98 21.77 -9.20
N GLY C 154 5.55 20.76 -8.54
CA GLY C 154 5.36 19.33 -8.88
C GLY C 154 5.77 18.94 -10.31
N ARG C 155 6.43 19.80 -11.09
CA ARG C 155 6.80 19.53 -12.52
C ARG C 155 8.14 18.79 -12.60
N LEU C 156 8.19 17.73 -13.41
CA LEU C 156 9.40 16.90 -13.66
C LEU C 156 10.49 17.81 -14.18
N MET C 157 11.73 17.57 -13.77
CA MET C 157 12.90 18.40 -14.16
C MET C 157 12.94 18.44 -15.69
N GLY C 158 12.58 17.35 -16.33
CA GLY C 158 12.30 17.25 -17.77
C GLY C 158 11.51 18.41 -18.34
N SER C 159 10.35 18.78 -17.79
CA SER C 159 9.50 19.87 -18.35
C SER C 159 10.15 21.23 -18.14
N PHE C 160 11.08 21.36 -17.20
CA PHE C 160 11.92 22.60 -17.09
C PHE C 160 12.94 22.61 -18.24
N ALA C 161 13.60 21.46 -18.44
CA ALA C 161 14.64 21.25 -19.48
C ALA C 161 14.04 21.59 -20.86
N GLN C 162 12.74 21.33 -21.03
CA GLN C 162 12.02 21.54 -22.32
C GLN C 162 11.79 23.04 -22.54
N GLU C 163 11.53 23.83 -21.50
CA GLU C 163 11.25 25.27 -21.67
C GLU C 163 12.58 25.96 -22.03
N THR C 164 13.68 25.59 -21.36
CA THR C 164 15.05 26.08 -21.66
C THR C 164 15.51 25.70 -23.10
N ALA C 165 15.21 24.50 -23.60
CA ALA C 165 15.67 24.08 -24.94
C ALA C 165 14.96 24.91 -26.01
N ASP C 166 13.64 25.12 -25.88
CA ASP C 166 12.84 26.08 -26.70
C ASP C 166 13.43 27.50 -26.60
N LYS C 167 13.69 28.01 -25.40
CA LYS C 167 14.25 29.37 -25.21
C LYS C 167 15.57 29.54 -25.99
N TYR C 168 16.38 28.49 -26.18
CA TYR C 168 17.74 28.60 -26.76
C TYR C 168 17.74 28.12 -28.22
N GLY C 169 16.56 27.90 -28.78
CA GLY C 169 16.41 27.39 -30.16
C GLY C 169 17.13 26.07 -30.35
N VAL C 170 17.20 25.21 -29.32
CA VAL C 170 17.78 23.84 -29.46
C VAL C 170 16.73 22.97 -30.11
N THR C 171 17.12 22.15 -31.10
CA THR C 171 16.17 21.40 -31.96
C THR C 171 16.11 19.92 -31.56
N ARG C 172 15.05 19.23 -31.98
CA ARG C 172 14.86 17.77 -31.85
C ARG C 172 16.03 17.04 -32.51
N GLU C 173 16.36 17.41 -33.75
CA GLU C 173 17.42 16.78 -34.58
C GLU C 173 18.78 17.01 -33.90
N GLU C 174 19.07 18.23 -33.45
CA GLU C 174 20.32 18.58 -32.74
C GLU C 174 20.52 17.67 -31.51
N MET C 175 19.52 17.57 -30.65
CA MET C 175 19.61 16.80 -29.38
C MET C 175 19.72 15.31 -29.73
N ASP C 176 19.09 14.84 -30.83
CA ASP C 176 19.16 13.42 -31.28
C ASP C 176 20.58 13.13 -31.82
N ALA C 177 21.16 14.06 -32.58
CA ALA C 177 22.52 13.98 -33.12
C ALA C 177 23.52 13.87 -31.96
N TYR C 178 23.38 14.73 -30.94
CA TYR C 178 24.25 14.73 -29.72
C TYR C 178 24.13 13.37 -29.03
N ALA C 179 22.89 12.92 -28.80
CA ALA C 179 22.56 11.66 -28.11
C ALA C 179 23.04 10.44 -28.92
N ILE C 180 22.91 10.41 -30.24
CA ILE C 180 23.49 9.33 -31.10
C ILE C 180 25.02 9.26 -30.92
N GLU C 181 25.72 10.39 -31.02
CA GLU C 181 27.21 10.46 -30.91
C GLU C 181 27.61 9.96 -29.51
N SER C 182 26.93 10.33 -28.43
CA SER C 182 27.30 9.90 -27.06
C SER C 182 27.14 8.38 -26.99
N LEU C 183 26.06 7.86 -27.58
CA LEU C 183 25.80 6.41 -27.73
C LEU C 183 26.97 5.74 -28.44
N LYS C 184 27.39 6.26 -29.57
CA LYS C 184 28.44 5.56 -30.38
C LYS C 184 29.70 5.50 -29.53
N ARG C 185 30.09 6.61 -28.90
CA ARG C 185 31.29 6.73 -28.03
C ARG C 185 31.20 5.76 -26.86
N ALA C 186 30.03 5.63 -26.22
CA ALA C 186 29.79 4.70 -25.08
C ALA C 186 29.99 3.25 -25.56
N GLN C 187 29.41 2.89 -26.70
CA GLN C 187 29.61 1.58 -27.39
C GLN C 187 31.10 1.35 -27.67
N ALA C 188 31.79 2.30 -28.30
CA ALA C 188 33.23 2.17 -28.67
C ALA C 188 34.08 1.92 -27.42
N ALA C 189 33.81 2.70 -26.37
CA ALA C 189 34.53 2.65 -25.07
C ALA C 189 34.28 1.28 -24.40
N ILE C 190 33.07 0.75 -24.43
CA ILE C 190 32.82 -0.60 -23.84
C ILE C 190 33.64 -1.62 -24.64
N ALA C 191 33.49 -1.61 -25.96
CA ALA C 191 34.05 -2.57 -26.94
C ALA C 191 35.59 -2.64 -26.84
N ASP C 192 36.30 -1.49 -26.79
CA ASP C 192 37.78 -1.51 -26.80
C ASP C 192 38.34 -1.69 -25.38
N GLY C 193 37.51 -2.00 -24.37
CA GLY C 193 38.00 -2.22 -22.98
C GLY C 193 38.34 -0.93 -22.25
N SER C 194 38.10 0.25 -22.84
CA SER C 194 38.45 1.57 -22.24
C SER C 194 37.87 1.79 -20.83
N LEU C 195 36.65 1.29 -20.54
CA LEU C 195 35.94 1.65 -19.26
C LEU C 195 36.33 0.68 -18.14
N ALA C 196 36.90 -0.47 -18.48
CA ALA C 196 37.37 -1.53 -17.55
C ALA C 196 38.14 -0.90 -16.38
N ALA C 197 39.01 0.07 -16.64
CA ALA C 197 39.96 0.62 -15.66
C ALA C 197 39.20 1.48 -14.62
N GLU C 198 37.97 1.93 -14.92
CA GLU C 198 37.20 2.66 -13.88
C GLU C 198 36.12 1.74 -13.29
N ILE C 199 35.90 0.57 -13.86
CA ILE C 199 34.74 -0.28 -13.48
C ILE C 199 35.17 -1.30 -12.42
N VAL C 200 34.28 -1.63 -11.51
CA VAL C 200 34.35 -2.87 -10.70
C VAL C 200 33.14 -3.70 -11.09
N PRO C 201 33.30 -4.95 -11.55
CA PRO C 201 32.16 -5.81 -11.76
C PRO C 201 31.40 -6.05 -10.44
N VAL C 202 30.12 -6.38 -10.60
CA VAL C 202 29.16 -6.80 -9.54
C VAL C 202 28.70 -8.22 -9.88
N THR C 203 28.73 -9.18 -8.95
CA THR C 203 27.97 -10.44 -9.14
C THR C 203 26.58 -10.29 -8.49
N VAL C 204 25.54 -10.64 -9.25
CA VAL C 204 24.17 -10.94 -8.77
C VAL C 204 23.99 -12.46 -8.83
N GLY C 209 21.14 -18.80 -11.23
CA GLY C 209 21.01 -18.07 -9.95
C GLY C 209 22.01 -16.92 -9.85
N GLU C 210 23.24 -17.11 -10.37
CA GLU C 210 24.38 -16.17 -10.21
C GLU C 210 24.96 -15.76 -11.57
N SER C 211 25.66 -14.63 -11.60
CA SER C 211 25.88 -13.80 -12.81
C SER C 211 26.79 -12.60 -12.51
N VAL C 212 27.75 -12.30 -13.40
CA VAL C 212 28.71 -11.15 -13.28
C VAL C 212 28.30 -10.03 -14.25
N VAL C 213 27.88 -8.88 -13.76
CA VAL C 213 27.64 -7.68 -14.59
C VAL C 213 28.95 -6.88 -14.62
N LYS C 214 29.63 -6.82 -15.75
CA LYS C 214 30.95 -6.14 -15.84
C LYS C 214 30.87 -4.91 -16.79
N ASP C 215 29.81 -4.79 -17.61
CA ASP C 215 29.65 -3.75 -18.67
C ASP C 215 28.36 -2.97 -18.45
N ASP C 216 28.40 -1.65 -18.73
CA ASP C 216 27.21 -0.75 -18.74
C ASP C 216 26.13 -1.36 -19.64
N GLU C 217 24.95 -1.60 -19.10
CA GLU C 217 23.82 -2.25 -19.80
C GLU C 217 23.35 -1.39 -21.00
N GLN C 218 22.96 -0.14 -20.75
CA GLN C 218 22.01 0.62 -21.61
C GLN C 218 22.58 0.87 -23.01
N PRO C 219 23.89 1.18 -23.17
CA PRO C 219 24.44 1.39 -24.50
C PRO C 219 24.57 0.09 -25.33
N LEU C 220 24.54 -1.09 -24.71
CA LEU C 220 24.63 -2.39 -25.43
C LEU C 220 23.22 -2.87 -25.82
N THR C 221 22.15 -2.24 -25.28
CA THR C 221 20.74 -2.58 -25.63
C THR C 221 20.05 -1.54 -26.52
N ALA C 222 20.54 -0.30 -26.59
CA ALA C 222 19.86 0.83 -27.28
C ALA C 222 19.74 0.58 -28.79
N ASN C 223 18.64 0.99 -29.41
CA ASN C 223 18.52 1.01 -30.90
C ASN C 223 18.58 2.46 -31.39
N LEU C 224 19.73 2.84 -31.95
CA LEU C 224 20.04 4.18 -32.54
C LEU C 224 19.04 4.51 -33.66
N GLU C 225 18.45 3.49 -34.29
CA GLU C 225 17.55 3.62 -35.46
C GLU C 225 16.22 4.21 -34.99
N LYS C 226 15.74 3.85 -33.81
CA LYS C 226 14.38 4.24 -33.32
C LYS C 226 14.37 5.70 -32.80
N ILE C 227 15.55 6.32 -32.67
CA ILE C 227 15.75 7.58 -31.88
C ILE C 227 15.00 8.73 -32.54
N PRO C 228 15.03 8.91 -33.88
CA PRO C 228 14.35 10.03 -34.51
C PRO C 228 12.81 9.96 -34.47
N SER C 229 12.22 8.87 -33.95
CA SER C 229 10.76 8.63 -33.96
C SER C 229 10.19 8.51 -32.54
N LEU C 230 10.98 8.71 -31.48
CA LEU C 230 10.46 8.57 -30.08
C LEU C 230 9.48 9.72 -29.77
N ARG C 231 8.45 9.46 -28.95
CA ARG C 231 7.44 10.48 -28.52
C ARG C 231 8.12 11.45 -27.57
N PRO C 232 7.74 12.76 -27.55
CA PRO C 232 8.22 13.68 -26.51
C PRO C 232 7.80 13.19 -25.12
N ALA C 233 8.74 13.16 -24.19
CA ALA C 233 8.65 12.48 -22.89
C ALA C 233 8.01 13.39 -21.84
N PHE C 234 8.18 14.71 -21.93
CA PHE C 234 7.92 15.65 -20.80
C PHE C 234 6.86 16.69 -21.16
N ARG C 235 6.53 16.84 -22.43
CA ARG C 235 5.47 17.77 -22.88
C ARG C 235 4.94 17.34 -24.25
N LYS C 236 3.63 17.22 -24.41
CA LYS C 236 2.99 16.93 -25.72
C LYS C 236 3.60 17.86 -26.79
N ASP C 237 4.01 17.26 -27.93
CA ASP C 237 4.64 17.90 -29.13
C ASP C 237 5.90 18.66 -28.74
N GLY C 238 6.62 18.18 -27.71
CA GLY C 238 7.94 18.68 -27.27
C GLY C 238 9.07 18.10 -28.13
N THR C 239 10.31 18.36 -27.75
CA THR C 239 11.50 17.93 -28.54
C THR C 239 12.38 16.96 -27.71
N ILE C 240 12.23 16.96 -26.37
CA ILE C 240 13.05 16.08 -25.47
C ILE C 240 12.32 14.75 -25.27
N THR C 241 13.08 13.68 -25.42
CA THR C 241 12.65 12.25 -25.45
C THR C 241 13.41 11.47 -24.37
N ALA C 242 13.04 10.22 -24.20
CA ALA C 242 13.72 9.19 -23.38
C ALA C 242 15.21 9.11 -23.73
N ALA C 243 15.55 9.15 -25.03
CA ALA C 243 16.93 8.92 -25.56
C ALA C 243 17.78 10.20 -25.52
N ASN C 244 17.21 11.42 -25.63
CA ASN C 244 18.01 12.67 -25.62
C ASN C 244 17.98 13.31 -24.22
N ALA C 245 17.30 12.65 -23.27
CA ALA C 245 17.44 12.83 -21.80
C ALA C 245 18.07 11.55 -21.25
N SER C 246 18.81 11.66 -20.15
CA SER C 246 19.41 10.47 -19.46
C SER C 246 18.29 9.61 -18.83
N SER C 247 18.50 8.30 -18.83
CA SER C 247 17.54 7.29 -18.32
C SER C 247 17.80 7.07 -16.84
N ILE C 248 16.71 6.71 -16.16
CA ILE C 248 16.67 6.16 -14.78
C ILE C 248 17.60 4.95 -14.70
N SER C 249 18.42 4.94 -13.66
CA SER C 249 19.57 4.01 -13.62
C SER C 249 20.02 3.73 -12.18
N ASP C 250 20.79 2.64 -12.07
CA ASP C 250 21.38 2.05 -10.85
C ASP C 250 22.89 2.02 -11.01
N GLY C 251 23.59 2.49 -10.00
CA GLY C 251 25.06 2.51 -9.96
C GLY C 251 25.57 3.12 -8.66
N ALA C 252 26.83 2.89 -8.38
CA ALA C 252 27.56 3.51 -7.27
C ALA C 252 28.96 3.90 -7.74
N SER C 253 29.56 4.89 -7.09
CA SER C 253 30.95 5.35 -7.37
C SER C 253 31.59 5.71 -6.05
N ALA C 254 32.93 5.68 -5.97
CA ALA C 254 33.66 5.99 -4.74
C ALA C 254 35.10 6.39 -5.05
N LEU C 255 35.63 7.40 -4.37
CA LEU C 255 37.07 7.78 -4.41
C LEU C 255 37.70 7.71 -3.01
N VAL C 256 39.00 7.46 -2.99
CA VAL C 256 39.88 7.66 -1.79
C VAL C 256 40.63 8.98 -2.04
N LEU C 257 40.34 10.00 -1.22
CA LEU C 257 41.05 11.30 -1.23
C LEU C 257 42.04 11.27 -0.07
N MET C 258 43.17 12.00 -0.18
CA MET C 258 44.14 12.21 0.94
C MET C 258 44.76 13.59 0.79
N THR C 259 45.36 14.15 1.85
CA THR C 259 46.36 15.24 1.70
C THR C 259 47.54 14.67 0.90
N ALA C 260 48.31 15.49 0.20
CA ALA C 260 49.48 15.01 -0.57
C ALA C 260 50.49 14.43 0.42
N GLU C 261 50.68 15.09 1.56
CA GLU C 261 51.68 14.67 2.57
C GLU C 261 51.33 13.23 2.95
N GLU C 262 50.04 12.92 3.06
CA GLU C 262 49.57 11.62 3.56
C GLU C 262 49.78 10.56 2.48
N ALA C 263 49.55 10.89 1.20
CA ALA C 263 49.90 10.01 0.05
C ALA C 263 51.38 9.64 0.12
N GLN C 264 52.26 10.64 -0.02
CA GLN C 264 53.75 10.57 0.02
C GLN C 264 54.25 9.82 1.27
N ARG C 265 53.72 10.16 2.46
CA ARG C 265 54.02 9.45 3.74
C ARG C 265 53.73 7.94 3.63
N ARG C 266 52.72 7.55 2.83
CA ARG C 266 52.39 6.11 2.58
C ARG C 266 53.17 5.52 1.41
N GLY C 267 53.95 6.33 0.70
CA GLY C 267 54.70 5.96 -0.53
C GLY C 267 53.78 5.74 -1.72
N LEU C 268 52.62 6.41 -1.76
CA LEU C 268 51.59 6.23 -2.82
C LEU C 268 51.79 7.28 -3.92
N LYS C 269 51.68 6.87 -5.17
CA LYS C 269 51.57 7.80 -6.32
C LYS C 269 50.08 7.96 -6.62
N PRO C 270 49.50 9.13 -6.30
CA PRO C 270 48.08 9.37 -6.54
C PRO C 270 47.77 9.66 -8.01
N LEU C 271 46.50 9.52 -8.43
CA LEU C 271 46.09 9.67 -9.85
C LEU C 271 46.16 11.16 -10.21
N ALA C 272 45.54 12.00 -9.37
CA ALA C 272 45.25 13.40 -9.72
C ALA C 272 45.32 14.29 -8.47
N ARG C 273 45.70 15.55 -8.61
CA ARG C 273 45.42 16.57 -7.56
C ARG C 273 44.13 17.26 -7.95
N ILE C 274 43.33 17.65 -6.94
CA ILE C 274 42.18 18.58 -7.09
C ILE C 274 42.73 20.01 -7.04
N VAL C 275 42.44 20.82 -8.06
CA VAL C 275 42.98 22.19 -8.23
C VAL C 275 42.00 23.12 -7.51
N GLY C 276 40.71 22.96 -7.79
CA GLY C 276 39.62 23.61 -7.05
C GLY C 276 38.29 22.93 -7.28
N HIS C 277 37.27 23.38 -6.55
CA HIS C 277 35.83 23.08 -6.82
C HIS C 277 35.05 24.39 -6.74
N ALA C 278 33.81 24.37 -7.24
CA ALA C 278 32.89 25.53 -7.30
C ALA C 278 31.43 25.09 -7.40
N THR C 279 30.57 25.99 -6.99
CA THR C 279 29.12 25.76 -6.83
C THR C 279 28.42 26.97 -7.43
N GLN C 280 27.41 26.75 -8.26
CA GLN C 280 26.48 27.81 -8.73
C GLN C 280 25.05 27.40 -8.36
N SER C 281 24.29 28.33 -7.76
CA SER C 281 22.91 28.17 -7.28
C SER C 281 22.03 29.27 -7.89
N GLN C 282 20.93 28.91 -8.56
CA GLN C 282 20.01 29.86 -9.24
C GLN C 282 18.61 29.26 -9.27
N ASP C 283 17.64 29.93 -9.90
CA ASP C 283 16.22 29.54 -9.83
C ASP C 283 16.11 28.09 -10.31
N PRO C 284 15.36 27.22 -9.60
CA PRO C 284 15.11 25.84 -10.03
C PRO C 284 14.71 25.63 -11.50
N SER C 285 13.85 26.51 -12.00
CA SER C 285 13.51 26.56 -13.45
C SER C 285 14.79 26.53 -14.31
N GLU C 286 15.92 27.10 -13.87
CA GLU C 286 17.16 27.28 -14.69
C GLU C 286 18.23 26.20 -14.44
N PHE C 287 17.93 25.08 -13.77
CA PHE C 287 18.98 24.13 -13.28
C PHE C 287 19.89 23.69 -14.46
N THR C 288 19.34 23.49 -15.67
CA THR C 288 20.13 22.93 -16.82
C THR C 288 21.23 23.92 -17.25
N LEU C 289 21.18 25.18 -16.78
CA LEU C 289 22.09 26.29 -17.20
C LEU C 289 23.19 26.55 -16.16
N ALA C 290 22.95 26.15 -14.91
CA ALA C 290 23.84 26.32 -13.74
C ALA C 290 25.28 25.84 -14.01
N PRO C 291 25.56 24.75 -14.78
CA PRO C 291 26.95 24.32 -15.00
C PRO C 291 27.80 25.42 -15.66
N ILE C 292 27.21 26.16 -16.60
CA ILE C 292 27.85 27.36 -17.25
C ILE C 292 28.39 28.22 -16.11
N GLY C 293 27.47 28.64 -15.23
CA GLY C 293 27.79 29.36 -13.98
C GLY C 293 28.79 28.62 -13.10
N ALA C 294 28.48 27.37 -12.73
CA ALA C 294 29.44 26.50 -12.02
C ALA C 294 30.83 26.72 -12.59
N MET C 295 30.98 26.57 -13.92
CA MET C 295 32.32 26.44 -14.53
C MET C 295 32.97 27.83 -14.66
N THR C 296 32.21 28.91 -14.90
CA THR C 296 32.81 30.28 -14.91
C THR C 296 33.34 30.62 -13.50
N ASN C 297 32.67 30.17 -12.43
CA ASN C 297 33.19 30.33 -11.04
C ASN C 297 34.48 29.53 -10.89
N LEU C 298 34.54 28.32 -11.44
CA LEU C 298 35.70 27.45 -11.20
C LEU C 298 36.90 28.10 -11.92
N PHE C 299 36.73 28.53 -13.19
CA PHE C 299 37.78 29.25 -13.97
C PHE C 299 38.34 30.43 -13.20
N ALA C 300 37.48 31.28 -12.61
CA ALA C 300 37.87 32.49 -11.85
C ALA C 300 38.64 32.08 -10.59
N ARG C 301 38.08 31.17 -9.78
CA ARG C 301 38.78 30.69 -8.56
C ARG C 301 40.13 30.10 -8.97
N THR C 302 40.17 29.21 -9.97
CA THR C 302 41.34 28.35 -10.26
C THR C 302 42.54 29.17 -10.80
N GLY C 303 42.27 30.11 -11.72
CA GLY C 303 43.26 30.76 -12.61
C GLY C 303 43.09 30.27 -14.03
N TRP C 304 42.52 29.07 -14.16
CA TRP C 304 42.31 28.36 -15.45
C TRP C 304 41.35 29.13 -16.33
N SER C 305 41.50 29.00 -17.65
CA SER C 305 40.50 29.39 -18.68
C SER C 305 40.18 28.14 -19.49
N LYS C 306 39.21 28.26 -20.42
CA LYS C 306 38.80 27.13 -21.31
C LYS C 306 40.01 26.59 -22.11
N ASP C 307 41.04 27.40 -22.35
CA ASP C 307 42.23 27.00 -23.15
C ASP C 307 43.10 26.01 -22.37
N ASP C 308 43.07 26.07 -21.04
CA ASP C 308 43.98 25.30 -20.15
C ASP C 308 43.49 23.85 -20.00
N VAL C 309 42.24 23.60 -20.36
CA VAL C 309 41.55 22.31 -20.05
C VAL C 309 41.69 21.36 -21.26
N ASP C 310 42.16 20.14 -21.02
CA ASP C 310 42.28 19.12 -22.09
C ASP C 310 40.97 18.32 -22.22
N LEU C 311 40.39 17.85 -21.13
CA LEU C 311 39.11 17.09 -21.20
C LEU C 311 38.09 17.67 -20.21
N PHE C 312 36.81 17.59 -20.58
CA PHE C 312 35.67 17.93 -19.71
C PHE C 312 34.75 16.73 -19.61
N GLU C 313 34.19 16.57 -18.43
CA GLU C 313 32.98 15.76 -18.17
C GLU C 313 31.90 16.75 -17.73
N ILE C 314 30.99 17.02 -18.64
CA ILE C 314 29.74 17.79 -18.35
C ILE C 314 28.63 16.76 -18.51
N ASN C 315 27.94 16.47 -17.42
CA ASN C 315 27.01 15.33 -17.35
C ASN C 315 25.81 15.56 -18.28
N GLU C 316 25.33 14.52 -18.95
CA GLU C 316 24.27 14.59 -20.00
C GLU C 316 22.88 14.31 -19.40
N ALA C 317 22.57 14.86 -18.22
CA ALA C 317 21.23 14.79 -17.58
C ALA C 317 20.17 14.89 -18.69
N PHE C 318 20.32 15.89 -19.55
CA PHE C 318 19.62 16.02 -20.85
C PHE C 318 20.66 16.44 -21.87
N ALA C 319 20.64 15.82 -23.04
CA ALA C 319 21.52 16.19 -24.17
C ALA C 319 21.71 17.71 -24.15
N MET C 320 20.62 18.47 -23.96
CA MET C 320 20.65 19.95 -24.04
C MET C 320 21.55 20.54 -22.96
N VAL C 321 21.70 19.92 -21.79
CA VAL C 321 22.59 20.47 -20.72
C VAL C 321 24.04 20.60 -21.24
N THR C 322 24.59 19.54 -21.83
CA THR C 322 25.99 19.51 -22.32
C THR C 322 26.17 20.52 -23.46
N MET C 323 25.29 20.45 -24.47
CA MET C 323 25.28 21.32 -25.68
C MET C 323 25.26 22.82 -25.32
N LEU C 324 24.43 23.25 -24.37
CA LEU C 324 24.31 24.69 -24.02
C LEU C 324 25.56 25.11 -23.24
N ALA C 325 26.10 24.23 -22.41
CA ALA C 325 27.35 24.47 -21.67
C ALA C 325 28.50 24.68 -22.67
N MET C 326 28.68 23.75 -23.63
CA MET C 326 29.64 23.83 -24.76
C MET C 326 29.46 25.15 -25.51
N ARG C 327 28.28 25.36 -26.06
CA ARG C 327 27.93 26.63 -26.77
C ARG C 327 28.33 27.84 -25.92
N GLU C 328 27.75 28.01 -24.75
CA GLU C 328 27.96 29.27 -23.99
C GLU C 328 29.45 29.45 -23.67
N HIS C 329 30.25 28.36 -23.53
CA HIS C 329 31.68 28.38 -23.10
C HIS C 329 32.63 28.08 -24.27
N GLY C 330 32.10 27.97 -25.49
CA GLY C 330 32.84 27.70 -26.73
C GLY C 330 33.74 26.48 -26.61
N LEU C 331 33.21 25.29 -26.34
CA LEU C 331 33.98 24.02 -26.25
C LEU C 331 33.73 23.17 -27.49
N ASP C 332 34.66 22.30 -27.82
CA ASP C 332 34.50 21.29 -28.91
C ASP C 332 33.96 20.00 -28.27
N HIS C 333 32.96 19.37 -28.90
CA HIS C 333 32.45 18.00 -28.59
C HIS C 333 33.62 16.99 -28.64
N ALA C 334 34.73 17.35 -29.30
CA ALA C 334 35.95 16.53 -29.38
C ALA C 334 36.55 16.34 -27.99
N LYS C 335 36.41 17.33 -27.11
CA LYS C 335 37.07 17.38 -25.77
C LYS C 335 36.10 16.98 -24.64
N VAL C 336 34.82 16.75 -24.93
CA VAL C 336 33.72 16.78 -23.92
C VAL C 336 33.01 15.43 -23.93
N ASN C 337 33.02 14.70 -22.81
CA ASN C 337 32.34 13.39 -22.69
C ASN C 337 32.88 12.45 -23.77
N VAL C 338 34.21 12.31 -23.82
CA VAL C 338 34.93 11.53 -24.87
C VAL C 338 34.47 10.06 -24.91
N TYR C 339 34.01 9.50 -23.80
CA TYR C 339 33.55 8.08 -23.76
C TYR C 339 32.02 8.03 -23.66
N GLY C 340 31.33 9.05 -24.17
CA GLY C 340 29.88 9.21 -23.98
C GLY C 340 29.56 9.56 -22.54
N GLY C 341 28.32 9.34 -22.14
CA GLY C 341 27.73 9.84 -20.89
C GLY C 341 26.28 9.41 -20.70
N ALA C 342 25.59 10.08 -19.78
CA ALA C 342 24.30 9.64 -19.18
C ALA C 342 23.19 9.37 -20.21
N CYS C 343 23.18 10.04 -21.37
CA CYS C 343 22.14 9.82 -22.42
C CYS C 343 22.18 8.37 -22.90
N ALA C 344 23.39 7.88 -23.11
CA ALA C 344 23.70 6.47 -23.46
C ALA C 344 23.59 5.55 -22.24
N GLN C 345 24.11 5.94 -21.08
CA GLN C 345 24.38 4.98 -19.97
C GLN C 345 23.35 5.07 -18.84
N GLY C 346 22.63 6.19 -18.74
CA GLY C 346 21.75 6.51 -17.61
C GLY C 346 22.44 7.34 -16.53
N HIS C 347 21.65 7.76 -15.55
CA HIS C 347 21.98 8.75 -14.49
C HIS C 347 21.47 8.19 -13.17
N PRO C 348 22.29 7.46 -12.37
CA PRO C 348 21.95 7.17 -10.98
C PRO C 348 22.31 8.41 -10.14
N VAL C 349 21.28 9.19 -9.80
CA VAL C 349 21.41 10.62 -9.39
C VAL C 349 22.45 10.77 -8.26
N GLY C 350 22.40 9.88 -7.27
CA GLY C 350 23.33 9.92 -6.13
C GLY C 350 24.77 9.80 -6.56
N SER C 351 25.06 9.01 -7.60
CA SER C 351 26.42 8.50 -7.94
C SER C 351 27.09 9.33 -9.06
N THR C 352 26.32 9.83 -10.02
CA THR C 352 26.85 10.44 -11.27
C THR C 352 27.89 11.50 -10.94
N GLY C 353 27.71 12.27 -9.86
CA GLY C 353 28.56 13.43 -9.48
C GLY C 353 30.00 13.04 -9.22
N SER C 354 30.23 11.90 -8.55
CA SER C 354 31.58 11.31 -8.36
C SER C 354 31.93 10.40 -9.54
N ARG C 355 30.94 9.79 -10.19
CA ARG C 355 31.22 8.87 -11.32
C ARG C 355 31.94 9.70 -12.42
N ILE C 356 31.39 10.84 -12.82
CA ILE C 356 32.00 11.61 -13.94
C ILE C 356 33.43 12.01 -13.55
N ILE C 357 33.83 11.96 -12.26
CA ILE C 357 35.17 12.43 -11.81
C ILE C 357 36.16 11.29 -12.10
N LEU C 358 35.77 10.03 -11.88
CA LEU C 358 36.60 8.85 -12.26
C LEU C 358 36.80 8.85 -13.77
N THR C 359 35.69 8.87 -14.50
CA THR C 359 35.67 8.81 -15.99
C THR C 359 36.65 9.84 -16.55
N LEU C 360 36.63 11.07 -16.01
CA LEU C 360 37.50 12.19 -16.46
C LEU C 360 38.96 11.78 -16.29
N ILE C 361 39.28 11.21 -15.13
CA ILE C 361 40.67 10.78 -14.82
C ILE C 361 41.09 9.72 -15.86
N ASN C 362 40.28 8.68 -16.00
CA ASN C 362 40.63 7.47 -16.80
C ASN C 362 40.95 7.95 -18.22
N ALA C 363 40.11 8.82 -18.78
CA ALA C 363 40.26 9.37 -20.16
C ALA C 363 41.49 10.28 -20.21
N LEU C 364 41.70 11.17 -19.23
CA LEU C 364 42.95 11.98 -19.22
C LEU C 364 44.09 10.96 -19.32
N ARG C 365 44.07 9.88 -18.53
CA ARG C 365 45.18 8.88 -18.50
C ARG C 365 45.35 8.19 -19.87
N GLN C 366 44.26 7.85 -20.57
CA GLN C 366 44.30 6.97 -21.76
C GLN C 366 44.40 7.76 -23.06
N LYS C 367 43.97 9.02 -23.06
CA LYS C 367 43.95 9.92 -24.25
C LYS C 367 45.15 10.89 -24.23
N GLY C 368 45.83 11.04 -23.09
CA GLY C 368 47.12 11.72 -22.96
C GLY C 368 47.02 13.18 -22.52
N GLY C 369 45.93 13.59 -21.86
CA GLY C 369 45.82 14.95 -21.30
C GLY C 369 46.45 15.05 -19.92
N LYS C 370 46.55 16.27 -19.35
CA LYS C 370 46.81 16.45 -17.90
C LYS C 370 45.67 17.22 -17.17
N ARG C 371 45.04 18.22 -17.79
CA ARG C 371 44.01 19.04 -17.09
C ARG C 371 42.57 18.68 -17.53
N GLY C 372 41.67 18.61 -16.56
CA GLY C 372 40.24 18.33 -16.79
C GLY C 372 39.33 19.13 -15.85
N VAL C 373 38.09 19.34 -16.30
CA VAL C 373 36.96 19.92 -15.52
C VAL C 373 35.78 18.93 -15.60
N ALA C 374 35.25 18.47 -14.45
CA ALA C 374 33.97 17.71 -14.38
C ALA C 374 32.88 18.62 -13.81
N SER C 375 31.65 18.55 -14.31
CA SER C 375 30.53 19.46 -13.92
C SER C 375 29.18 18.79 -14.19
N LEU C 376 28.20 19.04 -13.30
CA LEU C 376 26.80 18.62 -13.56
C LEU C 376 25.77 19.54 -12.87
N CYS C 377 24.63 19.57 -13.53
CA CYS C 377 23.46 20.37 -13.14
C CYS C 377 22.76 19.57 -12.07
N ILE C 378 21.92 20.22 -11.29
CA ILE C 378 21.41 19.72 -9.98
C ILE C 378 19.99 20.27 -9.80
N GLY C 379 19.01 19.37 -9.74
CA GLY C 379 17.62 19.71 -9.40
C GLY C 379 17.55 20.69 -8.26
N GLY C 380 16.72 21.71 -8.41
CA GLY C 380 16.62 22.81 -7.45
C GLY C 380 17.41 24.03 -7.89
N GLY C 381 18.06 23.93 -9.06
CA GLY C 381 18.69 25.07 -9.78
C GLY C 381 20.17 25.23 -9.52
N GLU C 382 20.92 24.14 -9.31
CA GLU C 382 22.35 24.31 -8.97
C GLU C 382 23.26 23.43 -9.88
N ALA C 383 24.56 23.51 -9.63
CA ALA C 383 25.62 22.80 -10.37
C ALA C 383 26.92 22.92 -9.57
N THR C 384 27.70 21.84 -9.63
CA THR C 384 29.04 21.73 -9.03
C THR C 384 30.04 21.48 -10.16
N ALA C 385 31.29 21.87 -9.95
CA ALA C 385 32.39 21.71 -10.93
C ALA C 385 33.68 21.49 -10.15
N VAL C 386 34.51 20.57 -10.64
CA VAL C 386 35.82 20.22 -10.02
C VAL C 386 36.86 20.36 -11.13
N ALA C 387 38.00 20.93 -10.76
CA ALA C 387 39.21 21.08 -11.60
C ALA C 387 40.26 20.13 -11.05
N LEU C 388 40.95 19.50 -11.98
CA LEU C 388 41.71 18.25 -11.76
C LEU C 388 42.94 18.25 -12.71
N GLU C 389 44.10 17.87 -12.16
CA GLU C 389 45.40 17.69 -12.88
C GLU C 389 45.91 16.25 -12.65
N LEU C 390 46.31 15.52 -13.69
CA LEU C 390 47.05 14.24 -13.47
C LEU C 390 48.42 14.56 -12.88
N LEU C 391 48.98 13.61 -12.13
CA LEU C 391 50.37 13.62 -11.59
C LEU C 391 51.11 12.37 -12.11
N SER D 2 42.09 30.14 10.99
CA SER D 2 40.91 31.08 11.13
C SER D 2 40.02 30.62 12.30
N ASP D 3 39.68 31.50 13.23
CA ASP D 3 38.72 31.17 14.32
C ASP D 3 37.32 31.09 13.69
N ILE D 4 36.52 30.15 14.16
CA ILE D 4 35.15 29.87 13.65
C ILE D 4 34.14 30.17 14.76
N VAL D 5 33.13 30.98 14.45
CA VAL D 5 32.19 31.56 15.43
C VAL D 5 30.74 31.28 15.03
N ILE D 6 29.93 31.09 16.07
CA ILE D 6 28.44 30.99 16.05
C ILE D 6 27.99 32.38 16.42
N VAL D 7 27.45 33.09 15.44
CA VAL D 7 26.98 34.49 15.56
C VAL D 7 25.62 34.45 16.26
N ALA D 8 24.71 33.58 15.81
CA ALA D 8 23.33 33.51 16.34
C ALA D 8 22.69 32.19 15.97
N GLY D 9 21.58 31.85 16.64
CA GLY D 9 20.90 30.56 16.45
C GLY D 9 19.48 30.64 16.93
N ALA D 10 18.61 29.78 16.40
CA ALA D 10 17.18 29.73 16.82
C ALA D 10 16.65 28.31 16.72
N ARG D 11 15.72 27.93 17.60
CA ARG D 11 15.13 26.56 17.62
C ARG D 11 13.62 26.69 17.80
N THR D 12 12.85 25.85 17.14
CA THR D 12 11.39 25.80 17.35
C THR D 12 11.16 25.18 18.72
N PRO D 13 9.98 25.37 19.34
CA PRO D 13 9.56 24.48 20.41
C PRO D 13 9.75 23.05 19.90
N MET D 14 9.86 22.10 20.81
CA MET D 14 9.72 20.67 20.43
C MET D 14 8.26 20.27 20.65
N GLY D 15 7.66 19.68 19.62
CA GLY D 15 6.29 19.11 19.66
C GLY D 15 6.34 17.63 19.95
N GLY D 16 5.34 17.07 20.64
CA GLY D 16 5.17 15.61 20.80
C GLY D 16 4.63 14.93 19.54
N PHE D 17 4.63 13.59 19.52
CA PHE D 17 4.19 12.75 18.36
C PHE D 17 2.73 13.11 18.11
N GLN D 18 2.43 13.68 16.93
CA GLN D 18 1.10 14.18 16.47
C GLN D 18 0.59 15.22 17.47
N GLY D 19 1.48 16.09 17.95
CA GLY D 19 1.15 17.12 18.96
C GLY D 19 0.97 18.51 18.35
N SER D 20 1.56 19.52 18.99
CA SER D 20 1.39 20.97 18.72
C SER D 20 1.86 21.36 17.31
N LEU D 21 2.88 20.69 16.77
CA LEU D 21 3.52 21.06 15.48
C LEU D 21 3.18 20.00 14.41
N ALA D 22 2.26 19.08 14.69
CA ALA D 22 1.78 18.05 13.74
C ALA D 22 1.35 18.67 12.41
N GLY D 23 0.72 19.86 12.43
CA GLY D 23 0.25 20.61 11.26
C GLY D 23 1.36 21.29 10.45
N VAL D 24 2.64 21.06 10.80
CA VAL D 24 3.80 21.74 10.14
C VAL D 24 4.83 20.71 9.67
N SER D 25 5.27 20.88 8.44
CA SER D 25 6.21 19.96 7.75
C SER D 25 7.59 20.19 8.35
N ALA D 26 8.50 19.22 8.26
CA ALA D 26 9.93 19.36 8.62
C ALA D 26 10.48 20.64 7.97
N VAL D 27 10.24 20.79 6.66
CA VAL D 27 10.70 21.88 5.77
C VAL D 27 10.29 23.25 6.36
N ASP D 28 9.04 23.37 6.77
CA ASP D 28 8.49 24.62 7.35
C ASP D 28 9.13 24.84 8.73
N LEU D 29 9.36 23.81 9.52
CA LEU D 29 10.05 23.97 10.84
C LEU D 29 11.48 24.46 10.57
N GLY D 30 12.16 23.89 9.57
CA GLY D 30 13.52 24.34 9.18
C GLY D 30 13.50 25.80 8.78
N ALA D 31 12.49 26.21 8.03
CA ALA D 31 12.34 27.59 7.51
C ALA D 31 12.12 28.55 8.70
N VAL D 32 11.21 28.26 9.64
CA VAL D 32 10.99 29.22 10.76
C VAL D 32 12.36 29.46 11.43
N ALA D 33 13.08 28.38 11.72
CA ALA D 33 14.34 28.39 12.47
C ALA D 33 15.40 29.11 11.66
N ILE D 34 15.48 28.81 10.37
CA ILE D 34 16.54 29.41 9.52
C ILE D 34 16.31 30.90 9.51
N ARG D 35 15.07 31.36 9.25
CA ARG D 35 14.77 32.79 9.04
C ARG D 35 15.16 33.55 10.30
N GLU D 36 14.93 32.94 11.48
CA GLU D 36 15.09 33.63 12.80
C GLU D 36 16.57 33.71 13.15
N ALA D 37 17.34 32.65 12.94
CA ALA D 37 18.81 32.66 13.07
C ALA D 37 19.39 33.83 12.26
N VAL D 38 19.05 33.90 10.96
CA VAL D 38 19.60 34.90 10.02
C VAL D 38 19.32 36.31 10.56
N GLN D 39 18.05 36.55 10.91
CA GLN D 39 17.53 37.75 11.64
C GLN D 39 18.40 38.06 12.86
N ARG D 40 18.61 37.07 13.71
CA ARG D 40 19.33 37.25 14.99
C ARG D 40 20.81 37.56 14.72
N ALA D 41 21.39 37.01 13.65
CA ALA D 41 22.81 37.24 13.28
C ALA D 41 23.01 38.69 12.85
N GLY D 42 21.95 39.39 12.44
CA GLY D 42 22.02 40.81 12.05
C GLY D 42 22.59 40.98 10.66
N ILE D 43 22.40 39.98 9.81
CA ILE D 43 22.74 40.03 8.37
C ILE D 43 21.41 39.97 7.60
N ALA D 44 21.52 40.11 6.29
CA ALA D 44 20.45 39.90 5.31
C ALA D 44 20.51 38.45 4.80
N ALA D 45 19.39 37.93 4.30
CA ALA D 45 19.28 36.59 3.66
C ALA D 45 20.34 36.42 2.53
N GLU D 46 20.53 37.43 1.67
CA GLU D 46 21.47 37.35 0.51
C GLU D 46 22.89 37.05 1.01
N ASP D 47 23.18 37.33 2.29
CA ASP D 47 24.53 37.19 2.90
C ASP D 47 24.89 35.71 3.13
N VAL D 48 23.93 34.78 3.18
CA VAL D 48 24.18 33.34 3.49
C VAL D 48 24.59 32.66 2.17
N GLN D 49 25.83 32.16 2.11
CA GLN D 49 26.48 31.59 0.90
C GLN D 49 26.11 30.11 0.75
N GLU D 50 25.89 29.43 1.86
CA GLU D 50 25.70 27.96 1.87
C GLU D 50 24.89 27.59 3.11
N VAL D 51 24.06 26.57 2.92
CA VAL D 51 23.18 25.93 3.92
C VAL D 51 23.44 24.41 3.91
N ILE D 52 23.63 23.84 5.10
CA ILE D 52 23.61 22.38 5.38
C ILE D 52 22.60 22.12 6.48
N MET D 53 21.58 21.27 6.24
CA MET D 53 20.55 20.91 7.27
C MET D 53 20.43 19.39 7.41
N GLY D 54 20.46 18.93 8.67
CA GLY D 54 20.15 17.57 9.17
C GLY D 54 18.68 17.18 8.94
N CYS D 55 18.47 15.95 8.47
CA CYS D 55 17.14 15.39 8.15
C CYS D 55 17.32 13.89 7.91
N VAL D 56 16.83 13.13 8.86
CA VAL D 56 16.93 11.65 8.89
C VAL D 56 15.79 11.03 8.07
N LEU D 57 14.62 11.66 8.06
CA LEU D 57 13.45 11.08 7.36
C LEU D 57 12.90 12.01 6.31
N PRO D 58 13.47 11.97 5.09
CA PRO D 58 13.08 12.89 4.03
C PRO D 58 11.88 12.40 3.18
N ALA D 59 11.43 11.15 3.36
CA ALA D 59 10.28 10.59 2.60
C ALA D 59 9.10 11.54 2.74
N GLY D 60 8.57 12.03 1.61
CA GLY D 60 7.32 12.79 1.59
C GLY D 60 7.56 14.27 1.59
N LEU D 61 8.80 14.72 1.79
CA LEU D 61 9.14 16.14 1.97
C LEU D 61 9.34 16.82 0.63
N LYS D 62 9.33 16.05 -0.47
CA LYS D 62 9.63 16.55 -1.84
C LYS D 62 11.12 16.93 -1.95
N GLN D 63 11.56 17.34 -3.15
CA GLN D 63 12.98 17.43 -3.61
C GLN D 63 13.78 18.42 -2.74
N GLY D 64 14.97 17.99 -2.30
CA GLY D 64 15.92 18.87 -1.60
C GLY D 64 15.25 19.55 -0.38
N PRO D 65 15.05 18.79 0.72
CA PRO D 65 14.59 19.37 1.98
C PRO D 65 15.32 20.66 2.42
N ALA D 66 16.63 20.64 2.53
CA ALA D 66 17.44 21.81 2.92
C ALA D 66 17.15 22.97 1.96
N ARG D 67 17.06 22.69 0.66
CA ARG D 67 16.81 23.71 -0.40
C ARG D 67 15.45 24.35 -0.12
N GLN D 68 14.40 23.55 0.09
CA GLN D 68 13.03 24.08 0.36
C GLN D 68 13.06 24.96 1.61
N ALA D 69 13.72 24.49 2.67
CA ALA D 69 13.87 25.27 3.92
C ALA D 69 14.58 26.60 3.65
N ALA D 70 15.75 26.61 2.99
CA ALA D 70 16.46 27.90 2.78
C ALA D 70 15.48 28.85 2.08
N LEU D 71 14.92 28.44 0.94
CA LEU D 71 14.10 29.35 0.11
C LEU D 71 12.86 29.83 0.91
N ALA D 72 12.22 28.99 1.72
CA ALA D 72 10.98 29.38 2.46
C ALA D 72 11.39 30.27 3.64
N ALA D 73 12.63 30.13 4.10
CA ALA D 73 13.30 31.03 5.06
C ALA D 73 13.46 32.42 4.47
N GLY D 74 13.42 32.58 3.14
CA GLY D 74 13.63 33.86 2.43
C GLY D 74 15.07 34.05 2.02
N LEU D 75 15.84 32.96 1.92
CA LEU D 75 17.23 32.92 1.38
C LEU D 75 17.15 32.88 -0.15
N PRO D 76 18.02 33.57 -0.92
CA PRO D 76 17.84 33.65 -2.37
C PRO D 76 18.18 32.28 -2.98
N ALA D 77 17.82 32.06 -4.23
CA ALA D 77 18.21 30.90 -5.05
C ALA D 77 19.74 30.81 -5.16
N ALA D 78 20.47 31.90 -4.91
CA ALA D 78 21.94 31.98 -5.00
C ALA D 78 22.63 31.24 -3.84
N THR D 79 22.02 31.14 -2.67
CA THR D 79 22.57 30.33 -1.54
C THR D 79 22.52 28.83 -1.87
N GLY D 80 23.66 28.13 -1.91
CA GLY D 80 23.61 26.68 -2.24
C GLY D 80 23.21 25.86 -1.03
N CYS D 81 22.58 24.69 -1.22
CA CYS D 81 21.94 23.87 -0.14
C CYS D 81 22.18 22.36 -0.33
N THR D 82 22.49 21.71 0.79
CA THR D 82 22.63 20.23 0.94
C THR D 82 21.82 19.74 2.14
N THR D 83 21.18 18.59 2.00
CA THR D 83 20.61 17.82 3.12
C THR D 83 21.60 16.72 3.52
N ILE D 84 21.82 16.53 4.82
CA ILE D 84 22.69 15.42 5.31
C ILE D 84 21.95 14.51 6.30
N ASN D 85 22.48 13.31 6.44
CA ASN D 85 21.97 12.26 7.35
C ASN D 85 23.13 11.54 8.04
N LYS D 86 23.38 11.90 9.30
CA LYS D 86 24.21 11.12 10.26
C LYS D 86 23.31 10.82 11.47
N LEU D 87 22.09 10.40 11.15
CA LEU D 87 21.02 9.94 12.09
C LEU D 87 20.80 10.98 13.19
N CYS D 88 20.74 10.57 14.44
CA CYS D 88 20.53 11.48 15.59
C CYS D 88 21.67 12.51 15.69
N GLY D 89 22.79 12.32 14.96
CA GLY D 89 23.94 13.24 14.98
C GLY D 89 23.85 14.35 13.94
N SER D 90 22.81 14.37 13.13
CA SER D 90 22.77 15.10 11.84
C SER D 90 23.03 16.62 12.06
N GLY D 91 22.27 17.21 12.97
CA GLY D 91 22.36 18.66 13.30
C GLY D 91 23.74 19.03 13.81
N MET D 92 24.38 18.15 14.57
CA MET D 92 25.74 18.45 15.08
C MET D 92 26.69 18.29 13.89
N LYS D 93 26.47 17.26 13.05
CA LYS D 93 27.33 17.07 11.85
C LYS D 93 27.16 18.24 10.87
N ALA D 94 25.96 18.76 10.67
CA ALA D 94 25.81 19.95 9.80
C ALA D 94 26.70 21.09 10.34
N VAL D 95 26.82 21.26 11.65
CA VAL D 95 27.58 22.40 12.24
C VAL D 95 29.07 22.12 12.07
N MET D 96 29.45 20.87 12.16
CA MET D 96 30.84 20.36 11.97
C MET D 96 31.30 20.53 10.50
N LEU D 97 30.42 20.27 9.55
CA LEU D 97 30.75 20.41 8.11
C LEU D 97 30.96 21.89 7.81
N ALA D 98 30.04 22.74 8.26
CA ALA D 98 30.10 24.22 8.09
C ALA D 98 31.35 24.79 8.78
N HIS D 99 31.60 24.44 10.06
CA HIS D 99 32.92 24.67 10.71
C HIS D 99 34.08 24.40 9.71
N ASP D 100 34.19 23.17 9.17
CA ASP D 100 35.37 22.72 8.38
C ASP D 100 35.42 23.45 7.05
N LEU D 101 34.25 23.72 6.45
CA LEU D 101 34.17 24.49 5.18
C LEU D 101 34.70 25.94 5.40
N LEU D 102 34.40 26.55 6.55
CA LEU D 102 34.89 27.91 6.89
C LEU D 102 36.42 27.83 7.02
N LYS D 103 36.94 26.83 7.72
CA LYS D 103 38.39 26.66 7.95
C LYS D 103 39.11 26.46 6.61
N ALA D 104 38.50 25.72 5.68
CA ALA D 104 39.00 25.45 4.31
C ALA D 104 38.95 26.70 3.42
N GLY D 105 38.14 27.71 3.78
CA GLY D 105 38.01 28.99 3.07
C GLY D 105 37.08 28.90 1.89
N THR D 106 36.08 28.02 1.93
CA THR D 106 35.06 27.82 0.85
C THR D 106 33.96 28.87 0.97
N ASN D 107 33.64 29.30 2.20
CA ASN D 107 32.62 30.34 2.47
C ASN D 107 33.08 31.18 3.65
N GLN D 108 32.33 32.24 3.94
CA GLN D 108 32.56 33.13 5.11
C GLN D 108 31.29 33.14 5.97
N VAL D 109 30.13 32.87 5.36
CA VAL D 109 28.81 32.88 6.04
C VAL D 109 28.08 31.60 5.66
N MET D 110 27.69 30.81 6.65
CA MET D 110 26.85 29.61 6.44
C MET D 110 25.76 29.53 7.51
N VAL D 111 24.61 28.98 7.15
CA VAL D 111 23.63 28.42 8.12
C VAL D 111 23.83 26.89 8.17
N ALA D 112 23.97 26.32 9.39
CA ALA D 112 23.87 24.87 9.67
C ALA D 112 22.87 24.58 10.80
N GLY D 113 22.17 23.44 10.71
CA GLY D 113 21.24 22.93 11.72
C GLY D 113 20.53 21.68 11.26
N GLY D 114 19.27 21.51 11.62
CA GLY D 114 18.54 20.29 11.28
C GLY D 114 17.08 20.49 11.53
N MET D 115 16.26 19.54 11.08
CA MET D 115 14.78 19.68 11.04
C MET D 115 14.15 18.30 10.93
N GLU D 116 13.20 17.98 11.80
CA GLU D 116 12.49 16.68 11.80
C GLU D 116 11.01 16.91 12.11
N SER D 117 10.15 16.42 11.23
CA SER D 117 8.75 16.12 11.53
C SER D 117 8.57 14.61 11.59
N MET D 118 8.73 14.03 12.76
CA MET D 118 8.47 12.58 12.96
C MET D 118 6.97 12.24 12.80
N SER D 119 6.07 13.12 13.27
CA SER D 119 4.58 13.05 13.07
C SER D 119 4.20 12.82 11.60
N ASN D 120 4.89 13.49 10.68
CA ASN D 120 4.55 13.50 9.23
C ASN D 120 5.46 12.57 8.41
N ALA D 121 6.25 11.72 9.06
CA ALA D 121 6.95 10.62 8.36
C ALA D 121 5.88 9.71 7.77
N PRO D 122 5.86 9.51 6.44
CA PRO D 122 4.83 8.69 5.81
C PRO D 122 5.14 7.19 5.97
N TYR D 123 4.30 6.33 5.41
CA TYR D 123 4.54 4.85 5.30
C TYR D 123 5.16 4.51 3.93
N VAL D 124 5.87 3.39 3.89
CA VAL D 124 6.71 2.96 2.74
C VAL D 124 6.24 1.58 2.28
N LEU D 125 6.05 1.40 0.98
CA LEU D 125 5.67 0.10 0.36
C LEU D 125 6.84 -0.36 -0.51
N GLU D 126 7.47 -1.49 -0.18
CA GLU D 126 8.85 -1.84 -0.63
C GLU D 126 8.84 -2.37 -2.06
N LYS D 127 8.05 -3.42 -2.37
CA LYS D 127 8.24 -4.19 -3.64
C LYS D 127 7.10 -3.93 -4.63
N ALA D 128 6.13 -3.08 -4.23
CA ALA D 128 5.05 -2.50 -5.07
C ALA D 128 5.53 -2.15 -6.49
N ARG D 129 6.73 -1.58 -6.62
CA ARG D 129 7.18 -1.00 -7.91
C ARG D 129 7.33 -2.16 -8.90
N SER D 130 8.02 -3.19 -8.46
CA SER D 130 8.37 -4.36 -9.29
C SER D 130 7.20 -5.34 -9.25
N GLY D 131 6.38 -5.30 -8.20
CA GLY D 131 5.22 -6.19 -8.03
C GLY D 131 5.41 -7.19 -6.91
N LEU D 132 4.42 -7.27 -6.01
CA LEU D 132 4.43 -8.17 -4.84
C LEU D 132 4.16 -9.62 -5.30
N ARG D 133 3.51 -9.81 -6.46
CA ARG D 133 3.33 -11.09 -7.23
C ARG D 133 2.31 -12.00 -6.53
N MET D 134 2.61 -12.46 -5.30
CA MET D 134 1.75 -13.38 -4.53
C MET D 134 2.17 -13.34 -3.06
N GLY D 135 1.23 -13.49 -2.13
CA GLY D 135 1.55 -13.54 -0.70
C GLY D 135 1.56 -12.16 -0.08
N HIS D 136 1.43 -12.12 1.24
CA HIS D 136 1.30 -10.87 2.06
C HIS D 136 2.65 -10.16 2.11
N GLY D 137 2.63 -8.91 2.53
CA GLY D 137 3.80 -8.05 2.53
C GLY D 137 3.68 -7.12 3.68
N GLU D 138 4.70 -6.32 3.88
CA GLU D 138 4.75 -5.37 5.02
C GLU D 138 4.53 -4.00 4.39
N ILE D 139 3.96 -3.08 5.16
CA ILE D 139 4.06 -1.64 4.83
C ILE D 139 4.79 -1.04 6.04
N LYS D 140 5.96 -0.47 5.77
CA LYS D 140 6.94 -0.06 6.78
C LYS D 140 6.70 1.37 7.23
N ASP D 141 6.73 1.59 8.54
CA ASP D 141 6.84 2.91 9.19
C ASP D 141 8.22 3.49 8.85
N HIS D 142 8.28 4.57 8.07
CA HIS D 142 9.56 5.10 7.52
C HIS D 142 10.47 5.48 8.69
N MET D 143 9.86 6.14 9.67
CA MET D 143 10.44 6.57 10.96
C MET D 143 11.12 5.37 11.61
N PHE D 144 10.48 4.20 11.61
CA PHE D 144 11.05 2.97 12.24
C PHE D 144 12.13 2.46 11.32
N LEU D 145 11.77 2.20 10.06
CA LEU D 145 12.70 1.50 9.13
C LEU D 145 13.94 2.34 8.86
N ASP D 146 13.76 3.63 8.57
CA ASP D 146 14.88 4.48 8.08
C ASP D 146 15.48 5.31 9.23
N GLY D 147 14.89 5.29 10.42
CA GLY D 147 15.30 6.16 11.54
C GLY D 147 15.77 5.42 12.79
N LEU D 148 14.99 4.50 13.34
CA LEU D 148 15.16 4.04 14.75
C LEU D 148 15.65 2.60 14.85
N GLU D 149 15.48 1.78 13.80
CA GLU D 149 15.78 0.33 13.89
C GLU D 149 17.21 0.12 13.40
N ASP D 150 18.00 -0.70 14.09
CA ASP D 150 19.26 -1.26 13.53
C ASP D 150 18.98 -1.85 12.13
N ALA D 151 19.91 -1.69 11.21
CA ALA D 151 19.70 -2.07 9.80
C ALA D 151 19.84 -3.58 9.71
N ARG D 152 20.91 -4.06 10.33
CA ARG D 152 21.38 -5.45 10.14
C ARG D 152 20.48 -6.37 10.96
N THR D 153 19.89 -5.92 12.08
CA THR D 153 19.12 -6.78 13.02
C THR D 153 17.62 -6.49 13.00
N GLY D 154 17.14 -5.31 12.57
CA GLY D 154 15.72 -4.90 12.66
C GLY D 154 15.36 -4.41 14.06
N ARG D 155 16.33 -4.46 14.99
CA ARG D 155 16.12 -4.18 16.42
C ARG D 155 15.99 -2.66 16.62
N LEU D 156 15.04 -2.20 17.42
CA LEU D 156 14.95 -0.76 17.79
C LEU D 156 16.21 -0.45 18.59
N MET D 157 16.74 0.77 18.45
CA MET D 157 17.90 1.26 19.25
C MET D 157 17.59 1.08 20.75
N GLY D 158 16.34 1.32 21.19
CA GLY D 158 15.94 1.10 22.59
C GLY D 158 16.25 -0.29 23.10
N SER D 159 16.21 -1.30 22.23
CA SER D 159 16.49 -2.73 22.58
C SER D 159 17.96 -2.87 22.89
N PHE D 160 18.82 -2.23 22.08
CA PHE D 160 20.28 -2.11 22.34
C PHE D 160 20.56 -1.37 23.64
N ALA D 161 19.76 -0.34 23.96
CA ALA D 161 19.96 0.51 25.16
C ALA D 161 19.61 -0.31 26.41
N GLN D 162 18.56 -1.14 26.34
CA GLN D 162 18.13 -2.08 27.43
C GLN D 162 19.27 -3.07 27.73
N GLU D 163 19.78 -3.76 26.70
CA GLU D 163 20.97 -4.64 26.82
C GLU D 163 22.08 -3.90 27.58
N THR D 164 22.64 -2.83 27.00
CA THR D 164 23.79 -2.06 27.54
C THR D 164 23.57 -1.76 29.04
N ALA D 165 22.35 -1.37 29.42
CA ALA D 165 21.95 -0.91 30.78
C ALA D 165 21.93 -2.10 31.75
N ASP D 166 21.44 -3.26 31.30
CA ASP D 166 21.55 -4.55 32.03
C ASP D 166 23.04 -4.81 32.28
N LYS D 167 23.84 -4.82 31.21
CA LYS D 167 25.30 -5.11 31.25
C LYS D 167 26.03 -4.14 32.18
N TYR D 168 25.52 -2.92 32.44
CA TYR D 168 26.27 -1.92 33.25
C TYR D 168 25.58 -1.76 34.60
N GLY D 169 24.57 -2.57 34.88
CA GLY D 169 23.90 -2.60 36.20
C GLY D 169 23.13 -1.32 36.51
N VAL D 170 22.67 -0.60 35.49
CA VAL D 170 21.79 0.58 35.69
C VAL D 170 20.36 0.07 35.86
N THR D 171 19.74 0.48 36.97
CA THR D 171 18.44 -0.03 37.46
C THR D 171 17.30 0.93 37.08
N ARG D 172 16.08 0.42 37.17
CA ARG D 172 14.85 1.16 36.84
C ARG D 172 14.76 2.43 37.70
N GLU D 173 15.04 2.33 39.00
CA GLU D 173 14.86 3.48 39.93
C GLU D 173 15.94 4.52 39.65
N GLU D 174 17.11 4.10 39.19
CA GLU D 174 18.23 4.99 38.80
C GLU D 174 17.79 5.81 37.58
N MET D 175 17.27 5.11 36.58
CA MET D 175 16.92 5.75 35.27
C MET D 175 15.76 6.73 35.50
N ASP D 176 14.77 6.31 36.30
CA ASP D 176 13.57 7.11 36.65
C ASP D 176 13.97 8.33 37.48
N ALA D 177 14.97 8.21 38.38
CA ALA D 177 15.46 9.38 39.17
C ALA D 177 16.08 10.42 38.24
N TYR D 178 16.89 10.00 37.27
CA TYR D 178 17.46 10.93 36.26
C TYR D 178 16.30 11.61 35.55
N ALA D 179 15.25 10.85 35.23
CA ALA D 179 14.11 11.30 34.38
C ALA D 179 13.23 12.32 35.09
N ILE D 180 12.94 12.13 36.39
CA ILE D 180 12.14 13.05 37.24
C ILE D 180 12.93 14.38 37.40
N GLU D 181 14.25 14.32 37.66
CA GLU D 181 15.10 15.54 37.80
C GLU D 181 15.06 16.34 36.48
N SER D 182 15.43 15.73 35.33
CA SER D 182 15.36 16.32 33.96
C SER D 182 14.01 17.01 33.71
N LEU D 183 12.92 16.42 34.16
CA LEU D 183 11.54 16.91 33.96
C LEU D 183 11.40 18.20 34.76
N LYS D 184 11.77 18.19 36.03
CA LYS D 184 11.64 19.37 36.93
C LYS D 184 12.47 20.53 36.40
N ARG D 185 13.65 20.23 35.87
CA ARG D 185 14.54 21.24 35.22
C ARG D 185 13.84 21.88 34.03
N ALA D 186 13.20 21.07 33.16
CA ALA D 186 12.50 21.52 31.93
C ALA D 186 11.28 22.37 32.30
N GLN D 187 10.40 21.86 33.17
CA GLN D 187 9.20 22.58 33.69
C GLN D 187 9.65 23.92 34.31
N ALA D 188 10.60 23.89 35.25
CA ALA D 188 11.16 25.09 35.91
C ALA D 188 11.63 26.09 34.87
N ALA D 189 12.44 25.63 33.92
CA ALA D 189 13.01 26.42 32.81
C ALA D 189 11.90 27.01 31.91
N ILE D 190 10.80 26.28 31.70
CA ILE D 190 9.66 26.81 30.89
C ILE D 190 9.03 27.96 31.66
N ALA D 191 8.71 27.72 32.94
CA ALA D 191 8.04 28.66 33.88
C ALA D 191 8.96 29.86 34.14
N ASP D 192 10.25 29.63 34.35
CA ASP D 192 11.33 30.63 34.54
C ASP D 192 11.39 31.69 33.44
N GLY D 193 11.06 31.30 32.20
CA GLY D 193 11.40 32.04 30.98
C GLY D 193 12.87 31.84 30.58
N SER D 194 13.50 30.76 31.08
CA SER D 194 14.93 30.37 30.84
C SER D 194 15.19 30.11 29.35
N LEU D 195 14.18 29.67 28.60
CA LEU D 195 14.35 29.16 27.21
C LEU D 195 13.65 30.08 26.20
N ALA D 196 13.22 31.27 26.60
CA ALA D 196 12.60 32.25 25.67
C ALA D 196 13.64 32.79 24.68
N ALA D 197 14.89 32.97 25.11
CA ALA D 197 16.02 33.45 24.27
C ALA D 197 16.50 32.43 23.20
N GLU D 198 16.28 31.13 23.34
CA GLU D 198 16.75 30.20 22.27
C GLU D 198 15.59 29.90 21.31
N ILE D 199 14.36 30.00 21.79
CA ILE D 199 13.17 29.54 21.02
C ILE D 199 12.71 30.66 20.08
N VAL D 200 12.30 30.29 18.88
CA VAL D 200 11.44 31.15 18.01
C VAL D 200 10.09 30.49 17.95
N PRO D 201 8.99 31.20 18.28
CA PRO D 201 7.67 30.60 18.19
C PRO D 201 7.30 30.08 16.79
N VAL D 202 6.35 29.15 16.72
CA VAL D 202 5.72 28.70 15.45
C VAL D 202 4.19 28.93 15.46
N THR D 203 3.64 29.61 14.43
CA THR D 203 2.17 29.73 14.19
C THR D 203 1.71 28.52 13.41
N VAL D 204 0.69 27.80 13.87
CA VAL D 204 0.01 26.72 13.09
C VAL D 204 -1.32 27.29 12.59
N GLY D 209 -8.11 27.57 14.67
CA GLY D 209 -7.60 28.94 14.46
C GLY D 209 -6.07 28.97 14.34
N GLU D 210 -5.50 30.15 14.09
CA GLU D 210 -4.03 30.39 14.20
C GLU D 210 -3.68 30.59 15.69
N SER D 211 -3.16 29.52 16.29
CA SER D 211 -2.53 29.50 17.63
C SER D 211 -1.00 29.46 17.50
N VAL D 212 -0.32 30.36 18.22
CA VAL D 212 1.16 30.41 18.39
C VAL D 212 1.60 29.31 19.38
N VAL D 213 2.60 28.52 18.98
CA VAL D 213 3.30 27.54 19.86
C VAL D 213 4.65 28.14 20.26
N LYS D 214 4.86 28.36 21.56
CA LYS D 214 6.04 29.08 22.10
C LYS D 214 6.82 28.17 23.04
N ASP D 215 6.15 27.20 23.68
CA ASP D 215 6.75 26.35 24.75
C ASP D 215 6.87 24.92 24.21
N ASP D 216 7.90 24.21 24.67
CA ASP D 216 8.03 22.73 24.63
C ASP D 216 6.78 22.16 25.31
N GLU D 217 6.02 21.29 24.66
CA GLU D 217 4.75 20.81 25.23
C GLU D 217 5.00 19.59 26.12
N GLN D 218 5.92 18.70 25.74
CA GLN D 218 6.03 17.38 26.43
C GLN D 218 6.33 17.60 27.91
N PRO D 219 7.24 18.50 28.31
CA PRO D 219 7.53 18.69 29.73
C PRO D 219 6.28 19.03 30.53
N LEU D 220 5.39 19.83 29.93
CA LEU D 220 4.12 20.35 30.52
C LEU D 220 3.09 19.20 30.62
N THR D 221 3.07 18.27 29.67
CA THR D 221 2.03 17.20 29.58
C THR D 221 2.42 15.96 30.39
N ALA D 222 3.69 15.87 30.80
CA ALA D 222 4.24 14.65 31.41
C ALA D 222 3.69 14.52 32.83
N ASN D 223 3.38 13.29 33.25
CA ASN D 223 2.84 12.95 34.58
C ASN D 223 4.01 12.53 35.50
N LEU D 224 4.66 13.49 36.19
CA LEU D 224 5.85 13.24 37.05
C LEU D 224 5.55 12.10 38.01
N GLU D 225 4.39 12.18 38.66
CA GLU D 225 3.76 11.13 39.54
C GLU D 225 4.01 9.72 38.99
N LYS D 226 3.59 9.42 37.76
CA LYS D 226 3.39 8.02 37.27
C LYS D 226 4.65 7.44 36.60
N ILE D 227 5.77 8.18 36.55
CA ILE D 227 7.02 7.72 35.86
C ILE D 227 7.41 6.31 36.32
N PRO D 228 7.43 6.03 37.64
CA PRO D 228 7.76 4.69 38.14
C PRO D 228 6.65 3.63 37.98
N SER D 229 5.50 3.95 37.37
CA SER D 229 4.33 3.05 37.23
C SER D 229 4.28 2.43 35.84
N LEU D 230 4.75 3.18 34.84
CA LEU D 230 4.61 2.91 33.39
C LEU D 230 5.27 1.58 33.09
N ARG D 231 4.81 0.91 32.02
CA ARG D 231 5.34 -0.40 31.58
C ARG D 231 6.68 -0.22 30.88
N PRO D 232 7.59 -1.23 30.92
CA PRO D 232 8.83 -1.19 30.14
C PRO D 232 8.54 -1.17 28.64
N ALA D 233 9.45 -0.58 27.85
CA ALA D 233 9.22 -0.19 26.45
C ALA D 233 9.63 -1.32 25.52
N PHE D 234 10.79 -1.92 25.78
CA PHE D 234 11.56 -2.70 24.77
C PHE D 234 11.72 -4.16 25.18
N ARG D 235 11.21 -4.53 26.36
CA ARG D 235 11.26 -5.91 26.92
C ARG D 235 10.24 -5.95 28.07
N LYS D 236 9.30 -6.92 28.07
CA LYS D 236 8.17 -7.01 29.04
C LYS D 236 8.64 -6.86 30.51
N ASP D 237 9.87 -7.29 30.85
CA ASP D 237 10.44 -7.24 32.23
C ASP D 237 11.60 -6.22 32.31
N GLY D 238 11.82 -5.44 31.25
CA GLY D 238 12.91 -4.45 31.18
C GLY D 238 12.66 -3.25 32.07
N THR D 239 13.61 -2.31 32.07
CA THR D 239 13.77 -1.16 33.01
C THR D 239 13.58 0.16 32.26
N ILE D 240 13.71 0.18 30.92
CA ILE D 240 13.58 1.41 30.10
C ILE D 240 12.12 1.53 29.66
N THR D 241 11.59 2.75 29.80
CA THR D 241 10.15 3.10 29.65
C THR D 241 10.02 4.26 28.65
N ALA D 242 8.79 4.65 28.29
CA ALA D 242 8.50 5.83 27.43
C ALA D 242 9.07 7.12 28.03
N ALA D 243 9.43 7.15 29.33
CA ALA D 243 9.78 8.39 30.08
C ALA D 243 11.25 8.40 30.55
N ASN D 244 11.97 7.28 30.57
CA ASN D 244 13.44 7.34 30.81
C ASN D 244 14.17 7.08 29.48
N ALA D 245 13.42 7.05 28.39
CA ALA D 245 13.86 7.22 26.98
C ALA D 245 13.21 8.50 26.41
N SER D 246 13.91 9.18 25.50
CA SER D 246 13.38 10.38 24.79
C SER D 246 12.15 9.95 23.97
N SER D 247 11.17 10.83 23.74
CA SER D 247 9.98 10.52 22.93
C SER D 247 10.20 10.99 21.49
N ILE D 248 9.44 10.41 20.56
CA ILE D 248 9.28 10.89 19.16
C ILE D 248 8.86 12.35 19.26
N SER D 249 9.47 13.25 18.48
CA SER D 249 9.05 14.67 18.49
C SER D 249 9.34 15.35 17.14
N ASP D 250 8.91 16.59 17.05
CA ASP D 250 8.98 17.45 15.85
C ASP D 250 9.75 18.70 16.27
N GLY D 251 10.71 19.13 15.44
CA GLY D 251 11.34 20.44 15.67
C GLY D 251 12.44 20.72 14.69
N ALA D 252 12.94 21.95 14.74
CA ALA D 252 14.16 22.34 13.97
C ALA D 252 14.98 23.38 14.74
N SER D 253 16.11 23.73 14.16
CA SER D 253 17.21 24.47 14.79
C SER D 253 18.19 24.83 13.69
N ALA D 254 18.67 26.05 13.71
CA ALA D 254 19.63 26.58 12.73
C ALA D 254 20.59 27.51 13.48
N LEU D 255 21.87 27.47 13.12
CA LEU D 255 22.89 28.47 13.55
C LEU D 255 23.43 29.18 12.31
N VAL D 256 23.93 30.38 12.52
CA VAL D 256 24.75 31.16 11.57
C VAL D 256 26.21 30.99 12.01
N LEU D 257 27.06 30.45 11.13
CA LEU D 257 28.51 30.34 11.39
C LEU D 257 29.24 31.33 10.50
N MET D 258 30.34 31.91 11.02
CA MET D 258 31.29 32.73 10.22
C MET D 258 32.73 32.45 10.65
N THR D 259 33.67 32.89 9.82
CA THR D 259 35.05 33.16 10.31
C THR D 259 34.95 34.27 11.36
N ALA D 260 35.95 34.33 12.23
CA ALA D 260 36.17 35.45 13.18
C ALA D 260 36.24 36.73 12.34
N GLU D 261 37.13 36.76 11.35
CA GLU D 261 37.38 37.93 10.46
C GLU D 261 36.09 38.40 9.82
N GLU D 262 35.20 37.48 9.44
CA GLU D 262 33.99 37.86 8.67
C GLU D 262 33.05 38.58 9.63
N ALA D 263 32.88 38.09 10.87
CA ALA D 263 32.02 38.72 11.91
C ALA D 263 32.60 40.09 12.30
N GLN D 264 33.94 40.20 12.36
CA GLN D 264 34.72 41.43 12.66
C GLN D 264 34.48 42.48 11.55
N ARG D 265 34.59 42.12 10.24
CA ARG D 265 34.33 43.01 9.06
C ARG D 265 32.90 43.57 9.09
N ARG D 266 31.94 42.80 9.59
CA ARG D 266 30.50 43.16 9.64
C ARG D 266 30.18 43.87 10.96
N GLY D 267 31.18 44.03 11.84
CA GLY D 267 31.03 44.58 13.20
C GLY D 267 29.96 43.85 14.00
N LEU D 268 29.93 42.51 13.96
CA LEU D 268 28.92 41.70 14.70
C LEU D 268 29.57 41.25 16.00
N LYS D 269 28.76 40.98 17.02
CA LYS D 269 29.24 40.35 18.28
C LYS D 269 28.75 38.91 18.27
N PRO D 270 29.62 37.95 17.89
CA PRO D 270 29.27 36.53 17.98
C PRO D 270 28.99 36.12 19.45
N LEU D 271 28.20 35.06 19.62
CA LEU D 271 27.86 34.43 20.92
C LEU D 271 29.07 33.62 21.40
N ALA D 272 29.76 32.93 20.49
CA ALA D 272 30.66 31.82 20.85
C ALA D 272 31.68 31.45 19.76
N ARG D 273 32.78 30.85 20.20
CA ARG D 273 33.84 30.25 19.36
C ARG D 273 33.74 28.71 19.45
N ILE D 274 33.77 28.04 18.31
CA ILE D 274 33.95 26.57 18.26
C ILE D 274 35.44 26.27 18.41
N VAL D 275 35.82 25.79 19.58
CA VAL D 275 37.23 25.48 19.92
C VAL D 275 37.61 24.20 19.18
N GLY D 276 36.69 23.25 19.05
CA GLY D 276 36.89 22.08 18.17
C GLY D 276 35.70 21.12 18.18
N HIS D 277 35.84 20.00 17.47
CA HIS D 277 34.80 18.95 17.34
C HIS D 277 35.50 17.60 17.29
N ALA D 278 34.77 16.52 17.56
CA ALA D 278 35.29 15.15 17.33
C ALA D 278 34.15 14.18 17.12
N THR D 279 34.47 13.06 16.48
CA THR D 279 33.54 11.95 16.23
C THR D 279 34.11 10.72 16.89
N GLN D 280 33.24 9.86 17.37
CA GLN D 280 33.63 8.50 17.80
C GLN D 280 32.67 7.57 17.07
N SER D 281 33.19 6.46 16.59
CA SER D 281 32.39 5.42 15.92
C SER D 281 32.84 4.03 16.40
N GLN D 282 31.89 3.18 16.80
CA GLN D 282 32.15 1.81 17.28
C GLN D 282 30.94 0.98 16.88
N ASP D 283 30.77 -0.22 17.43
CA ASP D 283 29.69 -1.15 17.03
C ASP D 283 28.34 -0.48 17.24
N PRO D 284 27.40 -0.64 16.28
CA PRO D 284 26.02 -0.20 16.46
C PRO D 284 25.38 -0.63 17.79
N SER D 285 25.55 -1.90 18.19
CA SER D 285 24.97 -2.38 19.47
C SER D 285 25.45 -1.46 20.60
N GLU D 286 26.57 -0.76 20.44
CA GLU D 286 27.23 0.00 21.55
C GLU D 286 27.06 1.52 21.39
N PHE D 287 26.10 1.96 20.60
CA PHE D 287 25.94 3.41 20.28
C PHE D 287 25.82 4.22 21.59
N THR D 288 25.14 3.73 22.63
CA THR D 288 24.82 4.49 23.88
C THR D 288 26.13 4.94 24.56
N LEU D 289 27.24 4.27 24.28
CA LEU D 289 28.54 4.51 24.98
C LEU D 289 29.46 5.39 24.12
N ALA D 290 29.17 5.53 22.84
CA ALA D 290 29.92 6.37 21.88
C ALA D 290 30.21 7.78 22.39
N PRO D 291 29.32 8.44 23.17
CA PRO D 291 29.61 9.81 23.61
C PRO D 291 30.84 9.93 24.53
N ILE D 292 31.14 8.87 25.30
CA ILE D 292 32.35 8.75 26.18
C ILE D 292 33.59 8.88 25.31
N GLY D 293 33.71 8.00 24.30
CA GLY D 293 34.78 8.06 23.28
C GLY D 293 34.82 9.39 22.57
N ALA D 294 33.66 9.96 22.20
CA ALA D 294 33.57 11.28 21.52
C ALA D 294 34.24 12.29 22.42
N MET D 295 33.83 12.36 23.68
CA MET D 295 34.32 13.41 24.61
C MET D 295 35.81 13.21 24.93
N THR D 296 36.29 11.96 24.91
CA THR D 296 37.75 11.61 24.99
C THR D 296 38.48 12.15 23.76
N ASN D 297 37.98 11.93 22.56
CA ASN D 297 38.66 12.40 21.32
C ASN D 297 38.71 13.93 21.40
N LEU D 298 37.62 14.53 21.88
CA LEU D 298 37.48 16.00 21.95
C LEU D 298 38.47 16.61 22.95
N PHE D 299 38.74 15.99 24.11
CA PHE D 299 39.72 16.55 25.09
C PHE D 299 41.14 16.42 24.52
N ALA D 300 41.47 15.25 23.98
CA ALA D 300 42.73 15.00 23.23
C ALA D 300 42.92 16.07 22.14
N ARG D 301 41.93 16.28 21.25
CA ARG D 301 42.00 17.22 20.07
C ARG D 301 42.25 18.67 20.51
N THR D 302 41.79 19.07 21.70
CA THR D 302 41.78 20.49 22.18
C THR D 302 42.58 20.74 23.46
N GLY D 303 43.17 19.73 24.09
CA GLY D 303 43.88 19.88 25.38
C GLY D 303 42.96 20.32 26.51
N TRP D 304 41.66 20.42 26.29
CA TRP D 304 40.68 20.62 27.38
C TRP D 304 40.64 19.41 28.33
N SER D 305 40.16 19.67 29.56
CA SER D 305 39.83 18.64 30.57
C SER D 305 38.39 18.93 31.04
N LYS D 306 37.80 18.02 31.80
CA LYS D 306 36.39 18.16 32.27
C LYS D 306 36.35 19.32 33.28
N ASP D 307 37.46 19.53 33.99
CA ASP D 307 37.67 20.62 34.98
C ASP D 307 37.62 21.95 34.23
N ASP D 308 37.94 21.97 32.94
CA ASP D 308 37.82 23.18 32.08
C ASP D 308 36.35 23.50 31.73
N VAL D 309 35.43 22.55 31.90
CA VAL D 309 34.05 22.69 31.35
C VAL D 309 33.08 23.10 32.46
N ASP D 310 32.46 24.26 32.27
CA ASP D 310 31.53 24.88 33.24
C ASP D 310 30.16 24.20 33.13
N LEU D 311 29.73 23.90 31.89
CA LEU D 311 28.42 23.29 31.54
C LEU D 311 28.57 22.25 30.42
N PHE D 312 27.89 21.11 30.57
CA PHE D 312 27.72 20.10 29.50
C PHE D 312 26.25 20.10 29.06
N GLU D 313 26.01 19.89 27.76
CA GLU D 313 24.69 19.44 27.23
C GLU D 313 24.96 18.09 26.55
N ILE D 314 24.42 17.02 27.15
CA ILE D 314 24.70 15.62 26.76
C ILE D 314 23.36 14.96 26.46
N ASN D 315 23.06 14.71 25.18
CA ASN D 315 21.68 14.40 24.74
C ASN D 315 21.16 13.15 25.45
N GLU D 316 19.96 13.25 26.03
CA GLU D 316 19.31 12.20 26.85
C GLU D 316 18.50 11.26 25.96
N ALA D 317 19.00 10.81 24.80
CA ALA D 317 18.36 9.80 23.90
C ALA D 317 17.76 8.66 24.75
N PHE D 318 18.50 8.27 25.79
CA PHE D 318 18.04 7.51 26.98
C PHE D 318 18.73 8.10 28.20
N ALA D 319 18.07 8.03 29.37
CA ALA D 319 18.62 8.56 30.65
C ALA D 319 19.99 7.92 30.84
N MET D 320 20.06 6.62 30.53
CA MET D 320 21.26 5.78 30.80
C MET D 320 22.47 6.27 29.97
N VAL D 321 22.25 6.91 28.81
CA VAL D 321 23.32 7.55 27.96
C VAL D 321 23.99 8.70 28.73
N THR D 322 23.21 9.60 29.32
CA THR D 322 23.81 10.72 30.10
C THR D 322 24.35 10.24 31.44
N MET D 323 23.71 9.30 32.08
CA MET D 323 24.19 8.73 33.36
C MET D 323 25.53 7.98 33.13
N LEU D 324 25.68 7.23 32.02
CA LEU D 324 26.91 6.43 31.78
C LEU D 324 28.06 7.34 31.33
N ALA D 325 27.80 8.35 30.48
CA ALA D 325 28.81 9.35 30.10
C ALA D 325 29.25 10.17 31.34
N MET D 326 28.33 10.51 32.27
CA MET D 326 28.65 11.20 33.55
C MET D 326 29.40 10.25 34.51
N ARG D 327 29.03 8.96 34.58
CA ARG D 327 29.77 7.98 35.40
C ARG D 327 31.24 7.88 34.93
N GLU D 328 31.47 7.67 33.62
CA GLU D 328 32.80 7.31 33.06
C GLU D 328 33.72 8.54 32.93
N HIS D 329 33.21 9.78 32.87
CA HIS D 329 34.03 11.02 32.77
C HIS D 329 34.08 11.73 34.13
N GLY D 330 33.51 11.14 35.18
CA GLY D 330 33.34 11.78 36.49
C GLY D 330 32.77 13.19 36.37
N LEU D 331 31.51 13.35 35.95
CA LEU D 331 30.86 14.67 35.80
C LEU D 331 29.82 14.88 36.90
N ASP D 332 29.63 16.14 37.29
CA ASP D 332 28.55 16.60 38.21
C ASP D 332 27.26 16.77 37.40
N HIS D 333 26.16 16.23 37.89
CA HIS D 333 24.84 16.31 37.21
C HIS D 333 24.34 17.73 37.25
N ALA D 334 24.78 18.52 38.25
CA ALA D 334 24.40 19.92 38.50
C ALA D 334 24.95 20.79 37.36
N LYS D 335 25.93 20.28 36.60
CA LYS D 335 26.57 20.96 35.43
C LYS D 335 26.20 20.28 34.10
N VAL D 336 25.28 19.30 34.09
CA VAL D 336 24.88 18.59 32.84
C VAL D 336 23.37 18.80 32.61
N ASN D 337 22.99 19.26 31.40
CA ASN D 337 21.57 19.36 30.93
C ASN D 337 20.76 20.13 31.97
N VAL D 338 21.09 21.40 32.21
CA VAL D 338 20.59 22.14 33.42
C VAL D 338 19.19 22.72 33.15
N TYR D 339 18.72 22.75 31.91
CA TYR D 339 17.32 23.13 31.61
C TYR D 339 16.53 21.89 31.14
N GLY D 340 16.99 20.71 31.56
CA GLY D 340 16.39 19.42 31.23
C GLY D 340 16.95 18.95 29.91
N GLY D 341 16.25 18.02 29.25
CA GLY D 341 16.71 17.34 28.03
C GLY D 341 15.64 16.49 27.40
N ALA D 342 16.05 15.54 26.56
CA ALA D 342 15.13 14.87 25.63
C ALA D 342 14.21 13.87 26.36
N CYS D 343 14.53 13.43 27.58
CA CYS D 343 13.61 12.55 28.37
C CYS D 343 12.30 13.30 28.63
N ALA D 344 12.35 14.61 28.88
CA ALA D 344 11.16 15.46 29.13
C ALA D 344 10.61 16.10 27.83
N GLN D 345 11.48 16.47 26.90
CA GLN D 345 11.13 17.41 25.79
C GLN D 345 10.82 16.68 24.49
N GLY D 346 11.51 15.57 24.21
CA GLY D 346 11.43 14.87 22.92
C GLY D 346 12.76 14.90 22.18
N HIS D 347 12.93 14.03 21.18
CA HIS D 347 14.14 13.91 20.35
C HIS D 347 13.77 13.92 18.85
N PRO D 348 13.60 15.11 18.20
CA PRO D 348 13.43 15.19 16.74
C PRO D 348 14.78 14.96 16.06
N VAL D 349 14.98 13.74 15.56
CA VAL D 349 16.34 13.19 15.43
C VAL D 349 17.22 14.05 14.50
N GLY D 350 16.65 14.70 13.47
CA GLY D 350 17.43 15.56 12.56
C GLY D 350 17.96 16.80 13.27
N SER D 351 17.20 17.38 14.21
CA SER D 351 17.45 18.73 14.77
C SER D 351 18.26 18.70 16.08
N THR D 352 18.18 17.65 16.89
CA THR D 352 18.71 17.67 18.29
C THR D 352 20.23 18.00 18.32
N GLY D 353 21.03 17.49 17.38
CA GLY D 353 22.48 17.70 17.35
C GLY D 353 22.86 19.18 17.35
N SER D 354 22.09 20.06 16.74
CA SER D 354 22.42 21.50 16.67
C SER D 354 21.67 22.22 17.79
N ARG D 355 20.44 21.80 18.03
CA ARG D 355 19.61 22.28 19.14
C ARG D 355 20.42 22.35 20.43
N ILE D 356 21.07 21.26 20.82
CA ILE D 356 21.79 21.23 22.14
C ILE D 356 22.95 22.24 22.11
N ILE D 357 23.51 22.55 20.94
CA ILE D 357 24.61 23.56 20.83
C ILE D 357 24.01 24.93 21.22
N LEU D 358 22.85 25.28 20.65
CA LEU D 358 22.12 26.52 21.04
C LEU D 358 21.80 26.49 22.54
N THR D 359 21.20 25.41 23.04
CA THR D 359 20.78 25.31 24.46
C THR D 359 22.01 25.46 25.38
N LEU D 360 23.15 24.89 25.00
CA LEU D 360 24.42 25.02 25.76
C LEU D 360 24.85 26.49 25.84
N ILE D 361 24.81 27.21 24.74
CA ILE D 361 25.18 28.65 24.69
C ILE D 361 24.19 29.43 25.56
N ASN D 362 22.89 29.18 25.44
CA ASN D 362 21.86 29.91 26.23
C ASN D 362 22.20 29.77 27.73
N ALA D 363 22.36 28.55 28.23
CA ALA D 363 22.59 28.26 29.66
C ALA D 363 23.95 28.81 30.11
N LEU D 364 24.99 28.78 29.29
CA LEU D 364 26.30 29.39 29.62
C LEU D 364 26.14 30.90 29.88
N ARG D 365 25.33 31.56 29.05
CA ARG D 365 25.08 33.02 29.10
C ARG D 365 24.25 33.32 30.34
N GLN D 366 23.17 32.56 30.55
CA GLN D 366 22.19 32.86 31.62
C GLN D 366 22.83 32.42 32.93
N LYS D 367 23.48 31.27 32.98
CA LYS D 367 24.10 30.75 34.23
C LYS D 367 25.52 31.32 34.38
N GLY D 368 26.11 31.90 33.34
CA GLY D 368 27.35 32.71 33.46
C GLY D 368 28.64 31.88 33.46
N GLY D 369 28.63 30.64 32.97
CA GLY D 369 29.90 29.96 32.62
C GLY D 369 30.52 30.59 31.38
N LYS D 370 31.49 29.91 30.78
CA LYS D 370 32.26 30.37 29.58
C LYS D 370 32.56 29.21 28.61
N ARG D 371 32.90 28.03 29.13
CA ARG D 371 33.38 26.84 28.35
C ARG D 371 32.31 25.72 28.41
N GLY D 372 31.93 25.17 27.26
CA GLY D 372 30.85 24.20 27.16
C GLY D 372 31.21 23.04 26.25
N VAL D 373 30.69 21.86 26.57
CA VAL D 373 30.78 20.69 25.65
C VAL D 373 29.35 20.22 25.37
N ALA D 374 29.08 19.98 24.09
CA ALA D 374 27.85 19.33 23.60
C ALA D 374 28.24 18.00 22.94
N SER D 375 27.53 16.94 23.28
CA SER D 375 27.74 15.60 22.70
C SER D 375 26.41 14.87 22.64
N LEU D 376 26.24 13.93 21.69
CA LEU D 376 25.05 13.04 21.61
C LEU D 376 25.38 11.76 20.86
N CYS D 377 24.67 10.69 21.22
CA CYS D 377 24.85 9.34 20.62
C CYS D 377 24.13 9.32 19.26
N ILE D 378 24.52 8.38 18.41
CA ILE D 378 24.03 8.25 17.00
C ILE D 378 23.78 6.78 16.61
N GLY D 379 22.56 6.45 16.15
CA GLY D 379 22.25 5.19 15.48
C GLY D 379 23.37 4.76 14.56
N GLY D 380 23.77 3.50 14.63
CA GLY D 380 24.92 2.99 13.87
C GLY D 380 26.22 2.93 14.70
N GLY D 381 26.22 3.40 15.94
CA GLY D 381 27.34 3.20 16.90
C GLY D 381 28.22 4.44 17.02
N GLU D 382 27.65 5.61 16.81
CA GLU D 382 28.50 6.81 16.69
C GLU D 382 28.07 7.81 17.76
N ALA D 383 28.89 8.83 17.94
CA ALA D 383 28.58 10.03 18.69
C ALA D 383 29.49 11.13 18.14
N THR D 384 29.01 12.37 18.23
CA THR D 384 29.69 13.61 17.85
C THR D 384 29.76 14.49 19.09
N ALA D 385 30.75 15.38 19.12
CA ALA D 385 31.11 16.23 20.27
C ALA D 385 31.63 17.57 19.75
N VAL D 386 31.20 18.67 20.37
CA VAL D 386 31.66 20.04 20.02
C VAL D 386 31.96 20.80 21.32
N ALA D 387 33.20 21.36 21.41
CA ALA D 387 33.69 22.27 22.47
C ALA D 387 33.45 23.73 22.06
N LEU D 388 32.73 24.53 22.86
CA LEU D 388 32.61 25.97 22.53
C LEU D 388 32.94 26.87 23.74
N GLU D 389 33.23 28.13 23.45
CA GLU D 389 33.60 29.19 24.43
C GLU D 389 32.84 30.46 24.03
N LEU D 390 32.10 31.04 24.97
CA LEU D 390 31.41 32.35 24.82
C LEU D 390 32.47 33.42 24.57
N LEU D 391 32.21 34.36 23.67
CA LEU D 391 33.00 35.61 23.48
C LEU D 391 32.24 36.77 24.15
C1 GOL E . 13.09 21.74 -6.05
O1 GOL E . 12.53 20.45 -5.89
C2 GOL E . 12.86 22.56 -4.82
O2 GOL E . 14.06 22.63 -4.04
C3 GOL E . 12.29 23.92 -5.17
O3 GOL E . 10.99 23.84 -5.75
#